data_5WXG
# 
_entry.id   5WXG 
# 
_audit_conform.dict_name       mmcif_pdbx.dic 
_audit_conform.dict_version    5.398 
_audit_conform.dict_location   http://mmcif.pdb.org/dictionaries/ascii/mmcif_pdbx.dic 
# 
loop_
_database_2.database_id 
_database_2.database_code 
_database_2.pdbx_database_accession 
_database_2.pdbx_DOI 
PDB   5WXG         pdb_00005wxg 10.2210/pdb5wxg/pdb 
WWPDB D_1300002545 ?            ?                   
# 
loop_
_pdbx_audit_revision_history.ordinal 
_pdbx_audit_revision_history.data_content_type 
_pdbx_audit_revision_history.major_revision 
_pdbx_audit_revision_history.minor_revision 
_pdbx_audit_revision_history.revision_date 
1 'Structure model' 1 0 2017-08-16 
2 'Structure model' 1 1 2017-08-30 
3 'Structure model' 1 2 2017-09-13 
4 'Structure model' 1 3 2024-11-20 
# 
_pdbx_audit_revision_details.ordinal             1 
_pdbx_audit_revision_details.revision_ordinal    1 
_pdbx_audit_revision_details.data_content_type   'Structure model' 
_pdbx_audit_revision_details.provider            repository 
_pdbx_audit_revision_details.type                'Initial release' 
_pdbx_audit_revision_details.description         ? 
_pdbx_audit_revision_details.details             ? 
# 
loop_
_pdbx_audit_revision_group.ordinal 
_pdbx_audit_revision_group.revision_ordinal 
_pdbx_audit_revision_group.data_content_type 
_pdbx_audit_revision_group.group 
1 2 'Structure model' 'Data collection'      
2 3 'Structure model' 'Database references'  
3 4 'Structure model' 'Data collection'      
4 4 'Structure model' 'Database references'  
5 4 'Structure model' 'Derived calculations' 
6 4 'Structure model' 'Structure summary'    
# 
loop_
_pdbx_audit_revision_category.ordinal 
_pdbx_audit_revision_category.revision_ordinal 
_pdbx_audit_revision_category.data_content_type 
_pdbx_audit_revision_category.category 
1  2 'Structure model' diffrn_detector           
2  3 'Structure model' citation                  
3  4 'Structure model' chem_comp_atom            
4  4 'Structure model' chem_comp_bond            
5  4 'Structure model' database_2                
6  4 'Structure model' pdbx_entry_details        
7  4 'Structure model' pdbx_modification_feature 
8  4 'Structure model' pdbx_struct_conn_angle    
9  4 'Structure model' struct_conn               
10 4 'Structure model' struct_conn_type          
# 
loop_
_pdbx_audit_revision_item.ordinal 
_pdbx_audit_revision_item.revision_ordinal 
_pdbx_audit_revision_item.data_content_type 
_pdbx_audit_revision_item.item 
1  2 'Structure model' '_diffrn_detector.detector'                 
2  3 'Structure model' '_citation.journal_abbrev'                  
3  3 'Structure model' '_citation.journal_volume'                  
4  3 'Structure model' '_citation.page_first'                      
5  3 'Structure model' '_citation.page_last'                       
6  3 'Structure model' '_citation.pdbx_database_id_PubMed'         
7  3 'Structure model' '_citation.title'                           
8  4 'Structure model' '_database_2.pdbx_DOI'                      
9  4 'Structure model' '_database_2.pdbx_database_accession'       
10 4 'Structure model' '_pdbx_struct_conn_angle.ptnr1_auth_seq_id' 
11 4 'Structure model' '_pdbx_struct_conn_angle.ptnr1_symmetry'    
12 4 'Structure model' '_pdbx_struct_conn_angle.ptnr3_auth_seq_id' 
13 4 'Structure model' '_pdbx_struct_conn_angle.ptnr3_symmetry'    
14 4 'Structure model' '_pdbx_struct_conn_angle.value'             
15 4 'Structure model' '_struct_conn.conn_type_id'                 
16 4 'Structure model' '_struct_conn.id'                           
17 4 'Structure model' '_struct_conn.pdbx_dist_value'              
18 4 'Structure model' '_struct_conn.pdbx_leaving_atom_flag'       
19 4 'Structure model' '_struct_conn.ptnr1_auth_asym_id'           
20 4 'Structure model' '_struct_conn.ptnr1_auth_comp_id'           
21 4 'Structure model' '_struct_conn.ptnr1_auth_seq_id'            
22 4 'Structure model' '_struct_conn.ptnr1_label_asym_id'          
23 4 'Structure model' '_struct_conn.ptnr1_label_atom_id'          
24 4 'Structure model' '_struct_conn.ptnr1_label_comp_id'          
25 4 'Structure model' '_struct_conn.ptnr1_label_seq_id'           
26 4 'Structure model' '_struct_conn.ptnr2_auth_asym_id'           
27 4 'Structure model' '_struct_conn.ptnr2_auth_comp_id'           
28 4 'Structure model' '_struct_conn.ptnr2_auth_seq_id'            
29 4 'Structure model' '_struct_conn.ptnr2_label_asym_id'          
30 4 'Structure model' '_struct_conn.ptnr2_label_atom_id'          
31 4 'Structure model' '_struct_conn.ptnr2_label_comp_id'          
32 4 'Structure model' '_struct_conn.ptnr2_label_seq_id'           
33 4 'Structure model' '_struct_conn.ptnr2_symmetry'               
34 4 'Structure model' '_struct_conn_type.id'                      
# 
_pdbx_database_status.status_code                     REL 
_pdbx_database_status.status_code_sf                  REL 
_pdbx_database_status.status_code_mr                  ? 
_pdbx_database_status.entry_id                        5WXG 
_pdbx_database_status.recvd_initial_deposition_date   2017-01-07 
_pdbx_database_status.SG_entry                        N 
_pdbx_database_status.deposit_site                    PDBJ 
_pdbx_database_status.process_site                    PDBJ 
_pdbx_database_status.status_code_cs                  ? 
_pdbx_database_status.methods_development_category    ? 
_pdbx_database_status.pdb_format_compatible           Y 
_pdbx_database_status.status_code_nmr_data            ? 
# 
loop_
_audit_author.name 
_audit_author.pdbx_ordinal 
_audit_author.identifier_ORCID 
'Zhao, S.' 1 ? 
'Li, H.'   2 ? 
# 
_citation.abstract                  ? 
_citation.abstract_id_CAS           ? 
_citation.book_id_ISBN              ? 
_citation.book_publisher            ? 
_citation.book_publisher_city       ? 
_citation.book_title                ? 
_citation.coordinate_linkage        ? 
_citation.country                   US 
_citation.database_id_Medline       ? 
_citation.details                   ? 
_citation.id                        primary 
_citation.journal_abbrev            'Proc. Natl. Acad. Sci. U.S.A.' 
_citation.journal_id_ASTM           PNASA6 
_citation.journal_id_CSD            0040 
_citation.journal_id_ISSN           1091-6490 
_citation.journal_full              ? 
_citation.journal_issue             ? 
_citation.journal_volume            114 
_citation.language                  ? 
_citation.page_first                E7245 
_citation.page_last                 E7254 
_citation.title                     
;Kinetic and high-throughput profiling of epigenetic interactions by 3D-carbene chip-based surface plasmon resonance imaging technology
;
_citation.year                      2017 
_citation.database_id_CSD           ? 
_citation.pdbx_database_id_DOI      10.1073/pnas.1704155114 
_citation.pdbx_database_id_PubMed   28808021 
_citation.unpublished_flag          ? 
# 
loop_
_citation_author.citation_id 
_citation_author.name 
_citation_author.ordinal 
_citation_author.identifier_ORCID 
primary 'Zhao, S.'  1  ? 
primary 'Yang, M.'  2  ? 
primary 'Zhou, W.'  3  ? 
primary 'Zhang, B.' 4  ? 
primary 'Cheng, Z.' 5  ? 
primary 'Huang, J.' 6  ? 
primary 'Zhang, M.' 7  ? 
primary 'Wang, Z.'  8  ? 
primary 'Wang, R.'  9  ? 
primary 'Chen, Z.'  10 ? 
primary 'Zhu, J.'   11 ? 
primary 'Li, H.'    12 ? 
# 
loop_
_entity.id 
_entity.type 
_entity.src_method 
_entity.pdbx_description 
_entity.formula_weight 
_entity.pdbx_number_of_molecules 
_entity.pdbx_ec 
_entity.pdbx_mutation 
_entity.pdbx_fragment 
_entity.details 
1 polymer     man 'Transcription initiation factor TFIID subunit 3' 7290.298 1  ? ? 'UNP residues 853-915' ? 
2 polymer     syn 'Histone H3K4ac'                                  817.910  1  ? ? ?                      ? 
3 non-polymer syn 'ZINC ION'                                        65.409   2  ? ? ?                      ? 
4 non-polymer syn 'MAGNESIUM ION'                                   24.305   1  ? ? ?                      ? 
5 water       nat water                                             18.015   68 ? ? ?                      ? 
# 
_entity_name_com.entity_id   1 
_entity_name_com.name        
;140 kDa TATA box-binding protein-associated factor,TBP-associated factor 3,Transcription initiation factor TFIID 140 kDa subunit,TAFII140
;
# 
loop_
_entity_poly.entity_id 
_entity_poly.type 
_entity_poly.nstd_linkage 
_entity_poly.nstd_monomer 
_entity_poly.pdbx_seq_one_letter_code 
_entity_poly.pdbx_seq_one_letter_code_can 
_entity_poly.pdbx_strand_id 
_entity_poly.pdbx_target_identifier 
1 'polypeptide(L)' no no  SMYVIRDEWGNQIWICPGCNKPDDGSPMIGCDDCDDWYHWPCVGIMTAPPEEMQWFCPKCANK 
SMYVIRDEWGNQIWICPGCNKPDDGSPMIGCDDCDDWYHWPCVGIMTAPPEEMQWFCPKCANK A ? 
2 'polypeptide(L)' no yes 'ART(ALY)QTA'                                                   ARTKQTA P ? 
# 
loop_
_pdbx_entity_nonpoly.entity_id 
_pdbx_entity_nonpoly.name 
_pdbx_entity_nonpoly.comp_id 
3 'ZINC ION'      ZN  
4 'MAGNESIUM ION' MG  
5 water           HOH 
# 
loop_
_entity_poly_seq.entity_id 
_entity_poly_seq.num 
_entity_poly_seq.mon_id 
_entity_poly_seq.hetero 
1 1  SER n 
1 2  MET n 
1 3  TYR n 
1 4  VAL n 
1 5  ILE n 
1 6  ARG n 
1 7  ASP n 
1 8  GLU n 
1 9  TRP n 
1 10 GLY n 
1 11 ASN n 
1 12 GLN n 
1 13 ILE n 
1 14 TRP n 
1 15 ILE n 
1 16 CYS n 
1 17 PRO n 
1 18 GLY n 
1 19 CYS n 
1 20 ASN n 
1 21 LYS n 
1 22 PRO n 
1 23 ASP n 
1 24 ASP n 
1 25 GLY n 
1 26 SER n 
1 27 PRO n 
1 28 MET n 
1 29 ILE n 
1 30 GLY n 
1 31 CYS n 
1 32 ASP n 
1 33 ASP n 
1 34 CYS n 
1 35 ASP n 
1 36 ASP n 
1 37 TRP n 
1 38 TYR n 
1 39 HIS n 
1 40 TRP n 
1 41 PRO n 
1 42 CYS n 
1 43 VAL n 
1 44 GLY n 
1 45 ILE n 
1 46 MET n 
1 47 THR n 
1 48 ALA n 
1 49 PRO n 
1 50 PRO n 
1 51 GLU n 
1 52 GLU n 
1 53 MET n 
1 54 GLN n 
1 55 TRP n 
1 56 PHE n 
1 57 CYS n 
1 58 PRO n 
1 59 LYS n 
1 60 CYS n 
1 61 ALA n 
1 62 ASN n 
1 63 LYS n 
2 1  ALA n 
2 2  ARG n 
2 3  THR n 
2 4  ALY n 
2 5  GLN n 
2 6  THR n 
2 7  ALA n 
# 
_entity_src_gen.entity_id                          1 
_entity_src_gen.pdbx_src_id                        1 
_entity_src_gen.pdbx_alt_source_flag               sample 
_entity_src_gen.pdbx_seq_type                      'Biological sequence' 
_entity_src_gen.pdbx_beg_seq_num                   1 
_entity_src_gen.pdbx_end_seq_num                   63 
_entity_src_gen.gene_src_common_name               Human 
_entity_src_gen.gene_src_genus                     ? 
_entity_src_gen.pdbx_gene_src_gene                 TAF3 
_entity_src_gen.gene_src_species                   ? 
_entity_src_gen.gene_src_strain                    ? 
_entity_src_gen.gene_src_tissue                    ? 
_entity_src_gen.gene_src_tissue_fraction           ? 
_entity_src_gen.gene_src_details                   ? 
_entity_src_gen.pdbx_gene_src_fragment             ? 
_entity_src_gen.pdbx_gene_src_scientific_name      'Homo sapiens' 
_entity_src_gen.pdbx_gene_src_ncbi_taxonomy_id     9606 
_entity_src_gen.pdbx_gene_src_variant              ? 
_entity_src_gen.pdbx_gene_src_cell_line            ? 
_entity_src_gen.pdbx_gene_src_atcc                 ? 
_entity_src_gen.pdbx_gene_src_organ                ? 
_entity_src_gen.pdbx_gene_src_organelle            ? 
_entity_src_gen.pdbx_gene_src_cell                 ? 
_entity_src_gen.pdbx_gene_src_cellular_location    ? 
_entity_src_gen.host_org_common_name               ? 
_entity_src_gen.pdbx_host_org_scientific_name      'Escherichia coli' 
_entity_src_gen.pdbx_host_org_ncbi_taxonomy_id     562 
_entity_src_gen.host_org_genus                     ? 
_entity_src_gen.pdbx_host_org_gene                 ? 
_entity_src_gen.pdbx_host_org_organ                ? 
_entity_src_gen.host_org_species                   ? 
_entity_src_gen.pdbx_host_org_tissue               ? 
_entity_src_gen.pdbx_host_org_tissue_fraction      ? 
_entity_src_gen.pdbx_host_org_strain               ? 
_entity_src_gen.pdbx_host_org_variant              ? 
_entity_src_gen.pdbx_host_org_cell_line            ? 
_entity_src_gen.pdbx_host_org_atcc                 ? 
_entity_src_gen.pdbx_host_org_culture_collection   ? 
_entity_src_gen.pdbx_host_org_cell                 ? 
_entity_src_gen.pdbx_host_org_organelle            ? 
_entity_src_gen.pdbx_host_org_cellular_location    ? 
_entity_src_gen.pdbx_host_org_vector_type          ? 
_entity_src_gen.pdbx_host_org_vector               ? 
_entity_src_gen.host_org_details                   ? 
_entity_src_gen.expression_system_id               ? 
_entity_src_gen.plasmid_name                       ? 
_entity_src_gen.plasmid_details                    ? 
_entity_src_gen.pdbx_description                   ? 
# 
_pdbx_entity_src_syn.entity_id              2 
_pdbx_entity_src_syn.pdbx_src_id            1 
_pdbx_entity_src_syn.pdbx_alt_source_flag   sample 
_pdbx_entity_src_syn.pdbx_beg_seq_num       1 
_pdbx_entity_src_syn.pdbx_end_seq_num       7 
_pdbx_entity_src_syn.organism_scientific    'Homo sapiens' 
_pdbx_entity_src_syn.organism_common_name   ? 
_pdbx_entity_src_syn.ncbi_taxonomy_id       9606 
_pdbx_entity_src_syn.details                ? 
# 
loop_
_chem_comp.id 
_chem_comp.type 
_chem_comp.mon_nstd_flag 
_chem_comp.name 
_chem_comp.pdbx_synonyms 
_chem_comp.formula 
_chem_comp.formula_weight 
ALA 'L-peptide linking' y ALANINE             ? 'C3 H7 N O2'     89.093  
ALY 'L-peptide linking' n 'N(6)-ACETYLLYSINE' ? 'C8 H16 N2 O3'   188.224 
ARG 'L-peptide linking' y ARGININE            ? 'C6 H15 N4 O2 1' 175.209 
ASN 'L-peptide linking' y ASPARAGINE          ? 'C4 H8 N2 O3'    132.118 
ASP 'L-peptide linking' y 'ASPARTIC ACID'     ? 'C4 H7 N O4'     133.103 
CYS 'L-peptide linking' y CYSTEINE            ? 'C3 H7 N O2 S'   121.158 
GLN 'L-peptide linking' y GLUTAMINE           ? 'C5 H10 N2 O3'   146.144 
GLU 'L-peptide linking' y 'GLUTAMIC ACID'     ? 'C5 H9 N O4'     147.129 
GLY 'peptide linking'   y GLYCINE             ? 'C2 H5 N O2'     75.067  
HIS 'L-peptide linking' y HISTIDINE           ? 'C6 H10 N3 O2 1' 156.162 
HOH non-polymer         . WATER               ? 'H2 O'           18.015  
ILE 'L-peptide linking' y ISOLEUCINE          ? 'C6 H13 N O2'    131.173 
LYS 'L-peptide linking' y LYSINE              ? 'C6 H15 N2 O2 1' 147.195 
MET 'L-peptide linking' y METHIONINE          ? 'C5 H11 N O2 S'  149.211 
MG  non-polymer         . 'MAGNESIUM ION'     ? 'Mg 2'           24.305  
PHE 'L-peptide linking' y PHENYLALANINE       ? 'C9 H11 N O2'    165.189 
PRO 'L-peptide linking' y PROLINE             ? 'C5 H9 N O2'     115.130 
SER 'L-peptide linking' y SERINE              ? 'C3 H7 N O3'     105.093 
THR 'L-peptide linking' y THREONINE           ? 'C4 H9 N O3'     119.119 
TRP 'L-peptide linking' y TRYPTOPHAN          ? 'C11 H12 N2 O2'  204.225 
TYR 'L-peptide linking' y TYROSINE            ? 'C9 H11 N O3'    181.189 
VAL 'L-peptide linking' y VALINE              ? 'C5 H11 N O2'    117.146 
ZN  non-polymer         . 'ZINC ION'          ? 'Zn 2'           65.409  
# 
loop_
_pdbx_poly_seq_scheme.asym_id 
_pdbx_poly_seq_scheme.entity_id 
_pdbx_poly_seq_scheme.seq_id 
_pdbx_poly_seq_scheme.mon_id 
_pdbx_poly_seq_scheme.ndb_seq_num 
_pdbx_poly_seq_scheme.pdb_seq_num 
_pdbx_poly_seq_scheme.auth_seq_num 
_pdbx_poly_seq_scheme.pdb_mon_id 
_pdbx_poly_seq_scheme.auth_mon_id 
_pdbx_poly_seq_scheme.pdb_strand_id 
_pdbx_poly_seq_scheme.pdb_ins_code 
_pdbx_poly_seq_scheme.hetero 
A 1 1  SER 1  855 855 SER SER A . n 
A 1 2  MET 2  856 856 MET MET A . n 
A 1 3  TYR 3  857 857 TYR TYR A . n 
A 1 4  VAL 4  858 858 VAL VAL A . n 
A 1 5  ILE 5  859 859 ILE ILE A . n 
A 1 6  ARG 6  860 860 ARG ARG A . n 
A 1 7  ASP 7  861 861 ASP ASP A . n 
A 1 8  GLU 8  862 862 GLU GLU A . n 
A 1 9  TRP 9  863 863 TRP TRP A . n 
A 1 10 GLY 10 864 864 GLY GLY A . n 
A 1 11 ASN 11 865 865 ASN ASN A . n 
A 1 12 GLN 12 866 866 GLN GLN A . n 
A 1 13 ILE 13 867 867 ILE ILE A . n 
A 1 14 TRP 14 868 868 TRP TRP A . n 
A 1 15 ILE 15 869 869 ILE ILE A . n 
A 1 16 CYS 16 870 870 CYS CYS A . n 
A 1 17 PRO 17 871 871 PRO PRO A . n 
A 1 18 GLY 18 872 872 GLY GLY A . n 
A 1 19 CYS 19 873 873 CYS CYS A . n 
A 1 20 ASN 20 874 874 ASN ASN A . n 
A 1 21 LYS 21 875 875 LYS LYS A . n 
A 1 22 PRO 22 876 876 PRO PRO A . n 
A 1 23 ASP 23 877 877 ASP ASP A . n 
A 1 24 ASP 24 878 878 ASP ASP A . n 
A 1 25 GLY 25 879 879 GLY GLY A . n 
A 1 26 SER 26 880 880 SER SER A . n 
A 1 27 PRO 27 881 881 PRO PRO A . n 
A 1 28 MET 28 882 882 MET MET A . n 
A 1 29 ILE 29 883 883 ILE ILE A . n 
A 1 30 GLY 30 884 884 GLY GLY A . n 
A 1 31 CYS 31 885 885 CYS CYS A . n 
A 1 32 ASP 32 886 886 ASP ASP A . n 
A 1 33 ASP 33 887 887 ASP ASP A . n 
A 1 34 CYS 34 888 888 CYS CYS A . n 
A 1 35 ASP 35 889 889 ASP ASP A . n 
A 1 36 ASP 36 890 890 ASP ASP A . n 
A 1 37 TRP 37 891 891 TRP TRP A . n 
A 1 38 TYR 38 892 892 TYR TYR A . n 
A 1 39 HIS 39 893 893 HIS HIS A . n 
A 1 40 TRP 40 894 894 TRP TRP A . n 
A 1 41 PRO 41 895 895 PRO PRO A . n 
A 1 42 CYS 42 896 896 CYS CYS A . n 
A 1 43 VAL 43 897 897 VAL VAL A . n 
A 1 44 GLY 44 898 898 GLY GLY A . n 
A 1 45 ILE 45 899 899 ILE ILE A . n 
A 1 46 MET 46 900 900 MET MET A . n 
A 1 47 THR 47 901 901 THR THR A . n 
A 1 48 ALA 48 902 902 ALA ALA A . n 
A 1 49 PRO 49 903 903 PRO PRO A . n 
A 1 50 PRO 50 904 904 PRO PRO A . n 
A 1 51 GLU 51 905 905 GLU GLU A . n 
A 1 52 GLU 52 906 906 GLU GLU A . n 
A 1 53 MET 53 907 907 MET MET A . n 
A 1 54 GLN 54 908 908 GLN GLN A . n 
A 1 55 TRP 55 909 909 TRP TRP A . n 
A 1 56 PHE 56 910 910 PHE PHE A . n 
A 1 57 CYS 57 911 911 CYS CYS A . n 
A 1 58 PRO 58 912 912 PRO PRO A . n 
A 1 59 LYS 59 913 913 LYS LYS A . n 
A 1 60 CYS 60 914 914 CYS CYS A . n 
A 1 61 ALA 61 915 915 ALA ALA A . n 
A 1 62 ASN 62 916 916 ASN ASN A . n 
A 1 63 LYS 63 917 917 LYS LYS A . n 
B 2 1  ALA 1  1   1   ALA ALA P . n 
B 2 2  ARG 2  2   2   ARG ARG P . n 
B 2 3  THR 3  3   3   THR THR P . n 
B 2 4  ALY 4  4   4   ALY ALY P . n 
B 2 5  GLN 5  5   5   GLN GLN P . n 
B 2 6  THR 6  6   6   THR THR P . n 
B 2 7  ALA 7  7   7   ALA ALA P . n 
# 
loop_
_pdbx_nonpoly_scheme.asym_id 
_pdbx_nonpoly_scheme.entity_id 
_pdbx_nonpoly_scheme.mon_id 
_pdbx_nonpoly_scheme.ndb_seq_num 
_pdbx_nonpoly_scheme.pdb_seq_num 
_pdbx_nonpoly_scheme.auth_seq_num 
_pdbx_nonpoly_scheme.pdb_mon_id 
_pdbx_nonpoly_scheme.auth_mon_id 
_pdbx_nonpoly_scheme.pdb_strand_id 
_pdbx_nonpoly_scheme.pdb_ins_code 
C 3 ZN  1  1001 1001 ZN  ZN  A . 
D 3 ZN  1  1002 1002 ZN  ZN  A . 
E 4 MG  1  1003 1    MG  MG  A . 
F 5 HOH 1  1101 3    HOH HOH A . 
F 5 HOH 2  1102 35   HOH HOH A . 
F 5 HOH 3  1103 4    HOH HOH A . 
F 5 HOH 4  1104 28   HOH HOH A . 
F 5 HOH 5  1105 17   HOH HOH A . 
F 5 HOH 6  1106 54   HOH HOH A . 
F 5 HOH 7  1107 67   HOH HOH A . 
F 5 HOH 8  1108 18   HOH HOH A . 
F 5 HOH 9  1109 33   HOH HOH A . 
F 5 HOH 10 1110 57   HOH HOH A . 
F 5 HOH 11 1111 2    HOH HOH A . 
F 5 HOH 12 1112 45   HOH HOH A . 
F 5 HOH 13 1113 10   HOH HOH A . 
F 5 HOH 14 1114 55   HOH HOH A . 
F 5 HOH 15 1115 29   HOH HOH A . 
F 5 HOH 16 1116 5    HOH HOH A . 
F 5 HOH 17 1117 1    HOH HOH A . 
F 5 HOH 18 1118 8    HOH HOH A . 
F 5 HOH 19 1119 37   HOH HOH A . 
F 5 HOH 20 1120 32   HOH HOH A . 
F 5 HOH 21 1121 12   HOH HOH A . 
F 5 HOH 22 1122 9    HOH HOH A . 
F 5 HOH 23 1123 36   HOH HOH A . 
F 5 HOH 24 1124 30   HOH HOH A . 
F 5 HOH 25 1125 24   HOH HOH A . 
F 5 HOH 26 1126 41   HOH HOH A . 
F 5 HOH 27 1127 44   HOH HOH A . 
F 5 HOH 28 1128 6    HOH HOH A . 
F 5 HOH 29 1129 72   HOH HOH A . 
F 5 HOH 30 1130 25   HOH HOH A . 
F 5 HOH 31 1131 51   HOH HOH A . 
F 5 HOH 32 1132 49   HOH HOH A . 
F 5 HOH 33 1133 63   HOH HOH A . 
F 5 HOH 34 1134 20   HOH HOH A . 
F 5 HOH 35 1135 7    HOH HOH A . 
F 5 HOH 36 1136 21   HOH HOH A . 
F 5 HOH 37 1137 14   HOH HOH A . 
F 5 HOH 38 1138 62   HOH HOH A . 
F 5 HOH 39 1139 58   HOH HOH A . 
F 5 HOH 40 1140 66   HOH HOH A . 
F 5 HOH 41 1141 31   HOH HOH A . 
F 5 HOH 42 1142 39   HOH HOH A . 
F 5 HOH 43 1143 46   HOH HOH A . 
F 5 HOH 44 1144 70   HOH HOH A . 
F 5 HOH 45 1145 23   HOH HOH A . 
F 5 HOH 46 1146 65   HOH HOH A . 
F 5 HOH 47 1147 50   HOH HOH A . 
F 5 HOH 48 1148 71   HOH HOH A . 
F 5 HOH 49 1149 60   HOH HOH A . 
F 5 HOH 50 1150 47   HOH HOH A . 
F 5 HOH 51 1151 42   HOH HOH A . 
F 5 HOH 52 1152 22   HOH HOH A . 
F 5 HOH 53 1153 11   HOH HOH A . 
F 5 HOH 54 1154 13   HOH HOH A . 
F 5 HOH 55 1155 34   HOH HOH A . 
F 5 HOH 56 1156 15   HOH HOH A . 
F 5 HOH 57 1157 56   HOH HOH A . 
F 5 HOH 58 1158 43   HOH HOH A . 
F 5 HOH 59 1159 27   HOH HOH A . 
F 5 HOH 60 1160 40   HOH HOH A . 
F 5 HOH 61 1161 53   HOH HOH A . 
F 5 HOH 62 1162 19   HOH HOH A . 
G 5 HOH 1  101  59   HOH HOH P . 
G 5 HOH 2  102  68   HOH HOH P . 
G 5 HOH 3  103  52   HOH HOH P . 
G 5 HOH 4  104  38   HOH HOH P . 
G 5 HOH 5  105  61   HOH HOH P . 
G 5 HOH 6  106  69   HOH HOH P . 
# 
loop_
_software.citation_id 
_software.classification 
_software.compiler_name 
_software.compiler_version 
_software.contact_author 
_software.contact_author_email 
_software.date 
_software.description 
_software.dependencies 
_software.hardware 
_software.language 
_software.location 
_software.mods 
_software.name 
_software.os 
_software.os_version 
_software.type 
_software.version 
_software.pdbx_ordinal 
? refinement       ? ? ? ? ? ? ? ? ? ? ? PHENIX   ? ? ? '1.10_2155: ???' 1 
? 'data reduction' ? ? ? ? ? ? ? ? ? ? ? HKL-2000 ? ? ? .                2 
? 'data scaling'   ? ? ? ? ? ? ? ? ? ? ? HKL-2000 ? ? ? .                3 
? phasing          ? ? ? ? ? ? ? ? ? ? ? MOLREP   ? ? ? .                4 
# 
_cell.angle_alpha                  90.000 
_cell.angle_alpha_esd              ? 
_cell.angle_beta                   90.000 
_cell.angle_beta_esd               ? 
_cell.angle_gamma                  90.000 
_cell.angle_gamma_esd              ? 
_cell.entry_id                     5WXG 
_cell.details                      ? 
_cell.formula_units_Z              ? 
_cell.length_a                     50.840 
_cell.length_a_esd                 ? 
_cell.length_b                     52.868 
_cell.length_b_esd                 ? 
_cell.length_c                     54.122 
_cell.length_c_esd                 ? 
_cell.volume                       ? 
_cell.volume_esd                   ? 
_cell.Z_PDB                        8 
_cell.reciprocal_angle_alpha       ? 
_cell.reciprocal_angle_beta        ? 
_cell.reciprocal_angle_gamma       ? 
_cell.reciprocal_angle_alpha_esd   ? 
_cell.reciprocal_angle_beta_esd    ? 
_cell.reciprocal_angle_gamma_esd   ? 
_cell.reciprocal_length_a          ? 
_cell.reciprocal_length_b          ? 
_cell.reciprocal_length_c          ? 
_cell.reciprocal_length_a_esd      ? 
_cell.reciprocal_length_b_esd      ? 
_cell.reciprocal_length_c_esd      ? 
_cell.pdbx_unique_axis             ? 
# 
_symmetry.entry_id                         5WXG 
_symmetry.cell_setting                     ? 
_symmetry.Int_Tables_number                20 
_symmetry.space_group_name_Hall            ? 
_symmetry.space_group_name_H-M             'C 2 2 21' 
_symmetry.pdbx_full_space_group_name_H-M   ? 
# 
_exptl.absorpt_coefficient_mu     ? 
_exptl.absorpt_correction_T_max   ? 
_exptl.absorpt_correction_T_min   ? 
_exptl.absorpt_correction_type    ? 
_exptl.absorpt_process_details    ? 
_exptl.entry_id                   5WXG 
_exptl.crystals_number            1 
_exptl.details                    ? 
_exptl.method                     'X-RAY DIFFRACTION' 
_exptl.method_details             ? 
# 
_exptl_crystal.colour                      ? 
_exptl_crystal.density_diffrn              ? 
_exptl_crystal.density_Matthews            2.24 
_exptl_crystal.density_method              ? 
_exptl_crystal.density_percent_sol         45.15 
_exptl_crystal.description                 ? 
_exptl_crystal.F_000                       ? 
_exptl_crystal.id                          1 
_exptl_crystal.preparation                 ? 
_exptl_crystal.size_max                    ? 
_exptl_crystal.size_mid                    ? 
_exptl_crystal.size_min                    ? 
_exptl_crystal.size_rad                    ? 
_exptl_crystal.colour_lustre               ? 
_exptl_crystal.colour_modifier             ? 
_exptl_crystal.colour_primary              ? 
_exptl_crystal.density_meas                ? 
_exptl_crystal.density_meas_esd            ? 
_exptl_crystal.density_meas_gt             ? 
_exptl_crystal.density_meas_lt             ? 
_exptl_crystal.density_meas_temp           ? 
_exptl_crystal.density_meas_temp_esd       ? 
_exptl_crystal.density_meas_temp_gt        ? 
_exptl_crystal.density_meas_temp_lt        ? 
_exptl_crystal.pdbx_crystal_image_url      ? 
_exptl_crystal.pdbx_crystal_image_format   ? 
_exptl_crystal.pdbx_mosaicity              ? 
_exptl_crystal.pdbx_mosaicity_esd          ? 
# 
_exptl_crystal_grow.apparatus       ? 
_exptl_crystal_grow.atmosphere      ? 
_exptl_crystal_grow.crystal_id      1 
_exptl_crystal_grow.details         ? 
_exptl_crystal_grow.method          'VAPOR DIFFUSION, SITTING DROP' 
_exptl_crystal_grow.method_ref      ? 
_exptl_crystal_grow.pH              6.5 
_exptl_crystal_grow.pressure        ? 
_exptl_crystal_grow.pressure_esd    ? 
_exptl_crystal_grow.seeding         ? 
_exptl_crystal_grow.seeding_ref     ? 
_exptl_crystal_grow.temp            289 
_exptl_crystal_grow.temp_details    ? 
_exptl_crystal_grow.temp_esd        ? 
_exptl_crystal_grow.time            ? 
_exptl_crystal_grow.pdbx_details    
'0.03M magnesium chloride, 0.03M calcium chloride, 0.1M MES, 0.1M imidazole, PH6.5, 15% PEGMME 550, 15% PEG 20K' 
_exptl_crystal_grow.pdbx_pH_range   ? 
# 
_diffrn.ambient_environment    ? 
_diffrn.ambient_temp           100 
_diffrn.ambient_temp_details   ? 
_diffrn.ambient_temp_esd       ? 
_diffrn.crystal_id             1 
_diffrn.crystal_support        ? 
_diffrn.crystal_treatment      ? 
_diffrn.details                ? 
_diffrn.id                     1 
_diffrn.ambient_pressure       ? 
_diffrn.ambient_pressure_esd   ? 
_diffrn.ambient_pressure_gt    ? 
_diffrn.ambient_pressure_lt    ? 
_diffrn.ambient_temp_gt        ? 
_diffrn.ambient_temp_lt        ? 
# 
_diffrn_detector.details                      ? 
_diffrn_detector.detector                     CCD 
_diffrn_detector.diffrn_id                    1 
_diffrn_detector.type                         'ADSC QUANTUM 315r' 
_diffrn_detector.area_resol_mean              ? 
_diffrn_detector.dtime                        ? 
_diffrn_detector.pdbx_frames_total            ? 
_diffrn_detector.pdbx_collection_time_total   ? 
_diffrn_detector.pdbx_collection_date         2016-03-17 
# 
_diffrn_radiation.collimation                      ? 
_diffrn_radiation.diffrn_id                        1 
_diffrn_radiation.filter_edge                      ? 
_diffrn_radiation.inhomogeneity                    ? 
_diffrn_radiation.monochromator                    ? 
_diffrn_radiation.polarisn_norm                    ? 
_diffrn_radiation.polarisn_ratio                   ? 
_diffrn_radiation.probe                            ? 
_diffrn_radiation.type                             ? 
_diffrn_radiation.xray_symbol                      ? 
_diffrn_radiation.wavelength_id                    1 
_diffrn_radiation.pdbx_monochromatic_or_laue_m_l   M 
_diffrn_radiation.pdbx_wavelength_list             ? 
_diffrn_radiation.pdbx_wavelength                  ? 
_diffrn_radiation.pdbx_diffrn_protocol             'SINGLE WAVELENGTH' 
_diffrn_radiation.pdbx_analyzer                    ? 
_diffrn_radiation.pdbx_scattering_type             x-ray 
# 
_diffrn_radiation_wavelength.id           1 
_diffrn_radiation_wavelength.wavelength   0.9792 
_diffrn_radiation_wavelength.wt           1.0 
# 
_diffrn_source.current                     ? 
_diffrn_source.details                     ? 
_diffrn_source.diffrn_id                   1 
_diffrn_source.power                       ? 
_diffrn_source.size                        ? 
_diffrn_source.source                      SYNCHROTRON 
_diffrn_source.target                      ? 
_diffrn_source.type                        'SSRF BEAMLINE BL17U' 
_diffrn_source.voltage                     ? 
_diffrn_source.take-off_angle              ? 
_diffrn_source.pdbx_wavelength_list        0.9792 
_diffrn_source.pdbx_wavelength             ? 
_diffrn_source.pdbx_synchrotron_beamline   BL17U 
_diffrn_source.pdbx_synchrotron_site       SSRF 
# 
_reflns.B_iso_Wilson_estimate            15.220 
_reflns.entry_id                         5WXG 
_reflns.data_reduction_details           ? 
_reflns.data_reduction_method            ? 
_reflns.d_resolution_high                1.700 
_reflns.d_resolution_low                 50.000 
_reflns.details                          ? 
_reflns.limit_h_max                      ? 
_reflns.limit_h_min                      ? 
_reflns.limit_k_max                      ? 
_reflns.limit_k_min                      ? 
_reflns.limit_l_max                      ? 
_reflns.limit_l_min                      ? 
_reflns.number_all                       ? 
_reflns.number_obs                       8164 
_reflns.observed_criterion               ? 
_reflns.observed_criterion_F_max         ? 
_reflns.observed_criterion_F_min         ? 
_reflns.observed_criterion_I_max         ? 
_reflns.observed_criterion_I_min         ? 
_reflns.observed_criterion_sigma_F       ? 
_reflns.observed_criterion_sigma_I       ? 
_reflns.percent_possible_obs             98.700 
_reflns.R_free_details                   ? 
_reflns.Rmerge_F_all                     ? 
_reflns.Rmerge_F_obs                     ? 
_reflns.Friedel_coverage                 ? 
_reflns.number_gt                        ? 
_reflns.threshold_expression             ? 
_reflns.pdbx_redundancy                  4.500 
_reflns.pdbx_Rmerge_I_obs                0.101 
_reflns.pdbx_Rmerge_I_all                ? 
_reflns.pdbx_Rsym_value                  ? 
_reflns.pdbx_netI_over_av_sigmaI         ? 
_reflns.pdbx_netI_over_sigmaI            9.300 
_reflns.pdbx_res_netI_over_av_sigmaI_2   ? 
_reflns.pdbx_res_netI_over_sigmaI_2      ? 
_reflns.pdbx_chi_squared                 ? 
_reflns.pdbx_scaling_rejects             ? 
_reflns.pdbx_d_res_high_opt              ? 
_reflns.pdbx_d_res_low_opt               ? 
_reflns.pdbx_d_res_opt_method            ? 
_reflns.phase_calculation_details        ? 
_reflns.pdbx_Rrim_I_all                  ? 
_reflns.pdbx_Rpim_I_all                  ? 
_reflns.pdbx_d_opt                       ? 
_reflns.pdbx_number_measured_all         ? 
_reflns.pdbx_diffrn_id                   1 
_reflns.pdbx_ordinal                     1 
_reflns.pdbx_CC_half                     ? 
_reflns.pdbx_R_split                     ? 
# 
loop_
_reflns_shell.d_res_high 
_reflns_shell.d_res_low 
_reflns_shell.meanI_over_sigI_all 
_reflns_shell.meanI_over_sigI_obs 
_reflns_shell.number_measured_all 
_reflns_shell.number_measured_obs 
_reflns_shell.number_possible 
_reflns_shell.number_unique_all 
_reflns_shell.number_unique_obs 
_reflns_shell.percent_possible_all 
_reflns_shell.percent_possible_obs 
_reflns_shell.Rmerge_F_all 
_reflns_shell.Rmerge_F_obs 
_reflns_shell.Rmerge_I_all 
_reflns_shell.Rmerge_I_obs 
_reflns_shell.meanI_over_sigI_gt 
_reflns_shell.meanI_over_uI_all 
_reflns_shell.meanI_over_uI_gt 
_reflns_shell.number_measured_gt 
_reflns_shell.number_unique_gt 
_reflns_shell.percent_possible_gt 
_reflns_shell.Rmerge_F_gt 
_reflns_shell.Rmerge_I_gt 
_reflns_shell.pdbx_redundancy 
_reflns_shell.pdbx_Rsym_value 
_reflns_shell.pdbx_chi_squared 
_reflns_shell.pdbx_netI_over_sigmaI_all 
_reflns_shell.pdbx_netI_over_sigmaI_obs 
_reflns_shell.pdbx_Rrim_I_all 
_reflns_shell.pdbx_Rpim_I_all 
_reflns_shell.pdbx_rejects 
_reflns_shell.pdbx_ordinal 
_reflns_shell.pdbx_diffrn_id 
_reflns_shell.pdbx_CC_half 
_reflns_shell.pdbx_R_split 
1.700 1.730  ? ? ? ? ? ? ? 100.000 ? ? ? ? 0.738 ? ? ? ? ? ? ? ? 4.500 ? ? ? ? ? ? ? 1  1 0.906 ? 
1.730 1.760  ? ? ? ? ? ? ? 100.000 ? ? ? ? 0.657 ? ? ? ? ? ? ? ? 4.500 ? ? ? ? ? ? ? 2  1 0.854 ? 
1.760 1.790  ? ? ? ? ? ? ? 100.000 ? ? ? ? 0.568 ? ? ? ? ? ? ? ? 4.600 ? ? ? ? ? ? ? 3  1 0.883 ? 
1.790 1.830  ? ? ? ? ? ? ? 99.800  ? ? ? ? 0.488 ? ? ? ? ? ? ? ? 4.500 ? ? ? ? ? ? ? 4  1 0.895 ? 
1.830 1.870  ? ? ? ? ? ? ? 99.700  ? ? ? ? 0.387 ? ? ? ? ? ? ? ? 4.500 ? ? ? ? ? ? ? 5  1 0.946 ? 
1.870 1.910  ? ? ? ? ? ? ? 99.800  ? ? ? ? 0.414 ? ? ? ? ? ? ? ? 4.500 ? ? ? ? ? ? ? 6  1 0.926 ? 
1.910 1.960  ? ? ? ? ? ? ? 99.700  ? ? ? ? 0.345 ? ? ? ? ? ? ? ? 4.500 ? ? ? ? ? ? ? 7  1 0.942 ? 
1.960 2.020  ? ? ? ? ? ? ? 100.000 ? ? ? ? 0.265 ? ? ? ? ? ? ? ? 4.600 ? ? ? ? ? ? ? 8  1 0.972 ? 
2.020 2.070  ? ? ? ? ? ? ? 99.000  ? ? ? ? 0.234 ? ? ? ? ? ? ? ? 4.600 ? ? ? ? ? ? ? 9  1 0.957 ? 
2.070 2.140  ? ? ? ? ? ? ? 99.500  ? ? ? ? 0.195 ? ? ? ? ? ? ? ? 4.600 ? ? ? ? ? ? ? 10 1 0.979 ? 
2.140 2.220  ? ? ? ? ? ? ? 99.500  ? ? ? ? 0.171 ? ? ? ? ? ? ? ? 4.500 ? ? ? ? ? ? ? 11 1 0.979 ? 
2.220 2.310  ? ? ? ? ? ? ? 99.100  ? ? ? ? 0.167 ? ? ? ? ? ? ? ? 4.600 ? ? ? ? ? ? ? 12 1 0.980 ? 
2.310 2.410  ? ? ? ? ? ? ? 99.700  ? ? ? ? 0.144 ? ? ? ? ? ? ? ? 4.500 ? ? ? ? ? ? ? 13 1 0.990 ? 
2.410 2.540  ? ? ? ? ? ? ? 98.300  ? ? ? ? 0.125 ? ? ? ? ? ? ? ? 4.500 ? ? ? ? ? ? ? 14 1 0.987 ? 
2.540 2.700  ? ? ? ? ? ? ? 98.800  ? ? ? ? 0.113 ? ? ? ? ? ? ? ? 4.400 ? ? ? ? ? ? ? 15 1 0.981 ? 
2.700 2.910  ? ? ? ? ? ? ? 97.600  ? ? ? ? 0.099 ? ? ? ? ? ? ? ? 4.400 ? ? ? ? ? ? ? 16 1 0.991 ? 
2.910 3.200  ? ? ? ? ? ? ? 96.900  ? ? ? ? 0.085 ? ? ? ? ? ? ? ? 4.400 ? ? ? ? ? ? ? 17 1 0.993 ? 
3.200 3.660  ? ? ? ? ? ? ? 97.000  ? ? ? ? 0.057 ? ? ? ? ? ? ? ? 4.400 ? ? ? ? ? ? ? 18 1 0.996 ? 
3.660 4.610  ? ? ? ? ? ? ? 97.200  ? ? ? ? 0.043 ? ? ? ? ? ? ? ? 4.300 ? ? ? ? ? ? ? 19 1 0.998 ? 
4.610 50.000 ? ? ? ? ? ? ? 93.000  ? ? ? ? 0.042 ? ? ? ? ? ? ? ? 4.300 ? ? ? ? ? ? ? 20 1 0.998 ? 
# 
_refine.aniso_B[1][1]                            ? 
_refine.aniso_B[1][2]                            ? 
_refine.aniso_B[1][3]                            ? 
_refine.aniso_B[2][2]                            ? 
_refine.aniso_B[2][3]                            ? 
_refine.aniso_B[3][3]                            ? 
_refine.B_iso_max                                62.090 
_refine.B_iso_mean                               22.3313 
_refine.B_iso_min                                11.680 
_refine.correlation_coeff_Fo_to_Fc               ? 
_refine.correlation_coeff_Fo_to_Fc_free          ? 
_refine.details                                  ? 
_refine.diff_density_max                         ? 
_refine.diff_density_max_esd                     ? 
_refine.diff_density_min                         ? 
_refine.diff_density_min_esd                     ? 
_refine.diff_density_rms                         ? 
_refine.diff_density_rms_esd                     ? 
_refine.entry_id                                 5WXG 
_refine.pdbx_refine_id                           'X-RAY DIFFRACTION' 
_refine.ls_abs_structure_details                 ? 
_refine.ls_abs_structure_Flack                   ? 
_refine.ls_abs_structure_Flack_esd               ? 
_refine.ls_abs_structure_Rogers                  ? 
_refine.ls_abs_structure_Rogers_esd              ? 
_refine.ls_d_res_high                            1.7030 
_refine.ls_d_res_low                             30.3440 
_refine.ls_extinction_coef                       ? 
_refine.ls_extinction_coef_esd                   ? 
_refine.ls_extinction_expression                 ? 
_refine.ls_extinction_method                     ? 
_refine.ls_goodness_of_fit_all                   ? 
_refine.ls_goodness_of_fit_all_esd               ? 
_refine.ls_goodness_of_fit_obs                   ? 
_refine.ls_goodness_of_fit_obs_esd               ? 
_refine.ls_hydrogen_treatment                    ? 
_refine.ls_matrix_type                           ? 
_refine.ls_number_constraints                    ? 
_refine.ls_number_parameters                     ? 
_refine.ls_number_reflns_all                     ? 
_refine.ls_number_reflns_obs                     8141 
_refine.ls_number_reflns_R_free                  789 
_refine.ls_number_reflns_R_work                  ? 
_refine.ls_number_restraints                     ? 
_refine.ls_percent_reflns_obs                    98.3500 
_refine.ls_percent_reflns_R_free                 9.6900 
_refine.ls_R_factor_all                          ? 
_refine.ls_R_factor_obs                          0.1695 
_refine.ls_R_factor_R_free                       0.1953 
_refine.ls_R_factor_R_free_error                 ? 
_refine.ls_R_factor_R_free_error_details         ? 
_refine.ls_R_factor_R_work                       0.1666 
_refine.ls_R_Fsqd_factor_obs                     ? 
_refine.ls_R_I_factor_obs                        ? 
_refine.ls_redundancy_reflns_all                 ? 
_refine.ls_redundancy_reflns_obs                 ? 
_refine.ls_restrained_S_all                      ? 
_refine.ls_restrained_S_obs                      ? 
_refine.ls_shift_over_esd_max                    ? 
_refine.ls_shift_over_esd_mean                   ? 
_refine.ls_structure_factor_coef                 ? 
_refine.ls_weighting_details                     ? 
_refine.ls_weighting_scheme                      ? 
_refine.ls_wR_factor_all                         ? 
_refine.ls_wR_factor_obs                         ? 
_refine.ls_wR_factor_R_free                      ? 
_refine.ls_wR_factor_R_work                      ? 
_refine.occupancy_max                            ? 
_refine.occupancy_min                            ? 
_refine.solvent_model_details                    ? 
_refine.solvent_model_param_bsol                 ? 
_refine.solvent_model_param_ksol                 ? 
_refine.ls_R_factor_gt                           ? 
_refine.ls_goodness_of_fit_gt                    ? 
_refine.ls_goodness_of_fit_ref                   ? 
_refine.ls_shift_over_su_max                     ? 
_refine.ls_shift_over_su_max_lt                  ? 
_refine.ls_shift_over_su_mean                    ? 
_refine.ls_shift_over_su_mean_lt                 ? 
_refine.pdbx_ls_sigma_I                          ? 
_refine.pdbx_ls_sigma_F                          1.350 
_refine.pdbx_ls_sigma_Fsqd                       ? 
_refine.pdbx_data_cutoff_high_absF               ? 
_refine.pdbx_data_cutoff_high_rms_absF           ? 
_refine.pdbx_data_cutoff_low_absF                ? 
_refine.pdbx_isotropic_thermal_model             ? 
_refine.pdbx_ls_cross_valid_method               'FREE R-VALUE' 
_refine.pdbx_method_to_determine_struct          'MOLECULAR REPLACEMENT' 
_refine.pdbx_starting_model                      ? 
_refine.pdbx_stereochemistry_target_values       ? 
_refine.pdbx_R_Free_selection_details            ? 
_refine.pdbx_stereochem_target_val_spec_case     ? 
_refine.pdbx_overall_ESU_R                       ? 
_refine.pdbx_overall_ESU_R_Free                  ? 
_refine.pdbx_solvent_vdw_probe_radii             1.1100 
_refine.pdbx_solvent_ion_probe_radii             ? 
_refine.pdbx_solvent_shrinkage_radii             0.9000 
_refine.pdbx_real_space_R                        ? 
_refine.pdbx_density_correlation                 ? 
_refine.pdbx_pd_number_of_powder_patterns        ? 
_refine.pdbx_pd_number_of_points                 ? 
_refine.pdbx_pd_meas_number_of_points            ? 
_refine.pdbx_pd_proc_ls_prof_R_factor            ? 
_refine.pdbx_pd_proc_ls_prof_wR_factor           ? 
_refine.pdbx_pd_Marquardt_correlation_coeff      ? 
_refine.pdbx_pd_Fsqrd_R_factor                   ? 
_refine.pdbx_pd_ls_matrix_band_width             ? 
_refine.pdbx_overall_phase_error                 20.2800 
_refine.pdbx_overall_SU_R_free_Cruickshank_DPI   ? 
_refine.pdbx_overall_SU_R_free_Blow_DPI          ? 
_refine.pdbx_overall_SU_R_Blow_DPI               ? 
_refine.pdbx_TLS_residual_ADP_flag               ? 
_refine.pdbx_diffrn_id                           1 
_refine.overall_SU_B                             ? 
_refine.overall_SU_ML                            0.1500 
_refine.overall_SU_R_Cruickshank_DPI             ? 
_refine.overall_SU_R_free                        ? 
_refine.overall_FOM_free_R_set                   ? 
_refine.overall_FOM_work_R_set                   ? 
_refine.pdbx_average_fsc_overall                 ? 
_refine.pdbx_average_fsc_work                    ? 
_refine.pdbx_average_fsc_free                    ? 
# 
_refine_hist.cycle_id                         final 
_refine_hist.pdbx_refine_id                   'X-RAY DIFFRACTION' 
_refine_hist.d_res_high                       1.7030 
_refine_hist.d_res_low                        30.3440 
_refine_hist.pdbx_number_atoms_ligand         3 
_refine_hist.number_atoms_solvent             68 
_refine_hist.number_atoms_total               632 
_refine_hist.pdbx_number_residues_total       70 
_refine_hist.pdbx_B_iso_mean_ligand           18.36 
_refine_hist.pdbx_B_iso_mean_solvent          30.53 
_refine_hist.pdbx_number_atoms_protein        561 
_refine_hist.pdbx_number_atoms_nucleic_acid   0 
# 
loop_
_refine_ls_restr.pdbx_refine_id 
_refine_ls_restr.criterion 
_refine_ls_restr.dev_ideal 
_refine_ls_restr.dev_ideal_target 
_refine_ls_restr.number 
_refine_ls_restr.rejects 
_refine_ls_restr.type 
_refine_ls_restr.weight 
_refine_ls_restr.pdbx_restraint_function 
'X-RAY DIFFRACTION' ? 0.007  ? 580 ? f_bond_d           ? ? 
'X-RAY DIFFRACTION' ? 0.928  ? 790 ? f_angle_d          ? ? 
'X-RAY DIFFRACTION' ? 0.062  ? 75  ? f_chiral_restr     ? ? 
'X-RAY DIFFRACTION' ? 0.007  ? 104 ? f_plane_restr      ? ? 
'X-RAY DIFFRACTION' ? 14.894 ? 339 ? f_dihedral_angle_d ? ? 
# 
loop_
_refine_ls_shell.pdbx_refine_id 
_refine_ls_shell.d_res_high 
_refine_ls_shell.d_res_low 
_refine_ls_shell.number_reflns_all 
_refine_ls_shell.number_reflns_obs 
_refine_ls_shell.number_reflns_R_free 
_refine_ls_shell.number_reflns_R_work 
_refine_ls_shell.percent_reflns_obs 
_refine_ls_shell.percent_reflns_R_free 
_refine_ls_shell.R_factor_all 
_refine_ls_shell.R_factor_obs 
_refine_ls_shell.R_factor_R_free 
_refine_ls_shell.R_factor_R_free_error 
_refine_ls_shell.R_factor_R_work 
_refine_ls_shell.redundancy_reflns_all 
_refine_ls_shell.redundancy_reflns_obs 
_refine_ls_shell.wR_factor_all 
_refine_ls_shell.wR_factor_obs 
_refine_ls_shell.wR_factor_R_free 
_refine_ls_shell.wR_factor_R_work 
_refine_ls_shell.pdbx_total_number_of_bins_used 
_refine_ls_shell.pdbx_phase_error 
_refine_ls_shell.pdbx_fsc_work 
_refine_ls_shell.pdbx_fsc_free 
'X-RAY DIFFRACTION' 1.7031 1.8098  1336 . 103 1233 98.0000  . . . 0.2301 0.0000 0.1853 . . . . . . 6 . . . 
'X-RAY DIFFRACTION' 1.8098 1.9496  1353 . 141 1212 100.0000 . . . 0.2047 0.0000 0.1750 . . . . . . 6 . . . 
'X-RAY DIFFRACTION' 1.9496 2.1457  1341 . 136 1205 99.0000  . . . 0.2242 0.0000 0.1563 . . . . . . 6 . . . 
'X-RAY DIFFRACTION' 2.1457 2.4561  1367 . 130 1237 99.0000  . . . 0.2059 0.0000 0.1702 . . . . . . 6 . . . 
'X-RAY DIFFRACTION' 2.4561 3.0939  1356 . 122 1234 98.0000  . . . 0.2010 0.0000 0.1823 . . . . . . 6 . . . 
'X-RAY DIFFRACTION' 3.0939 30.3488 1388 . 157 1231 96.0000  . . . 0.1744 0.0000 0.1552 . . . . . . 6 . . . 
# 
_struct.entry_id                     5WXG 
_struct.title                        'Structure of TAF PHD finger domain binds to H3(1-15)K4ac' 
_struct.pdbx_model_details           ? 
_struct.pdbx_formula_weight          ? 
_struct.pdbx_formula_weight_method   ? 
_struct.pdbx_model_type_details      ? 
_struct.pdbx_CASP_flag               N 
# 
_struct_keywords.entry_id        5WXG 
_struct_keywords.text            'TAF3, histone H3, HYDROLASE' 
_struct_keywords.pdbx_keywords   HYDROLASE 
# 
loop_
_struct_asym.id 
_struct_asym.pdbx_blank_PDB_chainid_flag 
_struct_asym.pdbx_modified 
_struct_asym.entity_id 
_struct_asym.details 
A N N 1 ? 
B N N 2 ? 
C N N 3 ? 
D N N 3 ? 
E N N 4 ? 
F N N 5 ? 
G N N 5 ? 
# 
loop_
_struct_ref.id 
_struct_ref.db_name 
_struct_ref.db_code 
_struct_ref.pdbx_db_accession 
_struct_ref.pdbx_db_isoform 
_struct_ref.entity_id 
_struct_ref.pdbx_seq_one_letter_code 
_struct_ref.pdbx_align_begin 
1 UNP TAF3_HUMAN Q5VWG9 ? 1 STYVIRDEWGNQIWICPGCNKPDDGSPMIGCDDCDDWYHWPCVGIMTAPPEEMQWFCPKCANK 853 
2 PDB 5WXG       5WXG   ? 2 ?                                                               1   
# 
loop_
_struct_ref_seq.align_id 
_struct_ref_seq.ref_id 
_struct_ref_seq.pdbx_PDB_id_code 
_struct_ref_seq.pdbx_strand_id 
_struct_ref_seq.seq_align_beg 
_struct_ref_seq.pdbx_seq_align_beg_ins_code 
_struct_ref_seq.seq_align_end 
_struct_ref_seq.pdbx_seq_align_end_ins_code 
_struct_ref_seq.pdbx_db_accession 
_struct_ref_seq.db_align_beg 
_struct_ref_seq.pdbx_db_align_beg_ins_code 
_struct_ref_seq.db_align_end 
_struct_ref_seq.pdbx_db_align_end_ins_code 
_struct_ref_seq.pdbx_auth_seq_align_beg 
_struct_ref_seq.pdbx_auth_seq_align_end 
1 1 5WXG A 1 ? 63 ? Q5VWG9 853 ? 915 ? 855 917 
2 2 5WXG P 1 ? 7  ? 5WXG   1   ? 7   ? 1   7   
# 
_struct_ref_seq_dif.align_id                     1 
_struct_ref_seq_dif.pdbx_pdb_id_code             5WXG 
_struct_ref_seq_dif.mon_id                       MET 
_struct_ref_seq_dif.pdbx_pdb_strand_id           A 
_struct_ref_seq_dif.seq_num                      2 
_struct_ref_seq_dif.pdbx_pdb_ins_code            ? 
_struct_ref_seq_dif.pdbx_seq_db_name             UNP 
_struct_ref_seq_dif.pdbx_seq_db_accession_code   Q5VWG9 
_struct_ref_seq_dif.db_mon_id                    THR 
_struct_ref_seq_dif.pdbx_seq_db_seq_num          854 
_struct_ref_seq_dif.details                      acetylation 
_struct_ref_seq_dif.pdbx_auth_seq_num            856 
_struct_ref_seq_dif.pdbx_ordinal                 1 
# 
_pdbx_struct_assembly.id                   1 
_pdbx_struct_assembly.details              author_and_software_defined_assembly 
_pdbx_struct_assembly.method_details       PISA 
_pdbx_struct_assembly.oligomeric_details   dimeric 
_pdbx_struct_assembly.oligomeric_count     2 
# 
loop_
_pdbx_struct_assembly_prop.biol_id 
_pdbx_struct_assembly_prop.type 
_pdbx_struct_assembly_prop.value 
_pdbx_struct_assembly_prop.details 
1 'ABSA (A^2)' 1000 ? 
1 MORE         -5   ? 
1 'SSA (A^2)'  5050 ? 
# 
_pdbx_struct_assembly_gen.assembly_id       1 
_pdbx_struct_assembly_gen.oper_expression   1 
_pdbx_struct_assembly_gen.asym_id_list      A,B,C,D,E,F,G 
# 
_pdbx_struct_oper_list.id                   1 
_pdbx_struct_oper_list.type                 'identity operation' 
_pdbx_struct_oper_list.name                 1_555 
_pdbx_struct_oper_list.symmetry_operation   x,y,z 
_pdbx_struct_oper_list.matrix[1][1]         1.0000000000 
_pdbx_struct_oper_list.matrix[1][2]         0.0000000000 
_pdbx_struct_oper_list.matrix[1][3]         0.0000000000 
_pdbx_struct_oper_list.vector[1]            0.0000000000 
_pdbx_struct_oper_list.matrix[2][1]         0.0000000000 
_pdbx_struct_oper_list.matrix[2][2]         1.0000000000 
_pdbx_struct_oper_list.matrix[2][3]         0.0000000000 
_pdbx_struct_oper_list.vector[2]            0.0000000000 
_pdbx_struct_oper_list.matrix[3][1]         0.0000000000 
_pdbx_struct_oper_list.matrix[3][2]         0.0000000000 
_pdbx_struct_oper_list.matrix[3][3]         1.0000000000 
_pdbx_struct_oper_list.vector[3]            0.0000000000 
# 
_struct_conf.conf_type_id            HELX_P 
_struct_conf.id                      HELX_P1 
_struct_conf.pdbx_PDB_helix_id       AA1 
_struct_conf.beg_label_comp_id       PRO 
_struct_conf.beg_label_asym_id       A 
_struct_conf.beg_label_seq_id        41 
_struct_conf.pdbx_beg_PDB_ins_code   ? 
_struct_conf.end_label_comp_id       GLY 
_struct_conf.end_label_asym_id       A 
_struct_conf.end_label_seq_id        44 
_struct_conf.pdbx_end_PDB_ins_code   ? 
_struct_conf.beg_auth_comp_id        PRO 
_struct_conf.beg_auth_asym_id        A 
_struct_conf.beg_auth_seq_id         895 
_struct_conf.end_auth_comp_id        GLY 
_struct_conf.end_auth_asym_id        A 
_struct_conf.end_auth_seq_id         898 
_struct_conf.pdbx_PDB_helix_class    5 
_struct_conf.details                 ? 
_struct_conf.pdbx_PDB_helix_length   4 
# 
_struct_conf_type.id          HELX_P 
_struct_conf_type.criteria    ? 
_struct_conf_type.reference   ? 
# 
loop_
_struct_conn.id 
_struct_conn.conn_type_id 
_struct_conn.pdbx_leaving_atom_flag 
_struct_conn.pdbx_PDB_id 
_struct_conn.ptnr1_label_asym_id 
_struct_conn.ptnr1_label_comp_id 
_struct_conn.ptnr1_label_seq_id 
_struct_conn.ptnr1_label_atom_id 
_struct_conn.pdbx_ptnr1_label_alt_id 
_struct_conn.pdbx_ptnr1_PDB_ins_code 
_struct_conn.pdbx_ptnr1_standard_comp_id 
_struct_conn.ptnr1_symmetry 
_struct_conn.ptnr2_label_asym_id 
_struct_conn.ptnr2_label_comp_id 
_struct_conn.ptnr2_label_seq_id 
_struct_conn.ptnr2_label_atom_id 
_struct_conn.pdbx_ptnr2_label_alt_id 
_struct_conn.pdbx_ptnr2_PDB_ins_code 
_struct_conn.ptnr1_auth_asym_id 
_struct_conn.ptnr1_auth_comp_id 
_struct_conn.ptnr1_auth_seq_id 
_struct_conn.ptnr2_auth_asym_id 
_struct_conn.ptnr2_auth_comp_id 
_struct_conn.ptnr2_auth_seq_id 
_struct_conn.ptnr2_symmetry 
_struct_conn.pdbx_ptnr3_label_atom_id 
_struct_conn.pdbx_ptnr3_label_seq_id 
_struct_conn.pdbx_ptnr3_label_comp_id 
_struct_conn.pdbx_ptnr3_label_asym_id 
_struct_conn.pdbx_ptnr3_label_alt_id 
_struct_conn.pdbx_ptnr3_PDB_ins_code 
_struct_conn.details 
_struct_conn.pdbx_dist_value 
_struct_conn.pdbx_value_order 
_struct_conn.pdbx_role 
covale1  covale both ? B THR 3  C   ? ? ? 1_555 B ALY 4 N  ? ? P THR 3    P ALY 4    1_555 ? ? ? ? ? ? ? 1.326 ? ? 
covale2  covale both ? B ALY 4  C   ? ? ? 1_555 B GLN 5 N  ? ? P ALY 4    P GLN 5    1_555 ? ? ? ? ? ? ? 1.336 ? ? 
metalc1  metalc ?    ? A CYS 16 SG  ? ? ? 1_555 D ZN  . ZN ? ? A CYS 870  A ZN  1002 1_555 ? ? ? ? ? ? ? 2.329 ? ? 
metalc2  metalc ?    ? A CYS 19 SG  ? ? ? 1_555 D ZN  . ZN ? ? A CYS 873  A ZN  1002 1_555 ? ? ? ? ? ? ? 2.313 ? ? 
metalc3  metalc ?    ? A ASP 23 OD2 ? ? ? 1_555 E MG  . MG ? ? A ASP 877  A MG  1003 1_555 ? ? ? ? ? ? ? 2.363 ? ? 
metalc4  metalc ?    ? A CYS 31 SG  ? ? ? 1_555 C ZN  . ZN ? ? A CYS 885  A ZN  1001 1_555 ? ? ? ? ? ? ? 2.361 ? ? 
metalc5  metalc ?    ? A CYS 34 SG  ? ? ? 1_555 C ZN  . ZN ? ? A CYS 888  A ZN  1001 1_555 ? ? ? ? ? ? ? 2.269 ? ? 
metalc6  metalc ?    ? A HIS 39 ND1 ? ? ? 1_555 D ZN  . ZN ? ? A HIS 893  A ZN  1002 1_555 ? ? ? ? ? ? ? 2.156 ? ? 
metalc7  metalc ?    ? A CYS 42 SG  ? ? ? 1_555 D ZN  . ZN ? ? A CYS 896  A ZN  1002 1_555 ? ? ? ? ? ? ? 2.287 ? ? 
metalc8  metalc ?    ? A CYS 57 SG  ? ? ? 1_555 C ZN  . ZN ? ? A CYS 911  A ZN  1001 1_555 ? ? ? ? ? ? ? 2.309 ? ? 
metalc9  metalc ?    ? A CYS 60 SG  ? ? ? 1_555 C ZN  . ZN ? ? A CYS 914  A ZN  1001 1_555 ? ? ? ? ? ? ? 2.374 ? ? 
metalc10 metalc ?    ? A LYS 63 OXT ? ? ? 1_555 E MG  . MG ? ? A LYS 917  A MG  1003 6_555 ? ? ? ? ? ? ? 2.439 ? ? 
metalc11 metalc ?    ? E MG  .  MG  ? ? ? 1_555 F HOH . O  ? ? A MG  1003 A HOH 1121 8_455 ? ? ? ? ? ? ? 2.417 ? ? 
metalc12 metalc ?    ? E MG  .  MG  ? ? ? 1_555 F HOH . O  ? ? A MG  1003 A HOH 1122 3_554 ? ? ? ? ? ? ? 2.430 ? ? 
# 
loop_
_struct_conn_type.id 
_struct_conn_type.criteria 
_struct_conn_type.reference 
covale ? ? 
metalc ? ? 
# 
loop_
_pdbx_struct_conn_angle.id 
_pdbx_struct_conn_angle.ptnr1_label_atom_id 
_pdbx_struct_conn_angle.ptnr1_label_alt_id 
_pdbx_struct_conn_angle.ptnr1_label_asym_id 
_pdbx_struct_conn_angle.ptnr1_label_comp_id 
_pdbx_struct_conn_angle.ptnr1_label_seq_id 
_pdbx_struct_conn_angle.ptnr1_auth_atom_id 
_pdbx_struct_conn_angle.ptnr1_auth_asym_id 
_pdbx_struct_conn_angle.ptnr1_auth_comp_id 
_pdbx_struct_conn_angle.ptnr1_auth_seq_id 
_pdbx_struct_conn_angle.ptnr1_PDB_ins_code 
_pdbx_struct_conn_angle.ptnr1_symmetry 
_pdbx_struct_conn_angle.ptnr2_label_atom_id 
_pdbx_struct_conn_angle.ptnr2_label_alt_id 
_pdbx_struct_conn_angle.ptnr2_label_asym_id 
_pdbx_struct_conn_angle.ptnr2_label_comp_id 
_pdbx_struct_conn_angle.ptnr2_label_seq_id 
_pdbx_struct_conn_angle.ptnr2_auth_atom_id 
_pdbx_struct_conn_angle.ptnr2_auth_asym_id 
_pdbx_struct_conn_angle.ptnr2_auth_comp_id 
_pdbx_struct_conn_angle.ptnr2_auth_seq_id 
_pdbx_struct_conn_angle.ptnr2_PDB_ins_code 
_pdbx_struct_conn_angle.ptnr2_symmetry 
_pdbx_struct_conn_angle.ptnr3_label_atom_id 
_pdbx_struct_conn_angle.ptnr3_label_alt_id 
_pdbx_struct_conn_angle.ptnr3_label_asym_id 
_pdbx_struct_conn_angle.ptnr3_label_comp_id 
_pdbx_struct_conn_angle.ptnr3_label_seq_id 
_pdbx_struct_conn_angle.ptnr3_auth_atom_id 
_pdbx_struct_conn_angle.ptnr3_auth_asym_id 
_pdbx_struct_conn_angle.ptnr3_auth_comp_id 
_pdbx_struct_conn_angle.ptnr3_auth_seq_id 
_pdbx_struct_conn_angle.ptnr3_PDB_ins_code 
_pdbx_struct_conn_angle.ptnr3_symmetry 
_pdbx_struct_conn_angle.value 
_pdbx_struct_conn_angle.value_esd 
1  SG  ? A CYS 16 ? A CYS 870  ? 1_555 ZN ? D ZN . ? A ZN 1002 ? 1_555 SG  ? A CYS 19 ? A CYS 873  ? 1_555 113.8 ? 
2  SG  ? A CYS 16 ? A CYS 870  ? 1_555 ZN ? D ZN . ? A ZN 1002 ? 1_555 ND1 ? A HIS 39 ? A HIS 893  ? 1_555 101.0 ? 
3  SG  ? A CYS 19 ? A CYS 873  ? 1_555 ZN ? D ZN . ? A ZN 1002 ? 1_555 ND1 ? A HIS 39 ? A HIS 893  ? 1_555 96.8  ? 
4  SG  ? A CYS 16 ? A CYS 870  ? 1_555 ZN ? D ZN . ? A ZN 1002 ? 1_555 SG  ? A CYS 42 ? A CYS 896  ? 1_555 115.8 ? 
5  SG  ? A CYS 19 ? A CYS 873  ? 1_555 ZN ? D ZN . ? A ZN 1002 ? 1_555 SG  ? A CYS 42 ? A CYS 896  ? 1_555 112.3 ? 
6  ND1 ? A HIS 39 ? A HIS 893  ? 1_555 ZN ? D ZN . ? A ZN 1002 ? 1_555 SG  ? A CYS 42 ? A CYS 896  ? 1_555 115.2 ? 
7  OD2 ? A ASP 23 ? A ASP 877  ? 1_555 MG ? E MG . ? A MG 1003 ? 1_555 OXT ? A LYS 63 ? A LYS 917  ? 1_555 22.5  ? 
8  OD2 ? A ASP 23 ? A ASP 877  ? 1_555 MG ? E MG . ? A MG 1003 ? 1_555 O   ? F HOH .  ? A HOH 1121 ? 8_455 81.4  ? 
9  OXT ? A LYS 63 ? A LYS 917  ? 1_555 MG ? E MG . ? A MG 1003 ? 1_555 O   ? F HOH .  ? A HOH 1121 ? 8_455 101.9 ? 
10 OD2 ? A ASP 23 ? A ASP 877  ? 1_555 MG ? E MG . ? A MG 1003 ? 1_555 O   ? F HOH .  ? A HOH 1122 ? 3_554 131.8 ? 
11 OXT ? A LYS 63 ? A LYS 917  ? 1_555 MG ? E MG . ? A MG 1003 ? 1_555 O   ? F HOH .  ? A HOH 1122 ? 3_554 123.3 ? 
12 O   ? F HOH .  ? A HOH 1121 ? 8_455 MG ? E MG . ? A MG 1003 ? 1_555 O   ? F HOH .  ? A HOH 1122 ? 3_554 87.5  ? 
13 SG  ? A CYS 31 ? A CYS 885  ? 1_555 ZN ? C ZN . ? A ZN 1001 ? 1_555 SG  ? A CYS 34 ? A CYS 888  ? 1_555 110.9 ? 
14 SG  ? A CYS 31 ? A CYS 885  ? 1_555 ZN ? C ZN . ? A ZN 1001 ? 1_555 SG  ? A CYS 57 ? A CYS 911  ? 1_555 110.4 ? 
15 SG  ? A CYS 34 ? A CYS 888  ? 1_555 ZN ? C ZN . ? A ZN 1001 ? 1_555 SG  ? A CYS 57 ? A CYS 911  ? 1_555 110.6 ? 
16 SG  ? A CYS 31 ? A CYS 885  ? 1_555 ZN ? C ZN . ? A ZN 1001 ? 1_555 SG  ? A CYS 60 ? A CYS 914  ? 1_555 105.2 ? 
17 SG  ? A CYS 34 ? A CYS 888  ? 1_555 ZN ? C ZN . ? A ZN 1001 ? 1_555 SG  ? A CYS 60 ? A CYS 914  ? 1_555 111.6 ? 
18 SG  ? A CYS 57 ? A CYS 911  ? 1_555 ZN ? C ZN . ? A ZN 1001 ? 1_555 SG  ? A CYS 60 ? A CYS 914  ? 1_555 107.9 ? 
# 
_pdbx_modification_feature.ordinal                            1 
_pdbx_modification_feature.label_comp_id                      ALY 
_pdbx_modification_feature.label_asym_id                      B 
_pdbx_modification_feature.label_seq_id                       4 
_pdbx_modification_feature.label_alt_id                       ? 
_pdbx_modification_feature.modified_residue_label_comp_id     . 
_pdbx_modification_feature.modified_residue_label_asym_id     . 
_pdbx_modification_feature.modified_residue_label_seq_id      . 
_pdbx_modification_feature.modified_residue_label_alt_id      . 
_pdbx_modification_feature.auth_comp_id                       ALY 
_pdbx_modification_feature.auth_asym_id                       P 
_pdbx_modification_feature.auth_seq_id                        4 
_pdbx_modification_feature.PDB_ins_code                       ? 
_pdbx_modification_feature.symmetry                           1_555 
_pdbx_modification_feature.modified_residue_auth_comp_id      . 
_pdbx_modification_feature.modified_residue_auth_asym_id      . 
_pdbx_modification_feature.modified_residue_auth_seq_id       . 
_pdbx_modification_feature.modified_residue_PDB_ins_code      . 
_pdbx_modification_feature.modified_residue_symmetry          . 
_pdbx_modification_feature.comp_id_linking_atom               . 
_pdbx_modification_feature.modified_residue_id_linking_atom   . 
_pdbx_modification_feature.modified_residue_id                LYS 
_pdbx_modification_feature.ref_pcm_id                         1 
_pdbx_modification_feature.ref_comp_id                        ALY 
_pdbx_modification_feature.type                               Acetylation 
_pdbx_modification_feature.category                           'Named protein modification' 
# 
loop_
_struct_sheet.id 
_struct_sheet.type 
_struct_sheet.number_strands 
_struct_sheet.details 
AA1 ? 2 ? 
AA2 ? 3 ? 
# 
loop_
_struct_sheet_order.sheet_id 
_struct_sheet_order.range_id_1 
_struct_sheet_order.range_id_2 
_struct_sheet_order.offset 
_struct_sheet_order.sense 
AA1 1 2 ? anti-parallel 
AA2 1 2 ? anti-parallel 
AA2 2 3 ? anti-parallel 
# 
loop_
_struct_sheet_range.sheet_id 
_struct_sheet_range.id 
_struct_sheet_range.beg_label_comp_id 
_struct_sheet_range.beg_label_asym_id 
_struct_sheet_range.beg_label_seq_id 
_struct_sheet_range.pdbx_beg_PDB_ins_code 
_struct_sheet_range.end_label_comp_id 
_struct_sheet_range.end_label_asym_id 
_struct_sheet_range.end_label_seq_id 
_struct_sheet_range.pdbx_end_PDB_ins_code 
_struct_sheet_range.beg_auth_comp_id 
_struct_sheet_range.beg_auth_asym_id 
_struct_sheet_range.beg_auth_seq_id 
_struct_sheet_range.end_auth_comp_id 
_struct_sheet_range.end_auth_asym_id 
_struct_sheet_range.end_auth_seq_id 
AA1 1 VAL A 4  ? ARG A 6  ? VAL A 858 ARG A 860 
AA1 2 GLN A 12 ? TRP A 14 ? GLN A 866 TRP A 868 
AA2 1 TRP A 37 ? HIS A 39 ? TRP A 891 HIS A 893 
AA2 2 MET A 28 ? GLY A 30 ? MET A 882 GLY A 884 
AA2 3 ARG B 2  ? ALY B 4  ? ARG P 2   ALY P 4   
# 
loop_
_pdbx_struct_sheet_hbond.sheet_id 
_pdbx_struct_sheet_hbond.range_id_1 
_pdbx_struct_sheet_hbond.range_id_2 
_pdbx_struct_sheet_hbond.range_1_label_atom_id 
_pdbx_struct_sheet_hbond.range_1_label_comp_id 
_pdbx_struct_sheet_hbond.range_1_label_asym_id 
_pdbx_struct_sheet_hbond.range_1_label_seq_id 
_pdbx_struct_sheet_hbond.range_1_PDB_ins_code 
_pdbx_struct_sheet_hbond.range_1_auth_atom_id 
_pdbx_struct_sheet_hbond.range_1_auth_comp_id 
_pdbx_struct_sheet_hbond.range_1_auth_asym_id 
_pdbx_struct_sheet_hbond.range_1_auth_seq_id 
_pdbx_struct_sheet_hbond.range_2_label_atom_id 
_pdbx_struct_sheet_hbond.range_2_label_comp_id 
_pdbx_struct_sheet_hbond.range_2_label_asym_id 
_pdbx_struct_sheet_hbond.range_2_label_seq_id 
_pdbx_struct_sheet_hbond.range_2_PDB_ins_code 
_pdbx_struct_sheet_hbond.range_2_auth_atom_id 
_pdbx_struct_sheet_hbond.range_2_auth_comp_id 
_pdbx_struct_sheet_hbond.range_2_auth_asym_id 
_pdbx_struct_sheet_hbond.range_2_auth_seq_id 
AA1 1 2 N ILE A 5  ? N ILE A 859 O ILE A 13 ? O ILE A 867 
AA2 1 2 O TYR A 38 ? O TYR A 892 N ILE A 29 ? N ILE A 883 
AA2 2 3 N MET A 28 ? N MET A 882 O ALY B 4  ? O ALY P 4   
# 
loop_
_struct_site.id 
_struct_site.pdbx_evidence_code 
_struct_site.pdbx_auth_asym_id 
_struct_site.pdbx_auth_comp_id 
_struct_site.pdbx_auth_seq_id 
_struct_site.pdbx_auth_ins_code 
_struct_site.pdbx_num_residues 
_struct_site.details 
AC1 Software A ZN  1001 ? 4  'binding site for residue ZN A 1001'                                        
AC2 Software A ZN  1002 ? 4  'binding site for residue ZN A 1002'                                        
AC3 Software A MG  1003 ? 6  'binding site for residue MG A 1003'                                        
AC4 Software P ALY 4    ? 16 'binding site for Ligand residues ALY P 4 through GLN P 5 bound to THR P 3' 
# 
loop_
_struct_site_gen.id 
_struct_site_gen.site_id 
_struct_site_gen.pdbx_num_res 
_struct_site_gen.label_comp_id 
_struct_site_gen.label_asym_id 
_struct_site_gen.label_seq_id 
_struct_site_gen.pdbx_auth_ins_code 
_struct_site_gen.auth_comp_id 
_struct_site_gen.auth_asym_id 
_struct_site_gen.auth_seq_id 
_struct_site_gen.label_atom_id 
_struct_site_gen.label_alt_id 
_struct_site_gen.symmetry 
_struct_site_gen.details 
1  AC1 4  CYS A 31 ? CYS A 885  . ? 1_555 ? 
2  AC1 4  CYS A 34 ? CYS A 888  . ? 1_555 ? 
3  AC1 4  CYS A 57 ? CYS A 911  . ? 1_555 ? 
4  AC1 4  CYS A 60 ? CYS A 914  . ? 1_555 ? 
5  AC2 4  CYS A 16 ? CYS A 870  . ? 1_555 ? 
6  AC2 4  CYS A 19 ? CYS A 873  . ? 1_555 ? 
7  AC2 4  HIS A 39 ? HIS A 893  . ? 1_555 ? 
8  AC2 4  CYS A 42 ? CYS A 896  . ? 1_555 ? 
9  AC3 6  TRP A 9  ? TRP A 863  . ? 3_554 ? 
10 AC3 6  ASP A 23 ? ASP A 877  . ? 1_555 ? 
11 AC3 6  LYS A 63 ? LYS A 917  . ? 6_554 ? 
12 AC3 6  HOH F .  ? HOH A 1121 . ? 8_455 ? 
13 AC3 6  HOH F .  ? HOH A 1122 . ? 3_554 ? 
14 AC3 6  GLN B 5  ? GLN P 5    . ? 1_555 ? 
15 AC4 16 GLU A 8  ? GLU A 862  . ? 3_554 ? 
16 AC4 16 TRP A 9  ? TRP A 863  . ? 3_554 ? 
17 AC4 16 ASP A 23 ? ASP A 877  . ? 1_555 ? 
18 AC4 16 GLY A 25 ? GLY A 879  . ? 1_555 ? 
19 AC4 16 SER A 26 ? SER A 880  . ? 1_555 ? 
20 AC4 16 PRO A 27 ? PRO A 881  . ? 1_555 ? 
21 AC4 16 MET A 28 ? MET A 882  . ? 1_555 ? 
22 AC4 16 TRP A 37 ? TRP A 891  . ? 1_555 ? 
23 AC4 16 ASN A 62 ? ASN A 916  . ? 6_554 ? 
24 AC4 16 LYS A 63 ? LYS A 917  . ? 6_554 ? 
25 AC4 16 MG  E .  ? MG  A 1003 . ? 1_555 ? 
26 AC4 16 HOH F .  ? HOH A 1122 . ? 3_554 ? 
27 AC4 16 THR B 3  ? THR P 3    . ? 1_555 ? 
28 AC4 16 THR B 6  ? THR P 6    . ? 1_555 ? 
29 AC4 16 HOH G .  ? HOH P 101  . ? 1_555 ? 
30 AC4 16 HOH G .  ? HOH P 106  . ? 1_555 ? 
# 
_pdbx_entry_details.entry_id                   5WXG 
_pdbx_entry_details.compound_details           ? 
_pdbx_entry_details.source_details             ? 
_pdbx_entry_details.nonpolymer_details         ? 
_pdbx_entry_details.sequence_details           ? 
_pdbx_entry_details.has_ligand_of_interest     ? 
_pdbx_entry_details.has_protein_modification   Y 
# 
_pdbx_validate_torsion.id              1 
_pdbx_validate_torsion.PDB_model_num   1 
_pdbx_validate_torsion.auth_comp_id    ASP 
_pdbx_validate_torsion.auth_asym_id    A 
_pdbx_validate_torsion.auth_seq_id     887 
_pdbx_validate_torsion.PDB_ins_code    ? 
_pdbx_validate_torsion.label_alt_id    ? 
_pdbx_validate_torsion.phi             -106.89 
_pdbx_validate_torsion.psi             -67.88 
# 
_pdbx_struct_special_symmetry.id              1 
_pdbx_struct_special_symmetry.PDB_model_num   1 
_pdbx_struct_special_symmetry.auth_asym_id    A 
_pdbx_struct_special_symmetry.auth_comp_id    HOH 
_pdbx_struct_special_symmetry.auth_seq_id     1162 
_pdbx_struct_special_symmetry.PDB_ins_code    ? 
_pdbx_struct_special_symmetry.label_asym_id   F 
_pdbx_struct_special_symmetry.label_comp_id   HOH 
_pdbx_struct_special_symmetry.label_seq_id    . 
# 
loop_
_chem_comp_atom.comp_id 
_chem_comp_atom.atom_id 
_chem_comp_atom.type_symbol 
_chem_comp_atom.pdbx_aromatic_flag 
_chem_comp_atom.pdbx_stereo_config 
_chem_comp_atom.pdbx_ordinal 
ALA N    N  N N 1   
ALA CA   C  N S 2   
ALA C    C  N N 3   
ALA O    O  N N 4   
ALA CB   C  N N 5   
ALA OXT  O  N N 6   
ALA H    H  N N 7   
ALA H2   H  N N 8   
ALA HA   H  N N 9   
ALA HB1  H  N N 10  
ALA HB2  H  N N 11  
ALA HB3  H  N N 12  
ALA HXT  H  N N 13  
ALY OH   O  N N 14  
ALY CH   C  N N 15  
ALY CH3  C  N N 16  
ALY NZ   N  N N 17  
ALY CE   C  N N 18  
ALY CD   C  N N 19  
ALY CG   C  N N 20  
ALY CB   C  N N 21  
ALY CA   C  N S 22  
ALY N    N  N N 23  
ALY C    C  N N 24  
ALY O    O  N N 25  
ALY OXT  O  N N 26  
ALY HH31 H  N N 27  
ALY HH32 H  N N 28  
ALY HH33 H  N N 29  
ALY HZ   H  N N 30  
ALY HE3  H  N N 31  
ALY HE2  H  N N 32  
ALY HD3  H  N N 33  
ALY HD2  H  N N 34  
ALY HG3  H  N N 35  
ALY HG2  H  N N 36  
ALY HB3  H  N N 37  
ALY HB2  H  N N 38  
ALY HA   H  N N 39  
ALY H    H  N N 40  
ALY H2   H  N N 41  
ALY HXT  H  N N 42  
ARG N    N  N N 43  
ARG CA   C  N S 44  
ARG C    C  N N 45  
ARG O    O  N N 46  
ARG CB   C  N N 47  
ARG CG   C  N N 48  
ARG CD   C  N N 49  
ARG NE   N  N N 50  
ARG CZ   C  N N 51  
ARG NH1  N  N N 52  
ARG NH2  N  N N 53  
ARG OXT  O  N N 54  
ARG H    H  N N 55  
ARG H2   H  N N 56  
ARG HA   H  N N 57  
ARG HB2  H  N N 58  
ARG HB3  H  N N 59  
ARG HG2  H  N N 60  
ARG HG3  H  N N 61  
ARG HD2  H  N N 62  
ARG HD3  H  N N 63  
ARG HE   H  N N 64  
ARG HH11 H  N N 65  
ARG HH12 H  N N 66  
ARG HH21 H  N N 67  
ARG HH22 H  N N 68  
ARG HXT  H  N N 69  
ASN N    N  N N 70  
ASN CA   C  N S 71  
ASN C    C  N N 72  
ASN O    O  N N 73  
ASN CB   C  N N 74  
ASN CG   C  N N 75  
ASN OD1  O  N N 76  
ASN ND2  N  N N 77  
ASN OXT  O  N N 78  
ASN H    H  N N 79  
ASN H2   H  N N 80  
ASN HA   H  N N 81  
ASN HB2  H  N N 82  
ASN HB3  H  N N 83  
ASN HD21 H  N N 84  
ASN HD22 H  N N 85  
ASN HXT  H  N N 86  
ASP N    N  N N 87  
ASP CA   C  N S 88  
ASP C    C  N N 89  
ASP O    O  N N 90  
ASP CB   C  N N 91  
ASP CG   C  N N 92  
ASP OD1  O  N N 93  
ASP OD2  O  N N 94  
ASP OXT  O  N N 95  
ASP H    H  N N 96  
ASP H2   H  N N 97  
ASP HA   H  N N 98  
ASP HB2  H  N N 99  
ASP HB3  H  N N 100 
ASP HD2  H  N N 101 
ASP HXT  H  N N 102 
CYS N    N  N N 103 
CYS CA   C  N R 104 
CYS C    C  N N 105 
CYS O    O  N N 106 
CYS CB   C  N N 107 
CYS SG   S  N N 108 
CYS OXT  O  N N 109 
CYS H    H  N N 110 
CYS H2   H  N N 111 
CYS HA   H  N N 112 
CYS HB2  H  N N 113 
CYS HB3  H  N N 114 
CYS HG   H  N N 115 
CYS HXT  H  N N 116 
GLN N    N  N N 117 
GLN CA   C  N S 118 
GLN C    C  N N 119 
GLN O    O  N N 120 
GLN CB   C  N N 121 
GLN CG   C  N N 122 
GLN CD   C  N N 123 
GLN OE1  O  N N 124 
GLN NE2  N  N N 125 
GLN OXT  O  N N 126 
GLN H    H  N N 127 
GLN H2   H  N N 128 
GLN HA   H  N N 129 
GLN HB2  H  N N 130 
GLN HB3  H  N N 131 
GLN HG2  H  N N 132 
GLN HG3  H  N N 133 
GLN HE21 H  N N 134 
GLN HE22 H  N N 135 
GLN HXT  H  N N 136 
GLU N    N  N N 137 
GLU CA   C  N S 138 
GLU C    C  N N 139 
GLU O    O  N N 140 
GLU CB   C  N N 141 
GLU CG   C  N N 142 
GLU CD   C  N N 143 
GLU OE1  O  N N 144 
GLU OE2  O  N N 145 
GLU OXT  O  N N 146 
GLU H    H  N N 147 
GLU H2   H  N N 148 
GLU HA   H  N N 149 
GLU HB2  H  N N 150 
GLU HB3  H  N N 151 
GLU HG2  H  N N 152 
GLU HG3  H  N N 153 
GLU HE2  H  N N 154 
GLU HXT  H  N N 155 
GLY N    N  N N 156 
GLY CA   C  N N 157 
GLY C    C  N N 158 
GLY O    O  N N 159 
GLY OXT  O  N N 160 
GLY H    H  N N 161 
GLY H2   H  N N 162 
GLY HA2  H  N N 163 
GLY HA3  H  N N 164 
GLY HXT  H  N N 165 
HIS N    N  N N 166 
HIS CA   C  N S 167 
HIS C    C  N N 168 
HIS O    O  N N 169 
HIS CB   C  N N 170 
HIS CG   C  Y N 171 
HIS ND1  N  Y N 172 
HIS CD2  C  Y N 173 
HIS CE1  C  Y N 174 
HIS NE2  N  Y N 175 
HIS OXT  O  N N 176 
HIS H    H  N N 177 
HIS H2   H  N N 178 
HIS HA   H  N N 179 
HIS HB2  H  N N 180 
HIS HB3  H  N N 181 
HIS HD1  H  N N 182 
HIS HD2  H  N N 183 
HIS HE1  H  N N 184 
HIS HE2  H  N N 185 
HIS HXT  H  N N 186 
HOH O    O  N N 187 
HOH H1   H  N N 188 
HOH H2   H  N N 189 
ILE N    N  N N 190 
ILE CA   C  N S 191 
ILE C    C  N N 192 
ILE O    O  N N 193 
ILE CB   C  N S 194 
ILE CG1  C  N N 195 
ILE CG2  C  N N 196 
ILE CD1  C  N N 197 
ILE OXT  O  N N 198 
ILE H    H  N N 199 
ILE H2   H  N N 200 
ILE HA   H  N N 201 
ILE HB   H  N N 202 
ILE HG12 H  N N 203 
ILE HG13 H  N N 204 
ILE HG21 H  N N 205 
ILE HG22 H  N N 206 
ILE HG23 H  N N 207 
ILE HD11 H  N N 208 
ILE HD12 H  N N 209 
ILE HD13 H  N N 210 
ILE HXT  H  N N 211 
LYS N    N  N N 212 
LYS CA   C  N S 213 
LYS C    C  N N 214 
LYS O    O  N N 215 
LYS CB   C  N N 216 
LYS CG   C  N N 217 
LYS CD   C  N N 218 
LYS CE   C  N N 219 
LYS NZ   N  N N 220 
LYS OXT  O  N N 221 
LYS H    H  N N 222 
LYS H2   H  N N 223 
LYS HA   H  N N 224 
LYS HB2  H  N N 225 
LYS HB3  H  N N 226 
LYS HG2  H  N N 227 
LYS HG3  H  N N 228 
LYS HD2  H  N N 229 
LYS HD3  H  N N 230 
LYS HE2  H  N N 231 
LYS HE3  H  N N 232 
LYS HZ1  H  N N 233 
LYS HZ2  H  N N 234 
LYS HZ3  H  N N 235 
LYS HXT  H  N N 236 
MET N    N  N N 237 
MET CA   C  N S 238 
MET C    C  N N 239 
MET O    O  N N 240 
MET CB   C  N N 241 
MET CG   C  N N 242 
MET SD   S  N N 243 
MET CE   C  N N 244 
MET OXT  O  N N 245 
MET H    H  N N 246 
MET H2   H  N N 247 
MET HA   H  N N 248 
MET HB2  H  N N 249 
MET HB3  H  N N 250 
MET HG2  H  N N 251 
MET HG3  H  N N 252 
MET HE1  H  N N 253 
MET HE2  H  N N 254 
MET HE3  H  N N 255 
MET HXT  H  N N 256 
MG  MG   MG N N 257 
PHE N    N  N N 258 
PHE CA   C  N S 259 
PHE C    C  N N 260 
PHE O    O  N N 261 
PHE CB   C  N N 262 
PHE CG   C  Y N 263 
PHE CD1  C  Y N 264 
PHE CD2  C  Y N 265 
PHE CE1  C  Y N 266 
PHE CE2  C  Y N 267 
PHE CZ   C  Y N 268 
PHE OXT  O  N N 269 
PHE H    H  N N 270 
PHE H2   H  N N 271 
PHE HA   H  N N 272 
PHE HB2  H  N N 273 
PHE HB3  H  N N 274 
PHE HD1  H  N N 275 
PHE HD2  H  N N 276 
PHE HE1  H  N N 277 
PHE HE2  H  N N 278 
PHE HZ   H  N N 279 
PHE HXT  H  N N 280 
PRO N    N  N N 281 
PRO CA   C  N S 282 
PRO C    C  N N 283 
PRO O    O  N N 284 
PRO CB   C  N N 285 
PRO CG   C  N N 286 
PRO CD   C  N N 287 
PRO OXT  O  N N 288 
PRO H    H  N N 289 
PRO HA   H  N N 290 
PRO HB2  H  N N 291 
PRO HB3  H  N N 292 
PRO HG2  H  N N 293 
PRO HG3  H  N N 294 
PRO HD2  H  N N 295 
PRO HD3  H  N N 296 
PRO HXT  H  N N 297 
SER N    N  N N 298 
SER CA   C  N S 299 
SER C    C  N N 300 
SER O    O  N N 301 
SER CB   C  N N 302 
SER OG   O  N N 303 
SER OXT  O  N N 304 
SER H    H  N N 305 
SER H2   H  N N 306 
SER HA   H  N N 307 
SER HB2  H  N N 308 
SER HB3  H  N N 309 
SER HG   H  N N 310 
SER HXT  H  N N 311 
THR N    N  N N 312 
THR CA   C  N S 313 
THR C    C  N N 314 
THR O    O  N N 315 
THR CB   C  N R 316 
THR OG1  O  N N 317 
THR CG2  C  N N 318 
THR OXT  O  N N 319 
THR H    H  N N 320 
THR H2   H  N N 321 
THR HA   H  N N 322 
THR HB   H  N N 323 
THR HG1  H  N N 324 
THR HG21 H  N N 325 
THR HG22 H  N N 326 
THR HG23 H  N N 327 
THR HXT  H  N N 328 
TRP N    N  N N 329 
TRP CA   C  N S 330 
TRP C    C  N N 331 
TRP O    O  N N 332 
TRP CB   C  N N 333 
TRP CG   C  Y N 334 
TRP CD1  C  Y N 335 
TRP CD2  C  Y N 336 
TRP NE1  N  Y N 337 
TRP CE2  C  Y N 338 
TRP CE3  C  Y N 339 
TRP CZ2  C  Y N 340 
TRP CZ3  C  Y N 341 
TRP CH2  C  Y N 342 
TRP OXT  O  N N 343 
TRP H    H  N N 344 
TRP H2   H  N N 345 
TRP HA   H  N N 346 
TRP HB2  H  N N 347 
TRP HB3  H  N N 348 
TRP HD1  H  N N 349 
TRP HE1  H  N N 350 
TRP HE3  H  N N 351 
TRP HZ2  H  N N 352 
TRP HZ3  H  N N 353 
TRP HH2  H  N N 354 
TRP HXT  H  N N 355 
TYR N    N  N N 356 
TYR CA   C  N S 357 
TYR C    C  N N 358 
TYR O    O  N N 359 
TYR CB   C  N N 360 
TYR CG   C  Y N 361 
TYR CD1  C  Y N 362 
TYR CD2  C  Y N 363 
TYR CE1  C  Y N 364 
TYR CE2  C  Y N 365 
TYR CZ   C  Y N 366 
TYR OH   O  N N 367 
TYR OXT  O  N N 368 
TYR H    H  N N 369 
TYR H2   H  N N 370 
TYR HA   H  N N 371 
TYR HB2  H  N N 372 
TYR HB3  H  N N 373 
TYR HD1  H  N N 374 
TYR HD2  H  N N 375 
TYR HE1  H  N N 376 
TYR HE2  H  N N 377 
TYR HH   H  N N 378 
TYR HXT  H  N N 379 
VAL N    N  N N 380 
VAL CA   C  N S 381 
VAL C    C  N N 382 
VAL O    O  N N 383 
VAL CB   C  N N 384 
VAL CG1  C  N N 385 
VAL CG2  C  N N 386 
VAL OXT  O  N N 387 
VAL H    H  N N 388 
VAL H2   H  N N 389 
VAL HA   H  N N 390 
VAL HB   H  N N 391 
VAL HG11 H  N N 392 
VAL HG12 H  N N 393 
VAL HG13 H  N N 394 
VAL HG21 H  N N 395 
VAL HG22 H  N N 396 
VAL HG23 H  N N 397 
VAL HXT  H  N N 398 
ZN  ZN   ZN N N 399 
# 
loop_
_chem_comp_bond.comp_id 
_chem_comp_bond.atom_id_1 
_chem_comp_bond.atom_id_2 
_chem_comp_bond.value_order 
_chem_comp_bond.pdbx_aromatic_flag 
_chem_comp_bond.pdbx_stereo_config 
_chem_comp_bond.pdbx_ordinal 
ALA N   CA   sing N N 1   
ALA N   H    sing N N 2   
ALA N   H2   sing N N 3   
ALA CA  C    sing N N 4   
ALA CA  CB   sing N N 5   
ALA CA  HA   sing N N 6   
ALA C   O    doub N N 7   
ALA C   OXT  sing N N 8   
ALA CB  HB1  sing N N 9   
ALA CB  HB2  sing N N 10  
ALA CB  HB3  sing N N 11  
ALA OXT HXT  sing N N 12  
ALY OH  CH   doub N N 13  
ALY CH  CH3  sing N N 14  
ALY CH  NZ   sing N N 15  
ALY CH3 HH31 sing N N 16  
ALY CH3 HH32 sing N N 17  
ALY CH3 HH33 sing N N 18  
ALY NZ  CE   sing N N 19  
ALY NZ  HZ   sing N N 20  
ALY CE  CD   sing N N 21  
ALY CE  HE3  sing N N 22  
ALY CE  HE2  sing N N 23  
ALY CD  CG   sing N N 24  
ALY CD  HD3  sing N N 25  
ALY CD  HD2  sing N N 26  
ALY CG  CB   sing N N 27  
ALY CG  HG3  sing N N 28  
ALY CG  HG2  sing N N 29  
ALY CB  CA   sing N N 30  
ALY CB  HB3  sing N N 31  
ALY CB  HB2  sing N N 32  
ALY CA  N    sing N N 33  
ALY CA  C    sing N N 34  
ALY CA  HA   sing N N 35  
ALY N   H    sing N N 36  
ALY N   H2   sing N N 37  
ALY C   O    doub N N 38  
ALY C   OXT  sing N N 39  
ALY OXT HXT  sing N N 40  
ARG N   CA   sing N N 41  
ARG N   H    sing N N 42  
ARG N   H2   sing N N 43  
ARG CA  C    sing N N 44  
ARG CA  CB   sing N N 45  
ARG CA  HA   sing N N 46  
ARG C   O    doub N N 47  
ARG C   OXT  sing N N 48  
ARG CB  CG   sing N N 49  
ARG CB  HB2  sing N N 50  
ARG CB  HB3  sing N N 51  
ARG CG  CD   sing N N 52  
ARG CG  HG2  sing N N 53  
ARG CG  HG3  sing N N 54  
ARG CD  NE   sing N N 55  
ARG CD  HD2  sing N N 56  
ARG CD  HD3  sing N N 57  
ARG NE  CZ   sing N N 58  
ARG NE  HE   sing N N 59  
ARG CZ  NH1  sing N N 60  
ARG CZ  NH2  doub N N 61  
ARG NH1 HH11 sing N N 62  
ARG NH1 HH12 sing N N 63  
ARG NH2 HH21 sing N N 64  
ARG NH2 HH22 sing N N 65  
ARG OXT HXT  sing N N 66  
ASN N   CA   sing N N 67  
ASN N   H    sing N N 68  
ASN N   H2   sing N N 69  
ASN CA  C    sing N N 70  
ASN CA  CB   sing N N 71  
ASN CA  HA   sing N N 72  
ASN C   O    doub N N 73  
ASN C   OXT  sing N N 74  
ASN CB  CG   sing N N 75  
ASN CB  HB2  sing N N 76  
ASN CB  HB3  sing N N 77  
ASN CG  OD1  doub N N 78  
ASN CG  ND2  sing N N 79  
ASN ND2 HD21 sing N N 80  
ASN ND2 HD22 sing N N 81  
ASN OXT HXT  sing N N 82  
ASP N   CA   sing N N 83  
ASP N   H    sing N N 84  
ASP N   H2   sing N N 85  
ASP CA  C    sing N N 86  
ASP CA  CB   sing N N 87  
ASP CA  HA   sing N N 88  
ASP C   O    doub N N 89  
ASP C   OXT  sing N N 90  
ASP CB  CG   sing N N 91  
ASP CB  HB2  sing N N 92  
ASP CB  HB3  sing N N 93  
ASP CG  OD1  doub N N 94  
ASP CG  OD2  sing N N 95  
ASP OD2 HD2  sing N N 96  
ASP OXT HXT  sing N N 97  
CYS N   CA   sing N N 98  
CYS N   H    sing N N 99  
CYS N   H2   sing N N 100 
CYS CA  C    sing N N 101 
CYS CA  CB   sing N N 102 
CYS CA  HA   sing N N 103 
CYS C   O    doub N N 104 
CYS C   OXT  sing N N 105 
CYS CB  SG   sing N N 106 
CYS CB  HB2  sing N N 107 
CYS CB  HB3  sing N N 108 
CYS SG  HG   sing N N 109 
CYS OXT HXT  sing N N 110 
GLN N   CA   sing N N 111 
GLN N   H    sing N N 112 
GLN N   H2   sing N N 113 
GLN CA  C    sing N N 114 
GLN CA  CB   sing N N 115 
GLN CA  HA   sing N N 116 
GLN C   O    doub N N 117 
GLN C   OXT  sing N N 118 
GLN CB  CG   sing N N 119 
GLN CB  HB2  sing N N 120 
GLN CB  HB3  sing N N 121 
GLN CG  CD   sing N N 122 
GLN CG  HG2  sing N N 123 
GLN CG  HG3  sing N N 124 
GLN CD  OE1  doub N N 125 
GLN CD  NE2  sing N N 126 
GLN NE2 HE21 sing N N 127 
GLN NE2 HE22 sing N N 128 
GLN OXT HXT  sing N N 129 
GLU N   CA   sing N N 130 
GLU N   H    sing N N 131 
GLU N   H2   sing N N 132 
GLU CA  C    sing N N 133 
GLU CA  CB   sing N N 134 
GLU CA  HA   sing N N 135 
GLU C   O    doub N N 136 
GLU C   OXT  sing N N 137 
GLU CB  CG   sing N N 138 
GLU CB  HB2  sing N N 139 
GLU CB  HB3  sing N N 140 
GLU CG  CD   sing N N 141 
GLU CG  HG2  sing N N 142 
GLU CG  HG3  sing N N 143 
GLU CD  OE1  doub N N 144 
GLU CD  OE2  sing N N 145 
GLU OE2 HE2  sing N N 146 
GLU OXT HXT  sing N N 147 
GLY N   CA   sing N N 148 
GLY N   H    sing N N 149 
GLY N   H2   sing N N 150 
GLY CA  C    sing N N 151 
GLY CA  HA2  sing N N 152 
GLY CA  HA3  sing N N 153 
GLY C   O    doub N N 154 
GLY C   OXT  sing N N 155 
GLY OXT HXT  sing N N 156 
HIS N   CA   sing N N 157 
HIS N   H    sing N N 158 
HIS N   H2   sing N N 159 
HIS CA  C    sing N N 160 
HIS CA  CB   sing N N 161 
HIS CA  HA   sing N N 162 
HIS C   O    doub N N 163 
HIS C   OXT  sing N N 164 
HIS CB  CG   sing N N 165 
HIS CB  HB2  sing N N 166 
HIS CB  HB3  sing N N 167 
HIS CG  ND1  sing Y N 168 
HIS CG  CD2  doub Y N 169 
HIS ND1 CE1  doub Y N 170 
HIS ND1 HD1  sing N N 171 
HIS CD2 NE2  sing Y N 172 
HIS CD2 HD2  sing N N 173 
HIS CE1 NE2  sing Y N 174 
HIS CE1 HE1  sing N N 175 
HIS NE2 HE2  sing N N 176 
HIS OXT HXT  sing N N 177 
HOH O   H1   sing N N 178 
HOH O   H2   sing N N 179 
ILE N   CA   sing N N 180 
ILE N   H    sing N N 181 
ILE N   H2   sing N N 182 
ILE CA  C    sing N N 183 
ILE CA  CB   sing N N 184 
ILE CA  HA   sing N N 185 
ILE C   O    doub N N 186 
ILE C   OXT  sing N N 187 
ILE CB  CG1  sing N N 188 
ILE CB  CG2  sing N N 189 
ILE CB  HB   sing N N 190 
ILE CG1 CD1  sing N N 191 
ILE CG1 HG12 sing N N 192 
ILE CG1 HG13 sing N N 193 
ILE CG2 HG21 sing N N 194 
ILE CG2 HG22 sing N N 195 
ILE CG2 HG23 sing N N 196 
ILE CD1 HD11 sing N N 197 
ILE CD1 HD12 sing N N 198 
ILE CD1 HD13 sing N N 199 
ILE OXT HXT  sing N N 200 
LYS N   CA   sing N N 201 
LYS N   H    sing N N 202 
LYS N   H2   sing N N 203 
LYS CA  C    sing N N 204 
LYS CA  CB   sing N N 205 
LYS CA  HA   sing N N 206 
LYS C   O    doub N N 207 
LYS C   OXT  sing N N 208 
LYS CB  CG   sing N N 209 
LYS CB  HB2  sing N N 210 
LYS CB  HB3  sing N N 211 
LYS CG  CD   sing N N 212 
LYS CG  HG2  sing N N 213 
LYS CG  HG3  sing N N 214 
LYS CD  CE   sing N N 215 
LYS CD  HD2  sing N N 216 
LYS CD  HD3  sing N N 217 
LYS CE  NZ   sing N N 218 
LYS CE  HE2  sing N N 219 
LYS CE  HE3  sing N N 220 
LYS NZ  HZ1  sing N N 221 
LYS NZ  HZ2  sing N N 222 
LYS NZ  HZ3  sing N N 223 
LYS OXT HXT  sing N N 224 
MET N   CA   sing N N 225 
MET N   H    sing N N 226 
MET N   H2   sing N N 227 
MET CA  C    sing N N 228 
MET CA  CB   sing N N 229 
MET CA  HA   sing N N 230 
MET C   O    doub N N 231 
MET C   OXT  sing N N 232 
MET CB  CG   sing N N 233 
MET CB  HB2  sing N N 234 
MET CB  HB3  sing N N 235 
MET CG  SD   sing N N 236 
MET CG  HG2  sing N N 237 
MET CG  HG3  sing N N 238 
MET SD  CE   sing N N 239 
MET CE  HE1  sing N N 240 
MET CE  HE2  sing N N 241 
MET CE  HE3  sing N N 242 
MET OXT HXT  sing N N 243 
PHE N   CA   sing N N 244 
PHE N   H    sing N N 245 
PHE N   H2   sing N N 246 
PHE CA  C    sing N N 247 
PHE CA  CB   sing N N 248 
PHE CA  HA   sing N N 249 
PHE C   O    doub N N 250 
PHE C   OXT  sing N N 251 
PHE CB  CG   sing N N 252 
PHE CB  HB2  sing N N 253 
PHE CB  HB3  sing N N 254 
PHE CG  CD1  doub Y N 255 
PHE CG  CD2  sing Y N 256 
PHE CD1 CE1  sing Y N 257 
PHE CD1 HD1  sing N N 258 
PHE CD2 CE2  doub Y N 259 
PHE CD2 HD2  sing N N 260 
PHE CE1 CZ   doub Y N 261 
PHE CE1 HE1  sing N N 262 
PHE CE2 CZ   sing Y N 263 
PHE CE2 HE2  sing N N 264 
PHE CZ  HZ   sing N N 265 
PHE OXT HXT  sing N N 266 
PRO N   CA   sing N N 267 
PRO N   CD   sing N N 268 
PRO N   H    sing N N 269 
PRO CA  C    sing N N 270 
PRO CA  CB   sing N N 271 
PRO CA  HA   sing N N 272 
PRO C   O    doub N N 273 
PRO C   OXT  sing N N 274 
PRO CB  CG   sing N N 275 
PRO CB  HB2  sing N N 276 
PRO CB  HB3  sing N N 277 
PRO CG  CD   sing N N 278 
PRO CG  HG2  sing N N 279 
PRO CG  HG3  sing N N 280 
PRO CD  HD2  sing N N 281 
PRO CD  HD3  sing N N 282 
PRO OXT HXT  sing N N 283 
SER N   CA   sing N N 284 
SER N   H    sing N N 285 
SER N   H2   sing N N 286 
SER CA  C    sing N N 287 
SER CA  CB   sing N N 288 
SER CA  HA   sing N N 289 
SER C   O    doub N N 290 
SER C   OXT  sing N N 291 
SER CB  OG   sing N N 292 
SER CB  HB2  sing N N 293 
SER CB  HB3  sing N N 294 
SER OG  HG   sing N N 295 
SER OXT HXT  sing N N 296 
THR N   CA   sing N N 297 
THR N   H    sing N N 298 
THR N   H2   sing N N 299 
THR CA  C    sing N N 300 
THR CA  CB   sing N N 301 
THR CA  HA   sing N N 302 
THR C   O    doub N N 303 
THR C   OXT  sing N N 304 
THR CB  OG1  sing N N 305 
THR CB  CG2  sing N N 306 
THR CB  HB   sing N N 307 
THR OG1 HG1  sing N N 308 
THR CG2 HG21 sing N N 309 
THR CG2 HG22 sing N N 310 
THR CG2 HG23 sing N N 311 
THR OXT HXT  sing N N 312 
TRP N   CA   sing N N 313 
TRP N   H    sing N N 314 
TRP N   H2   sing N N 315 
TRP CA  C    sing N N 316 
TRP CA  CB   sing N N 317 
TRP CA  HA   sing N N 318 
TRP C   O    doub N N 319 
TRP C   OXT  sing N N 320 
TRP CB  CG   sing N N 321 
TRP CB  HB2  sing N N 322 
TRP CB  HB3  sing N N 323 
TRP CG  CD1  doub Y N 324 
TRP CG  CD2  sing Y N 325 
TRP CD1 NE1  sing Y N 326 
TRP CD1 HD1  sing N N 327 
TRP CD2 CE2  doub Y N 328 
TRP CD2 CE3  sing Y N 329 
TRP NE1 CE2  sing Y N 330 
TRP NE1 HE1  sing N N 331 
TRP CE2 CZ2  sing Y N 332 
TRP CE3 CZ3  doub Y N 333 
TRP CE3 HE3  sing N N 334 
TRP CZ2 CH2  doub Y N 335 
TRP CZ2 HZ2  sing N N 336 
TRP CZ3 CH2  sing Y N 337 
TRP CZ3 HZ3  sing N N 338 
TRP CH2 HH2  sing N N 339 
TRP OXT HXT  sing N N 340 
TYR N   CA   sing N N 341 
TYR N   H    sing N N 342 
TYR N   H2   sing N N 343 
TYR CA  C    sing N N 344 
TYR CA  CB   sing N N 345 
TYR CA  HA   sing N N 346 
TYR C   O    doub N N 347 
TYR C   OXT  sing N N 348 
TYR CB  CG   sing N N 349 
TYR CB  HB2  sing N N 350 
TYR CB  HB3  sing N N 351 
TYR CG  CD1  doub Y N 352 
TYR CG  CD2  sing Y N 353 
TYR CD1 CE1  sing Y N 354 
TYR CD1 HD1  sing N N 355 
TYR CD2 CE2  doub Y N 356 
TYR CD2 HD2  sing N N 357 
TYR CE1 CZ   doub Y N 358 
TYR CE1 HE1  sing N N 359 
TYR CE2 CZ   sing Y N 360 
TYR CE2 HE2  sing N N 361 
TYR CZ  OH   sing N N 362 
TYR OH  HH   sing N N 363 
TYR OXT HXT  sing N N 364 
VAL N   CA   sing N N 365 
VAL N   H    sing N N 366 
VAL N   H2   sing N N 367 
VAL CA  C    sing N N 368 
VAL CA  CB   sing N N 369 
VAL CA  HA   sing N N 370 
VAL C   O    doub N N 371 
VAL C   OXT  sing N N 372 
VAL CB  CG1  sing N N 373 
VAL CB  CG2  sing N N 374 
VAL CB  HB   sing N N 375 
VAL CG1 HG11 sing N N 376 
VAL CG1 HG12 sing N N 377 
VAL CG1 HG13 sing N N 378 
VAL CG2 HG21 sing N N 379 
VAL CG2 HG22 sing N N 380 
VAL CG2 HG23 sing N N 381 
VAL OXT HXT  sing N N 382 
# 
_atom_sites.entry_id                    5WXG 
_atom_sites.fract_transf_matrix[1][1]   0.01759051 
_atom_sites.fract_transf_matrix[1][2]   0.00006962 
_atom_sites.fract_transf_matrix[1][3]   -0.00880215 
_atom_sites.fract_transf_matrix[2][1]   0.00763116 
_atom_sites.fract_transf_matrix[2][2]   -0.00830471 
_atom_sites.fract_transf_matrix[2][3]   0.01518468 
_atom_sites.fract_transf_matrix[3][1]   -0.00357773 
_atom_sites.fract_transf_matrix[3][2]   -0.01660073 
_atom_sites.fract_transf_matrix[3][3]   -0.00728116 
_atom_sites.fract_transf_vector[1]      0.231067 
_atom_sites.fract_transf_vector[2]      0.269216 
_atom_sites.fract_transf_vector[3]      -0.061689 
# 
loop_
_atom_type.symbol 
C  
MG 
N  
O  
S  
ZN 
# 
loop_
_atom_site.group_PDB 
_atom_site.id 
_atom_site.type_symbol 
_atom_site.label_atom_id 
_atom_site.label_alt_id 
_atom_site.label_comp_id 
_atom_site.label_asym_id 
_atom_site.label_entity_id 
_atom_site.label_seq_id 
_atom_site.pdbx_PDB_ins_code 
_atom_site.Cartn_x 
_atom_site.Cartn_y 
_atom_site.Cartn_z 
_atom_site.occupancy 
_atom_site.B_iso_or_equiv 
_atom_site.pdbx_formal_charge 
_atom_site.auth_seq_id 
_atom_site.auth_comp_id 
_atom_site.auth_asym_id 
_atom_site.auth_atom_id 
_atom_site.pdbx_PDB_model_num 
ATOM   1   N  N   . SER A 1 1  ? -7.785  0.236   -3.568  1.00 27.06 ? 855  SER A N   1 
ATOM   2   C  CA  . SER A 1 1  ? -8.736  1.183   -4.169  1.00 36.07 ? 855  SER A CA  1 
ATOM   3   C  C   . SER A 1 1  ? -10.205 0.723   -4.048  1.00 33.51 ? 855  SER A C   1 
ATOM   4   O  O   . SER A 1 1  ? -11.057 1.493   -3.598  1.00 36.26 ? 855  SER A O   1 
ATOM   5   C  CB  . SER A 1 1  ? -8.390  1.434   -5.635  1.00 40.94 ? 855  SER A CB  1 
ATOM   6   O  OG  . SER A 1 1  ? -8.964  2.656   -6.076  1.00 48.70 ? 855  SER A OG  1 
ATOM   7   N  N   . MET A 1 2  ? -10.511 -0.507  -4.473  1.00 32.38 ? 856  MET A N   1 
ATOM   8   C  CA  . MET A 1 2  ? -11.705 -1.187  -3.974  1.00 31.52 ? 856  MET A CA  1 
ATOM   9   C  C   . MET A 1 2  ? -11.489 -1.684  -2.551  1.00 25.12 ? 856  MET A C   1 
ATOM   10  O  O   . MET A 1 2  ? -12.445 -2.056  -1.856  1.00 27.67 ? 856  MET A O   1 
ATOM   11  C  CB  . MET A 1 2  ? -12.070 -2.358  -4.894  1.00 37.40 ? 856  MET A CB  1 
ATOM   12  C  CG  . MET A 1 2  ? -13.369 -3.064  -4.539  1.00 41.02 ? 856  MET A CG  1 
ATOM   13  S  SD  . MET A 1 2  ? -14.553 -3.036  -5.894  1.00 62.09 ? 856  MET A SD  1 
ATOM   14  C  CE  . MET A 1 2  ? -14.440 -1.322  -6.416  1.00 44.43 ? 856  MET A CE  1 
ATOM   15  N  N   . TYR A 1 3  ? -10.237 -1.689  -2.127  1.00 22.95 ? 857  TYR A N   1 
ATOM   16  C  CA  . TYR A 1 3  ? -9.817  -2.025  -0.778  1.00 21.06 ? 857  TYR A CA  1 
ATOM   17  C  C   . TYR A 1 3  ? -9.796  -0.763  0.088   1.00 18.75 ? 857  TYR A C   1 
ATOM   18  O  O   . TYR A 1 3  ? -8.759  -0.359  0.617   1.00 18.88 ? 857  TYR A O   1 
ATOM   19  C  CB  . TYR A 1 3  ? -8.437  -2.665  -0.835  1.00 20.48 ? 857  TYR A CB  1 
ATOM   20  C  CG  . TYR A 1 3  ? -8.367  -4.028  -1.480  1.00 19.16 ? 857  TYR A CG  1 
ATOM   21  C  CD1 . TYR A 1 3  ? -8.210  -4.166  -2.860  1.00 22.88 ? 857  TYR A CD1 1 
ATOM   22  C  CD2 . TYR A 1 3  ? -8.380  -5.174  -0.698  1.00 19.55 ? 857  TYR A CD2 1 
ATOM   23  C  CE1 . TYR A 1 3  ? -8.111  -5.432  -3.443  1.00 23.23 ? 857  TYR A CE1 1 
ATOM   24  C  CE2 . TYR A 1 3  ? -8.294  -6.428  -1.260  1.00 20.75 ? 857  TYR A CE2 1 
ATOM   25  C  CZ  . TYR A 1 3  ? -8.146  -6.553  -2.632  1.00 25.45 ? 857  TYR A CZ  1 
ATOM   26  O  OH  . TYR A 1 3  ? -8.054  -7.817  -3.177  1.00 23.71 ? 857  TYR A OH  1 
ATOM   27  N  N   . VAL A 1 4  ? -10.951 -0.099  0.160   1.00 20.19 ? 858  VAL A N   1 
ATOM   28  C  CA  . VAL A 1 4  ? -11.101 1.138   0.926   1.00 18.24 ? 858  VAL A CA  1 
ATOM   29  C  C   . VAL A 1 4  ? -12.432 1.102   1.659   1.00 20.62 ? 858  VAL A C   1 
ATOM   30  O  O   . VAL A 1 4  ? -13.453 0.690   1.093   1.00 21.68 ? 858  VAL A O   1 
ATOM   31  C  CB  . VAL A 1 4  ? -11.026 2.390   0.027   1.00 17.70 ? 858  VAL A CB  1 
ATOM   32  C  CG1 . VAL A 1 4  ? -11.195 3.655   0.859   1.00 20.06 ? 858  VAL A CG1 1 
ATOM   33  C  CG2 . VAL A 1 4  ? -9.688  2.464   -0.706  1.00 20.33 ? 858  VAL A CG2 1 
ATOM   34  N  N   . ILE A 1 5  ? -12.422 1.543   2.920   1.00 15.79 ? 859  ILE A N   1 
ATOM   35  C  CA  . ILE A 1 5  ? -13.626 1.675   3.732   1.00 14.94 ? 859  ILE A CA  1 
ATOM   36  C  C   . ILE A 1 5  ? -13.610 3.069   4.337   1.00 15.50 ? 859  ILE A C   1 
ATOM   37  O  O   . ILE A 1 5  ? -12.604 3.765   4.293   1.00 15.34 ? 859  ILE A O   1 
ATOM   38  C  CB  . ILE A 1 5  ? -13.718 0.609   4.838   1.00 14.81 ? 859  ILE A CB  1 
ATOM   39  C  CG1 . ILE A 1 5  ? -12.570 0.765   5.835   1.00 16.36 ? 859  ILE A CG1 1 
ATOM   40  C  CG2 . ILE A 1 5  ? -13.703 -0.801  4.220   1.00 15.90 ? 859  ILE A CG2 1 
ATOM   41  C  CD1 . ILE A 1 5  ? -12.629 -0.181  6.987   1.00 18.35 ? 859  ILE A CD1 1 
ATOM   42  N  N   . ARG A 1 6  ? -14.743 3.476   4.915   1.00 14.19 ? 860  ARG A N   1 
ATOM   43  C  CA  . ARG A 1 6  ? -14.862 4.827   5.455   1.00 15.50 ? 860  ARG A CA  1 
ATOM   44  C  C   . ARG A 1 6  ? -15.180 4.786   6.945   1.00 16.97 ? 860  ARG A C   1 
ATOM   45  O  O   . ARG A 1 6  ? -15.738 3.802   7.444   1.00 15.90 ? 860  ARG A O   1 
ATOM   46  C  CB  . ARG A 1 6  ? -15.932 5.627   4.703   1.00 21.00 ? 860  ARG A CB  1 
ATOM   47  C  CG  . ARG A 1 6  ? -15.462 6.087   3.322   1.00 24.56 ? 860  ARG A CG  1 
ATOM   48  C  CD  . ARG A 1 6  ? -16.493 6.969   2.626   1.00 33.97 ? 860  ARG A CD  1 
ATOM   49  N  NE  . ARG A 1 6  ? -16.114 7.246   1.241   1.00 37.90 ? 860  ARG A NE  1 
ATOM   50  C  CZ  . ARG A 1 6  ? -15.618 8.400   0.802   1.00 36.02 ? 860  ARG A CZ  1 
ATOM   51  N  NH1 . ARG A 1 6  ? -15.440 9.418   1.636   1.00 37.61 ? 860  ARG A NH1 1 
ATOM   52  N  NH2 . ARG A 1 6  ? -15.309 8.540   -0.482  1.00 38.09 ? 860  ARG A NH2 1 
ATOM   53  N  N   . ASP A 1 7  ? -14.786 5.851   7.661   1.00 14.95 ? 861  ASP A N   1 
ATOM   54  C  CA  . ASP A 1 7  ? -15.147 5.998   9.067   1.00 17.18 ? 861  ASP A CA  1 
ATOM   55  C  C   . ASP A 1 7  ? -16.339 6.953   9.209   1.00 16.72 ? 861  ASP A C   1 
ATOM   56  O  O   . ASP A 1 7  ? -16.968 7.360   8.225   1.00 15.20 ? 861  ASP A O   1 
ATOM   57  C  CB  . ASP A 1 7  ? -13.935 6.429   9.923   1.00 18.47 ? 861  ASP A CB  1 
ATOM   58  C  CG  . ASP A 1 7  ? -13.477 7.884   9.686   1.00 17.38 ? 861  ASP A CG  1 
ATOM   59  O  OD1 . ASP A 1 7  ? -14.133 8.638   8.938   1.00 16.72 ? 861  ASP A OD1 1 
ATOM   60  O  OD2 . ASP A 1 7  ? -12.437 8.281   10.287  1.00 17.88 ? 861  ASP A OD2 1 
ATOM   61  N  N   . GLU A 1 8  ? -16.677 7.292   10.455  1.00 14.78 ? 862  GLU A N   1 
ATOM   62  C  CA  . GLU A 1 8  ? -17.873 8.091   10.716  1.00 18.66 ? 862  GLU A CA  1 
ATOM   63  C  C   . GLU A 1 8  ? -17.757 9.503   10.175  1.00 18.53 ? 862  GLU A C   1 
ATOM   64  O  O   . GLU A 1 8  ? -18.784 10.161  9.972   1.00 18.77 ? 862  GLU A O   1 
ATOM   65  C  CB  . GLU A 1 8  ? -18.152 8.165   12.213  1.00 19.28 ? 862  GLU A CB  1 
ATOM   66  C  CG  . GLU A 1 8  ? -19.044 7.076   12.725  1.00 23.39 ? 862  GLU A CG  1 
ATOM   67  C  CD  . GLU A 1 8  ? -19.421 7.289   14.174  1.00 24.28 ? 862  GLU A CD  1 
ATOM   68  O  OE1 . GLU A 1 8  ? -18.517 7.454   15.013  1.00 18.26 ? 862  GLU A OE1 1 
ATOM   69  O  OE2 . GLU A 1 8  ? -20.634 7.289   14.471  1.00 27.66 ? 862  GLU A OE2 1 
ATOM   70  N  N   . TRP A 1 9  ? -16.533 9.980   9.959   1.00 15.26 ? 863  TRP A N   1 
ATOM   71  C  CA  . TRP A 1 9  ? -16.259 11.324  9.470   1.00 15.50 ? 863  TRP A CA  1 
ATOM   72  C  C   . TRP A 1 9  ? -16.194 11.400  7.954   1.00 16.92 ? 863  TRP A C   1 
ATOM   73  O  O   . TRP A 1 9  ? -16.061 12.496  7.411   1.00 18.51 ? 863  TRP A O   1 
ATOM   74  C  CB  . TRP A 1 9  ? -14.935 11.828  10.038  1.00 15.99 ? 863  TRP A CB  1 
ATOM   75  C  CG  . TRP A 1 9  ? -14.844 11.721  11.524  1.00 17.23 ? 863  TRP A CG  1 
ATOM   76  C  CD1 . TRP A 1 9  ? -14.503 10.619  12.254  1.00 15.30 ? 863  TRP A CD1 1 
ATOM   77  C  CD2 . TRP A 1 9  ? -15.080 12.772  12.468  1.00 15.93 ? 863  TRP A CD2 1 
ATOM   78  N  NE1 . TRP A 1 9  ? -14.533 10.915  13.598  1.00 16.80 ? 863  TRP A NE1 1 
ATOM   79  C  CE2 . TRP A 1 9  ? -14.874 12.235  13.753  1.00 15.45 ? 863  TRP A CE2 1 
ATOM   80  C  CE3 . TRP A 1 9  ? -15.447 14.110  12.346  1.00 15.09 ? 863  TRP A CE3 1 
ATOM   81  C  CZ2 . TRP A 1 9  ? -15.016 12.997  14.911  1.00 16.00 ? 863  TRP A CZ2 1 
ATOM   82  C  CZ3 . TRP A 1 9  ? -15.600 14.868  13.507  1.00 15.93 ? 863  TRP A CZ3 1 
ATOM   83  C  CH2 . TRP A 1 9  ? -15.375 14.308  14.764  1.00 14.69 ? 863  TRP A CH2 1 
ATOM   84  N  N   . GLY A 1 10 ? -16.285 10.271  7.263   1.00 14.48 ? 864  GLY A N   1 
ATOM   85  C  CA  . GLY A 1 10 ? -16.107 10.252  5.834   1.00 16.12 ? 864  GLY A CA  1 
ATOM   86  C  C   . GLY A 1 10 ? -14.678 10.041  5.400   1.00 16.66 ? 864  GLY A C   1 
ATOM   87  O  O   . GLY A 1 10 ? -14.399 10.087  4.194   1.00 18.87 ? 864  GLY A O   1 
ATOM   88  N  N   . ASN A 1 11 ? -13.766 9.823   6.342   1.00 15.07 ? 865  ASN A N   1 
ATOM   89  C  CA  . ASN A 1 11 ? -12.385 9.535   5.991   1.00 13.66 ? 865  ASN A CA  1 
ATOM   90  C  C   . ASN A 1 11 ? -12.295 8.143   5.386   1.00 14.64 ? 865  ASN A C   1 
ATOM   91  O  O   . ASN A 1 11 ? -13.146 7.287   5.615   1.00 15.11 ? 865  ASN A O   1 
ATOM   92  C  CB  . ASN A 1 11 ? -11.484 9.620   7.217   1.00 14.55 ? 865  ASN A CB  1 
ATOM   93  C  CG  . ASN A 1 11 ? -11.426 11.021  7.795   1.00 15.82 ? 865  ASN A CG  1 
ATOM   94  O  OD1 . ASN A 1 11 ? -11.360 11.998  7.054   1.00 17.05 ? 865  ASN A OD1 1 
ATOM   95  N  ND2 . ASN A 1 11 ? -11.478 11.124  9.117   1.00 16.26 ? 865  ASN A ND2 1 
ATOM   96  N  N   . GLN A 1 12 ? -11.250 7.929   4.597   1.00 16.97 ? 866  GLN A N   1 
ATOM   97  C  CA  . GLN A 1 12 ? -11.006 6.668   3.916   1.00 15.35 ? 866  GLN A CA  1 
ATOM   98  C  C   . GLN A 1 12 ? -9.867  5.930   4.596   1.00 15.22 ? 866  GLN A C   1 
ATOM   99  O  O   . GLN A 1 12 ? -8.858  6.531   4.965   1.00 16.64 ? 866  GLN A O   1 
ATOM   100 C  CB  . GLN A 1 12 ? -10.656 6.908   2.449   1.00 21.18 ? 866  GLN A CB  1 
ATOM   101 C  CG  . GLN A 1 12 ? -11.800 7.506   1.660   1.00 23.68 ? 866  GLN A CG  1 
ATOM   102 C  CD  . GLN A 1 12 ? -11.376 8.000   0.297   1.00 26.70 ? 866  GLN A CD  1 
ATOM   103 O  OE1 . GLN A 1 12 ? -10.486 8.842   0.173   1.00 31.69 ? 866  GLN A OE1 1 
ATOM   104 N  NE2 . GLN A 1 12 ? -12.019 7.487   -0.736  1.00 28.93 ? 866  GLN A NE2 1 
ATOM   105 N  N   . ILE A 1 13 ? -10.028 4.624   4.758   1.00 14.88 ? 867  ILE A N   1 
ATOM   106 C  CA  . ILE A 1 13 ? -8.980  3.774   5.309   1.00 15.08 ? 867  ILE A CA  1 
ATOM   107 C  C   . ILE A 1 13 ? -8.704  2.692   4.276   1.00 14.03 ? 867  ILE A C   1 
ATOM   108 O  O   . ILE A 1 13 ? -9.629  1.996   3.847   1.00 15.78 ? 867  ILE A O   1 
ATOM   109 C  CB  . ILE A 1 13 ? -9.378  3.163   6.666   1.00 15.34 ? 867  ILE A CB  1 
ATOM   110 C  CG1 . ILE A 1 13 ? -9.669  4.266   7.694   1.00 19.36 ? 867  ILE A CG1 1 
ATOM   111 C  CG2 . ILE A 1 13 ? -8.241  2.335   7.213   1.00 15.61 ? 867  ILE A CG2 1 
ATOM   112 C  CD1 . ILE A 1 13 ? -11.113 4.720   7.722   1.00 20.60 ? 867  ILE A CD1 1 
ATOM   113 N  N   . TRP A 1 14 ? -7.453  2.579   3.848   1.00 13.12 ? 868  TRP A N   1 
ATOM   114 C  CA  . TRP A 1 14 ? -7.121  1.599   2.826   1.00 13.82 ? 868  TRP A CA  1 
ATOM   115 C  C   . TRP A 1 14 ? -6.876  0.241   3.459   1.00 13.90 ? 868  TRP A C   1 
ATOM   116 O  O   . TRP A 1 14 ? -6.406  0.145   4.593   1.00 13.77 ? 868  TRP A O   1 
ATOM   117 C  CB  . TRP A 1 14 ? -5.889  2.047   2.047   1.00 14.52 ? 868  TRP A CB  1 
ATOM   118 C  CG  . TRP A 1 14 ? -6.164  3.040   0.938   1.00 16.45 ? 868  TRP A CG  1 
ATOM   119 C  CD1 . TRP A 1 14 ? -6.042  2.809   -0.406  1.00 18.40 ? 868  TRP A CD1 1 
ATOM   120 C  CD2 . TRP A 1 14 ? -6.573  4.415   1.073   1.00 15.39 ? 868  TRP A CD2 1 
ATOM   121 N  NE1 . TRP A 1 14 ? -6.352  3.948   -1.114  1.00 20.05 ? 868  TRP A NE1 1 
ATOM   122 C  CE2 . TRP A 1 14 ? -6.677  4.947   -0.233  1.00 19.27 ? 868  TRP A CE2 1 
ATOM   123 C  CE3 . TRP A 1 14 ? -6.849  5.247   2.166   1.00 17.01 ? 868  TRP A CE3 1 
ATOM   124 C  CZ2 . TRP A 1 14 ? -7.055  6.266   -0.475  1.00 18.97 ? 868  TRP A CZ2 1 
ATOM   125 C  CZ3 . TRP A 1 14 ? -7.221  6.565   1.926   1.00 19.05 ? 868  TRP A CZ3 1 
ATOM   126 C  CH2 . TRP A 1 14 ? -7.323  7.060   0.615   1.00 21.63 ? 868  TRP A CH2 1 
ATOM   127 N  N   . ILE A 1 15 ? -7.200  -0.817  2.708   1.00 15.00 ? 869  ILE A N   1 
ATOM   128 C  CA  . ILE A 1 15 ? -7.002  -2.200  3.134   1.00 13.47 ? 869  ILE A CA  1 
ATOM   129 C  C   . ILE A 1 15 ? -5.876  -2.788  2.296   1.00 13.04 ? 869  ILE A C   1 
ATOM   130 O  O   . ILE A 1 15 ? -5.854  -2.602  1.077   1.00 16.20 ? 869  ILE A O   1 
ATOM   131 C  CB  . ILE A 1 15 ? -8.283  -3.045  2.974   1.00 15.45 ? 869  ILE A CB  1 
ATOM   132 C  CG1 . ILE A 1 15 ? -9.494  -2.382  3.643   1.00 23.14 ? 869  ILE A CG1 1 
ATOM   133 C  CG2 . ILE A 1 15 ? -8.079  -4.455  3.528   1.00 19.48 ? 869  ILE A CG2 1 
ATOM   134 C  CD1 . ILE A 1 15 ? -9.280  -2.019  5.070   1.00 20.26 ? 869  ILE A CD1 1 
ATOM   135 N  N   . CYS A 1 16 ? -4.963  -3.493  2.940   1.00 13.22 ? 870  CYS A N   1 
ATOM   136 C  CA  . CYS A 1 16 ? -3.849  -4.155  2.248   1.00 13.53 ? 870  CYS A CA  1 
ATOM   137 C  C   . CYS A 1 16 ? -4.338  -5.408  1.525   1.00 15.78 ? 870  CYS A C   1 
ATOM   138 O  O   . CYS A 1 16 ? -4.842  -6.327  2.178   1.00 17.07 ? 870  CYS A O   1 
ATOM   139 C  CB  . CYS A 1 16 ? -2.775  -4.510  3.270   1.00 13.90 ? 870  CYS A CB  1 
ATOM   140 S  SG  . CYS A 1 16 ? -1.364  -5.450  2.634   1.00 15.80 ? 870  CYS A SG  1 
ATOM   141 N  N   . PRO A 1 17 ? -4.226  -5.496  0.199   1.00 17.39 ? 871  PRO A N   1 
ATOM   142 C  CA  . PRO A 1 17 ? -4.660  -6.733  -0.472  1.00 15.50 ? 871  PRO A CA  1 
ATOM   143 C  C   . PRO A 1 17 ? -3.789  -7.929  -0.139  1.00 19.91 ? 871  PRO A C   1 
ATOM   144 O  O   . PRO A 1 17 ? -4.218  -9.063  -0.382  1.00 19.19 ? 871  PRO A O   1 
ATOM   145 C  CB  . PRO A 1 17 ? -4.585  -6.375  -1.963  1.00 17.11 ? 871  PRO A CB  1 
ATOM   146 C  CG  . PRO A 1 17 ? -4.563  -4.825  -1.983  1.00 14.94 ? 871  PRO A CG  1 
ATOM   147 C  CD  . PRO A 1 17 ? -3.783  -4.475  -0.760  1.00 14.57 ? 871  PRO A CD  1 
ATOM   148 N  N   . GLY A 1 18 ? -2.583  -7.718  0.400   1.00 17.13 ? 872  GLY A N   1 
ATOM   149 C  CA  . GLY A 1 18 ? -1.700  -8.839  0.684   1.00 20.46 ? 872  GLY A CA  1 
ATOM   150 C  C   . GLY A 1 18 ? -2.118  -9.628  1.910   1.00 23.26 ? 872  GLY A C   1 
ATOM   151 O  O   . GLY A 1 18 ? -2.107  -10.862 1.894   1.00 22.01 ? 872  GLY A O   1 
ATOM   152 N  N   . CYS A 1 19 ? -2.494  -8.934  2.989   1.00 18.30 ? 873  CYS A N   1 
ATOM   153 C  CA  . CYS A 1 19 ? -2.964  -9.594  4.196   1.00 16.67 ? 873  CYS A CA  1 
ATOM   154 C  C   . CYS A 1 19 ? -4.459  -9.423  4.425   1.00 17.54 ? 873  CYS A C   1 
ATOM   155 O  O   . CYS A 1 19 ? -4.997  -10.062 5.334   1.00 19.06 ? 873  CYS A O   1 
ATOM   156 C  CB  . CYS A 1 19 ? -2.194  -9.072  5.419   1.00 19.42 ? 873  CYS A CB  1 
ATOM   157 S  SG  . CYS A 1 19 ? -2.516  -7.331  5.837   1.00 16.31 ? 873  CYS A SG  1 
ATOM   158 N  N   . ASN A 1 20 ? -5.128  -8.579  3.633   1.00 14.48 ? 874  ASN A N   1 
ATOM   159 C  CA  . ASN A 1 20 ? -6.563  -8.285  3.710   1.00 17.34 ? 874  ASN A CA  1 
ATOM   160 C  C   . ASN A 1 20 ? -6.961  -7.566  4.995   1.00 20.01 ? 874  ASN A C   1 
ATOM   161 O  O   . ASN A 1 20 ? -8.151  -7.561  5.362   1.00 19.18 ? 874  ASN A O   1 
ATOM   162 C  CB  . ASN A 1 20 ? -7.399  -9.557  3.496   1.00 17.79 ? 874  ASN A CB  1 
ATOM   163 C  CG  . ASN A 1 20 ? -7.390  -9.994  2.047   1.00 20.23 ? 874  ASN A CG  1 
ATOM   164 O  OD1 . ASN A 1 20 ? -7.762  -9.221  1.164   1.00 21.99 ? 874  ASN A OD1 1 
ATOM   165 N  ND2 . ASN A 1 20 ? -6.910  -11.213 1.780   1.00 25.94 ? 874  ASN A ND2 1 
ATOM   166 N  N   . LYS A 1 21 ? -6.008  -6.905  5.655   1.00 17.35 ? 875  LYS A N   1 
ATOM   167 C  CA  . LYS A 1 21 ? -6.253  -6.149  6.872   1.00 17.61 ? 875  LYS A CA  1 
ATOM   168 C  C   . LYS A 1 21 ? -6.004  -4.655  6.670   1.00 17.61 ? 875  LYS A C   1 
ATOM   169 O  O   . LYS A 1 21 ? -5.239  -4.252  5.786   1.00 16.33 ? 875  LYS A O   1 
ATOM   170 C  CB  . LYS A 1 21 ? -5.372  -6.663  8.017   1.00 20.97 ? 875  LYS A CB  1 
ATOM   171 C  CG  . LYS A 1 21 ? -5.568  -8.128  8.299   1.00 22.05 ? 875  LYS A CG  1 
ATOM   172 C  CD  . LYS A 1 21 ? -4.655  -8.582  9.404   1.00 29.53 ? 875  LYS A CD  1 
ATOM   173 C  CE  . LYS A 1 21 ? -4.715  -10.087 9.521   1.00 32.53 ? 875  LYS A CE  1 
ATOM   174 N  NZ  . LYS A 1 21 ? -3.625  -10.591 10.388  1.00 41.59 ? 875  LYS A NZ  1 
ATOM   175 N  N   . PRO A 1 22 ? -6.628  -3.811  7.489   1.00 16.56 ? 876  PRO A N   1 
ATOM   176 C  CA  . PRO A 1 22 ? -6.551  -2.359  7.283   1.00 16.31 ? 876  PRO A CA  1 
ATOM   177 C  C   . PRO A 1 22 ? -5.176  -1.774  7.551   1.00 16.33 ? 876  PRO A C   1 
ATOM   178 O  O   . PRO A 1 22 ? -4.328  -2.358  8.233   1.00 18.93 ? 876  PRO A O   1 
ATOM   179 C  CB  . PRO A 1 22 ? -7.556  -1.798  8.296   1.00 17.74 ? 876  PRO A CB  1 
ATOM   180 C  CG  . PRO A 1 22 ? -8.443  -2.920  8.639   1.00 20.95 ? 876  PRO A CG  1 
ATOM   181 C  CD  . PRO A 1 22 ? -7.653  -4.183  8.478   1.00 17.86 ? 876  PRO A CD  1 
ATOM   182 N  N   . ASP A 1 23 ? -4.980  -0.577  6.998   1.00 15.11 ? 877  ASP A N   1 
ATOM   183 C  CA  . ASP A 1 23 ? -3.983  0.371   7.482   1.00 16.03 ? 877  ASP A CA  1 
ATOM   184 C  C   . ASP A 1 23 ? -4.026  0.431   9.003   1.00 18.65 ? 877  ASP A C   1 
ATOM   185 O  O   . ASP A 1 23 ? -5.066  0.722   9.592   1.00 18.19 ? 877  ASP A O   1 
ATOM   186 C  CB  . ASP A 1 23 ? -4.292  1.740   6.863   1.00 15.85 ? 877  ASP A CB  1 
ATOM   187 C  CG  . ASP A 1 23 ? -3.468  2.885   7.430   1.00 18.72 ? 877  ASP A CG  1 
ATOM   188 O  OD1 . ASP A 1 23 ? -2.566  2.678   8.259   1.00 21.14 ? 877  ASP A OD1 1 
ATOM   189 O  OD2 . ASP A 1 23 ? -3.733  4.024   6.997   1.00 17.14 ? 877  ASP A OD2 1 
ATOM   190 N  N   . ASP A 1 24 ? -2.905  0.104   9.645   1.00 16.76 ? 878  ASP A N   1 
ATOM   191 C  CA  . ASP A 1 24 ? -2.813  0.153   11.099  1.00 18.88 ? 878  ASP A CA  1 
ATOM   192 C  C   . ASP A 1 24 ? -1.787  1.173   11.566  1.00 20.53 ? 878  ASP A C   1 
ATOM   193 O  O   . ASP A 1 24 ? -1.276  1.064   12.684  1.00 20.62 ? 878  ASP A O   1 
ATOM   194 C  CB  . ASP A 1 24 ? -2.487  -1.232  11.670  1.00 19.13 ? 878  ASP A CB  1 
ATOM   195 C  CG  . ASP A 1 24 ? -1.170  -1.795  11.150  1.00 25.95 ? 878  ASP A CG  1 
ATOM   196 O  OD1 . ASP A 1 24 ? -0.428  -1.076  10.444  1.00 22.09 ? 878  ASP A OD1 1 
ATOM   197 O  OD2 . ASP A 1 24 ? -0.874  -2.974  11.456  1.00 28.46 ? 878  ASP A OD2 1 
ATOM   198 N  N   . GLY A 1 25 ? -1.464  2.154   10.722  1.00 19.57 ? 879  GLY A N   1 
ATOM   199 C  CA  . GLY A 1 25 ? -0.488  3.175   11.049  1.00 17.91 ? 879  GLY A CA  1 
ATOM   200 C  C   . GLY A 1 25 ? 0.943   2.852   10.670  1.00 21.41 ? 879  GLY A C   1 
ATOM   201 O  O   . GLY A 1 25 ? 1.810   3.729   10.790  1.00 18.66 ? 879  GLY A O   1 
ATOM   202 N  N   . SER A 1 26 ? 1.218   1.632   10.220  1.00 17.23 ? 880  SER A N   1 
ATOM   203 C  CA  . SER A 1 26 ? 2.571   1.229   9.847   1.00 19.80 ? 880  SER A CA  1 
ATOM   204 C  C   . SER A 1 26 ? 2.844   1.617   8.399   1.00 18.32 ? 880  SER A C   1 
ATOM   205 O  O   . SER A 1 26 ? 1.933   2.003   7.669   1.00 16.77 ? 880  SER A O   1 
ATOM   206 C  CB  . SER A 1 26 ? 2.731   -0.270  10.091  1.00 18.11 ? 880  SER A CB  1 
ATOM   207 O  OG  . SER A 1 26 ? 1.796   -1.028  9.351   1.00 21.35 ? 880  SER A OG  1 
ATOM   208 N  N   . PRO A 1 27 ? 4.101   1.529   7.951   1.00 16.11 ? 881  PRO A N   1 
ATOM   209 C  CA  . PRO A 1 27 ? 4.444   2.035   6.612   1.00 17.29 ? 881  PRO A CA  1 
ATOM   210 C  C   . PRO A 1 27 ? 3.704   1.292   5.511   1.00 17.37 ? 881  PRO A C   1 
ATOM   211 O  O   . PRO A 1 27 ? 3.481   0.083   5.593   1.00 14.99 ? 881  PRO A O   1 
ATOM   212 C  CB  . PRO A 1 27 ? 5.951   1.787   6.516   1.00 17.96 ? 881  PRO A CB  1 
ATOM   213 C  CG  . PRO A 1 27 ? 6.419   1.783   7.928   1.00 17.93 ? 881  PRO A CG  1 
ATOM   214 C  CD  . PRO A 1 27 ? 5.302   1.175   8.727   1.00 17.97 ? 881  PRO A CD  1 
ATOM   215 N  N   . MET A 1 28 ? 3.335   2.027   4.460   1.00 14.79 ? 882  MET A N   1 
ATOM   216 C  CA  . MET A 1 28 ? 2.630   1.431   3.335   1.00 14.16 ? 882  MET A CA  1 
ATOM   217 C  C   . MET A 1 28 ? 3.224   1.968   2.043   1.00 13.81 ? 882  MET A C   1 
ATOM   218 O  O   . MET A 1 28 ? 3.915   2.995   2.033   1.00 16.38 ? 882  MET A O   1 
ATOM   219 C  CB  . MET A 1 28 ? 1.118   1.693   3.383   1.00 13.14 ? 882  MET A CB  1 
ATOM   220 C  CG  . MET A 1 28 ? 0.446   1.098   4.622   1.00 13.62 ? 882  MET A CG  1 
ATOM   221 S  SD  . MET A 1 28 ? -1.356  1.295   4.633   1.00 16.84 ? 882  MET A SD  1 
ATOM   222 C  CE  . MET A 1 28 ? -1.819  -0.101  3.596   1.00 15.63 ? 882  MET A CE  1 
ATOM   223 N  N   . ILE A 1 29 ? 2.979   1.229   0.955   1.00 14.62 ? 883  ILE A N   1 
ATOM   224 C  CA  . ILE A 1 29 ? 3.477   1.572   -0.372  1.00 13.32 ? 883  ILE A CA  1 
ATOM   225 C  C   . ILE A 1 29 ? 2.339   1.395   -1.374  1.00 13.73 ? 883  ILE A C   1 
ATOM   226 O  O   . ILE A 1 29 ? 1.506   0.495   -1.231  1.00 13.83 ? 883  ILE A O   1 
ATOM   227 C  CB  . ILE A 1 29 ? 4.715   0.716   -0.733  1.00 12.57 ? 883  ILE A CB  1 
ATOM   228 C  CG1 . ILE A 1 29 ? 5.346   1.176   -2.041  1.00 14.57 ? 883  ILE A CG1 1 
ATOM   229 C  CG2 . ILE A 1 29 ? 4.355   -0.782  -0.798  1.00 15.28 ? 883  ILE A CG2 1 
ATOM   230 C  CD1 . ILE A 1 29 ? 6.745   0.626   -2.229  1.00 16.68 ? 883  ILE A CD1 1 
ATOM   231 N  N   . GLY A 1 30 ? 2.294   2.257   -2.387  1.00 13.77 ? 884  GLY A N   1 
ATOM   232 C  CA  . GLY A 1 30 ? 1.178   2.309   -3.324  1.00 14.69 ? 884  GLY A CA  1 
ATOM   233 C  C   . GLY A 1 30 ? 1.588   1.863   -4.718  1.00 14.92 ? 884  GLY A C   1 
ATOM   234 O  O   . GLY A 1 30 ? 2.634   2.265   -5.222  1.00 16.27 ? 884  GLY A O   1 
ATOM   235 N  N   . CYS A 1 31 ? 0.741   1.051   -5.341  1.00 15.07 ? 885  CYS A N   1 
ATOM   236 C  CA  . CYS A 1 31 ? 1.037   0.559   -6.680  1.00 14.82 ? 885  CYS A CA  1 
ATOM   237 C  C   . CYS A 1 31 ? 0.986   1.698   -7.691  1.00 20.16 ? 885  CYS A C   1 
ATOM   238 O  O   . CYS A 1 31 ? 0.029   2.475   -7.718  1.00 20.19 ? 885  CYS A O   1 
ATOM   239 C  CB  . CYS A 1 31 ? 0.045   -0.526  -7.072  1.00 14.68 ? 885  CYS A CB  1 
ATOM   240 S  SG  . CYS A 1 31 ? 0.429   -1.192  -8.695  1.00 15.70 ? 885  CYS A SG  1 
ATOM   241 N  N   . ASP A 1 32 ? 2.008   1.787   -8.536  1.00 16.91 ? 886  ASP A N   1 
ATOM   242 C  CA  . ASP A 1 32 ? 2.078   2.848   -9.533  1.00 19.23 ? 886  ASP A CA  1 
ATOM   243 C  C   . ASP A 1 32 ? 1.205   2.586   -10.755 1.00 24.27 ? 886  ASP A C   1 
ATOM   244 O  O   . ASP A 1 32 ? 1.162   3.439   -11.649 1.00 27.45 ? 886  ASP A O   1 
ATOM   245 C  CB  . ASP A 1 32 ? 3.532   3.077   -9.964  1.00 20.90 ? 886  ASP A CB  1 
ATOM   246 C  CG  . ASP A 1 32 ? 4.331   3.830   -8.920  1.00 23.81 ? 886  ASP A CG  1 
ATOM   247 O  OD1 . ASP A 1 32 ? 3.713   4.548   -8.113  1.00 24.62 ? 886  ASP A OD1 1 
ATOM   248 O  OD2 . ASP A 1 32 ? 5.575   3.711   -8.906  1.00 23.55 ? 886  ASP A OD2 1 
ATOM   249 N  N   . ASP A 1 33 ? 0.499   1.455   -10.814 1.00 17.65 ? 887  ASP A N   1 
ATOM   250 C  CA  . ASP A 1 33 ? -0.504  1.217   -11.845 1.00 19.72 ? 887  ASP A CA  1 
ATOM   251 C  C   . ASP A 1 33 ? -1.901  1.317   -11.236 1.00 24.47 ? 887  ASP A C   1 
ATOM   252 O  O   . ASP A 1 33 ? -2.625  2.274   -11.520 1.00 27.39 ? 887  ASP A O   1 
ATOM   253 C  CB  . ASP A 1 33 ? -0.268  -0.140  -12.527 1.00 19.68 ? 887  ASP A CB  1 
ATOM   254 C  CG  . ASP A 1 33 ? -1.222  -0.406  -13.700 1.00 29.18 ? 887  ASP A CG  1 
ATOM   255 O  OD1 . ASP A 1 33 ? -2.315  0.194   -13.766 1.00 27.87 ? 887  ASP A OD1 1 
ATOM   256 O  OD2 . ASP A 1 33 ? -0.884  -1.247  -14.560 1.00 28.36 ? 887  ASP A OD2 1 
ATOM   257 N  N   . CYS A 1 34 ? -2.286  0.380   -10.361 1.00 21.54 ? 888  CYS A N   1 
ATOM   258 C  CA  . CYS A 1 34 ? -3.660  0.308   -9.862  1.00 20.26 ? 888  CYS A CA  1 
ATOM   259 C  C   . CYS A 1 34 ? -3.919  1.132   -8.599  1.00 23.40 ? 888  CYS A C   1 
ATOM   260 O  O   . CYS A 1 34 ? -5.086  1.320   -8.241  1.00 23.52 ? 888  CYS A O   1 
ATOM   261 C  CB  . CYS A 1 34 ? -4.047  -1.152  -9.588  1.00 21.54 ? 888  CYS A CB  1 
ATOM   262 S  SG  . CYS A 1 34 ? -3.278  -1.889  -8.131  1.00 18.11 ? 888  CYS A SG  1 
ATOM   263 N  N   . ASP A 1 35 ? -2.880  1.603   -7.905  1.00 20.35 ? 889  ASP A N   1 
ATOM   264 C  CA  . ASP A 1 35 ? -2.994  2.458   -6.713  1.00 22.57 ? 889  ASP A CA  1 
ATOM   265 C  C   . ASP A 1 35 ? -3.669  1.762   -5.518  1.00 20.31 ? 889  ASP A C   1 
ATOM   266 O  O   . ASP A 1 35 ? -4.211  2.439   -4.633  1.00 20.27 ? 889  ASP A O   1 
ATOM   267 C  CB  . ASP A 1 35 ? -3.708  3.782   -7.037  1.00 24.03 ? 889  ASP A CB  1 
ATOM   268 C  CG  . ASP A 1 35 ? -3.351  4.912   -6.063  1.00 30.77 ? 889  ASP A CG  1 
ATOM   269 O  OD1 . ASP A 1 35 ? -2.171  5.027   -5.657  1.00 27.26 ? 889  ASP A OD1 1 
ATOM   270 O  OD2 . ASP A 1 35 ? -4.262  5.691   -5.699  1.00 33.66 ? 889  ASP A OD2 1 
ATOM   271 N  N   . ASP A 1 36 ? -3.650  0.429   -5.463  1.00 20.34 ? 890  ASP A N   1 
ATOM   272 C  CA  . ASP A 1 36 ? -3.836  -0.278  -4.198  1.00 15.99 ? 890  ASP A CA  1 
ATOM   273 C  C   . ASP A 1 36 ? -2.648  0.008   -3.290  1.00 15.21 ? 890  ASP A C   1 
ATOM   274 O  O   . ASP A 1 36 ? -1.536  0.236   -3.760  1.00 15.49 ? 890  ASP A O   1 
ATOM   275 C  CB  . ASP A 1 36 ? -3.941  -1.795  -4.413  1.00 16.86 ? 890  ASP A CB  1 
ATOM   276 C  CG  . ASP A 1 36 ? -5.281  -2.227  -4.991  1.00 20.00 ? 890  ASP A CG  1 
ATOM   277 O  OD1 . ASP A 1 36 ? -6.235  -1.419  -5.000  1.00 20.66 ? 890  ASP A OD1 1 
ATOM   278 O  OD2 . ASP A 1 36 ? -5.381  -3.395  -5.421  1.00 20.53 ? 890  ASP A OD2 1 
ATOM   279 N  N   . TRP A 1 37 ? -2.878  -0.017  -1.975  1.00 13.46 ? 891  TRP A N   1 
ATOM   280 C  CA  . TRP A 1 37 ? -1.826  0.251   -1.003  1.00 14.33 ? 891  TRP A CA  1 
ATOM   281 C  C   . TRP A 1 37 ? -1.608  -0.959  -0.103  1.00 13.24 ? 891  TRP A C   1 
ATOM   282 O  O   . TRP A 1 37 ? -2.563  -1.603  0.338   1.00 14.63 ? 891  TRP A O   1 
ATOM   283 C  CB  . TRP A 1 37 ? -2.161  1.510   -0.161  1.00 14.54 ? 891  TRP A CB  1 
ATOM   284 C  CG  . TRP A 1 37 ? -1.908  2.764   -0.943  1.00 14.38 ? 891  TRP A CG  1 
ATOM   285 C  CD1 . TRP A 1 37 ? -2.679  3.280   -1.946  1.00 18.45 ? 891  TRP A CD1 1 
ATOM   286 C  CD2 . TRP A 1 37 ? -0.780  3.636   -0.816  1.00 12.63 ? 891  TRP A CD2 1 
ATOM   287 N  NE1 . TRP A 1 37 ? -2.104  4.430   -2.442  1.00 18.67 ? 891  TRP A NE1 1 
ATOM   288 C  CE2 . TRP A 1 37 ? -0.939  4.669   -1.764  1.00 15.33 ? 891  TRP A CE2 1 
ATOM   289 C  CE3 . TRP A 1 37 ? 0.351   3.643   0.007   1.00 12.72 ? 891  TRP A CE3 1 
ATOM   290 C  CZ2 . TRP A 1 37 ? -0.007  5.693   -1.917  1.00 16.96 ? 891  TRP A CZ2 1 
ATOM   291 C  CZ3 . TRP A 1 37 ? 1.277   4.671   -0.144  1.00 14.27 ? 891  TRP A CZ3 1 
ATOM   292 C  CH2 . TRP A 1 37 ? 1.089   5.679   -1.097  1.00 16.07 ? 891  TRP A CH2 1 
ATOM   293 N  N   . TYR A 1 38 ? -0.341  -1.261  0.162   1.00 13.06 ? 892  TYR A N   1 
ATOM   294 C  CA  . TYR A 1 38 ? 0.082   -2.465  0.873   1.00 13.08 ? 892  TYR A CA  1 
ATOM   295 C  C   . TYR A 1 38 ? 0.953   -2.104  2.074   1.00 14.54 ? 892  TYR A C   1 
ATOM   296 O  O   . TYR A 1 38 ? 1.765   -1.181  1.989   1.00 14.87 ? 892  TYR A O   1 
ATOM   297 C  CB  . TYR A 1 38 ? 0.911   -3.389  -0.054  1.00 11.68 ? 892  TYR A CB  1 
ATOM   298 C  CG  . TYR A 1 38 ? 0.156   -4.162  -1.116  1.00 14.57 ? 892  TYR A CG  1 
ATOM   299 C  CD1 . TYR A 1 38 ? -0.369  -3.527  -2.234  1.00 12.13 ? 892  TYR A CD1 1 
ATOM   300 C  CD2 . TYR A 1 38 ? -0.001  -5.547  -1.010  1.00 13.71 ? 892  TYR A CD2 1 
ATOM   301 C  CE1 . TYR A 1 38 ? -1.052  -4.247  -3.214  1.00 12.99 ? 892  TYR A CE1 1 
ATOM   302 C  CE2 . TYR A 1 38 ? -0.657  -6.277  -1.990  1.00 14.55 ? 892  TYR A CE2 1 
ATOM   303 C  CZ  . TYR A 1 38 ? -1.184  -5.627  -3.088  1.00 13.96 ? 892  TYR A CZ  1 
ATOM   304 O  OH  . TYR A 1 38 ? -1.861  -6.356  -4.045  1.00 16.75 ? 892  TYR A OH  1 
ATOM   305 N  N   . HIS A 1 39 ? 0.833   -2.866  3.175   1.00 14.33 ? 893  HIS A N   1 
ATOM   306 C  CA  . HIS A 1 39 ? 1.851   -2.795  4.223   1.00 14.08 ? 893  HIS A CA  1 
ATOM   307 C  C   . HIS A 1 39 ? 3.195   -3.252  3.656   1.00 15.61 ? 893  HIS A C   1 
ATOM   308 O  O   . HIS A 1 39 ? 3.258   -4.239  2.927   1.00 15.20 ? 893  HIS A O   1 
ATOM   309 C  CB  . HIS A 1 39 ? 1.508   -3.698  5.416   1.00 15.20 ? 893  HIS A CB  1 
ATOM   310 C  CG  . HIS A 1 39 ? 0.143   -3.486  6.005   1.00 15.96 ? 893  HIS A CG  1 
ATOM   311 N  ND1 . HIS A 1 39 ? -0.855  -4.431  5.902   1.00 18.46 ? 893  HIS A ND1 1 
ATOM   312 C  CD2 . HIS A 1 39 ? -0.372  -2.473  6.746   1.00 17.45 ? 893  HIS A CD2 1 
ATOM   313 C  CE1 . HIS A 1 39 ? -1.933  -4.004  6.537   1.00 14.61 ? 893  HIS A CE1 1 
ATOM   314 N  NE2 . HIS A 1 39 ? -1.667  -2.819  7.059   1.00 16.55 ? 893  HIS A NE2 1 
ATOM   315 N  N   . TRP A 1 40 ? 4.284   -2.563  4.024   1.00 13.76 ? 894  TRP A N   1 
ATOM   316 C  CA  . TRP A 1 40 ? 5.616   -2.971  3.565   1.00 15.65 ? 894  TRP A CA  1 
ATOM   317 C  C   . TRP A 1 40 ? 5.927   -4.449  3.771   1.00 16.64 ? 894  TRP A C   1 
ATOM   318 O  O   . TRP A 1 40 ? 6.350   -5.103  2.805   1.00 17.68 ? 894  TRP A O   1 
ATOM   319 C  CB  . TRP A 1 40 ? 6.710   -2.139  4.251   1.00 17.88 ? 894  TRP A CB  1 
ATOM   320 C  CG  . TRP A 1 40 ? 6.853   -0.754  3.767   1.00 16.33 ? 894  TRP A CG  1 
ATOM   321 C  CD1 . TRP A 1 40 ? 6.015   -0.072  2.942   1.00 15.54 ? 894  TRP A CD1 1 
ATOM   322 C  CD2 . TRP A 1 40 ? 7.922   0.137   4.091   1.00 17.34 ? 894  TRP A CD2 1 
ATOM   323 N  NE1 . TRP A 1 40 ? 6.496   1.207   2.735   1.00 15.99 ? 894  TRP A NE1 1 
ATOM   324 C  CE2 . TRP A 1 40 ? 7.672   1.351   3.423   1.00 16.24 ? 894  TRP A CE2 1 
ATOM   325 C  CE3 . TRP A 1 40 ? 9.081   0.017   4.869   1.00 19.92 ? 894  TRP A CE3 1 
ATOM   326 C  CZ2 . TRP A 1 40 ? 8.529   2.451   3.524   1.00 21.22 ? 894  TRP A CZ2 1 
ATOM   327 C  CZ3 . TRP A 1 40 ? 9.931   1.113   4.969   1.00 21.74 ? 894  TRP A CZ3 1 
ATOM   328 C  CH2 . TRP A 1 40 ? 9.650   2.308   4.298   1.00 21.48 ? 894  TRP A CH2 1 
ATOM   329 N  N   . PRO A 1 41 ? 5.784   -5.031  4.971   1.00 16.95 ? 895  PRO A N   1 
ATOM   330 C  CA  . PRO A 1 41 ? 6.154   -6.449  5.115   1.00 21.16 ? 895  PRO A CA  1 
ATOM   331 C  C   . PRO A 1 41 ? 5.338   -7.375  4.238   1.00 17.86 ? 895  PRO A C   1 
ATOM   332 O  O   . PRO A 1 41 ? 5.829   -8.441  3.850   1.00 18.69 ? 895  PRO A O   1 
ATOM   333 C  CB  . PRO A 1 41 ? 5.918   -6.728  6.608   1.00 21.94 ? 895  PRO A CB  1 
ATOM   334 C  CG  . PRO A 1 41 ? 5.010   -5.627  7.076   1.00 21.12 ? 895  PRO A CG  1 
ATOM   335 C  CD  . PRO A 1 41 ? 5.432   -4.440  6.272   1.00 19.67 ? 895  PRO A CD  1 
ATOM   336 N  N   . CYS A 1 42 ? 4.105   -7.002  3.894   1.00 18.00 ? 896  CYS A N   1 
ATOM   337 C  CA  . CYS A 1 42 ? 3.283   -7.899  3.091   1.00 17.60 ? 896  CYS A CA  1 
ATOM   338 C  C   . CYS A 1 42 ? 3.752   -7.984  1.649   1.00 18.87 ? 896  CYS A C   1 
ATOM   339 O  O   . CYS A 1 42 ? 3.298   -8.877  0.923   1.00 19.49 ? 896  CYS A O   1 
ATOM   340 C  CB  . CYS A 1 42 ? 1.819   -7.469  3.149   1.00 17.89 ? 896  CYS A CB  1 
ATOM   341 S  SG  . CYS A 1 42 ? 1.179   -7.408  4.867   1.00 19.06 ? 896  CYS A SG  1 
ATOM   342 N  N   . VAL A 1 43 ? 4.644   -7.089  1.221   1.00 17.10 ? 897  VAL A N   1 
ATOM   343 C  CA  . VAL A 1 43 ? 5.283   -7.182  -0.085  1.00 18.51 ? 897  VAL A CA  1 
ATOM   344 C  C   . VAL A 1 43 ? 6.802   -7.277  0.054   1.00 20.04 ? 897  VAL A C   1 
ATOM   345 O  O   . VAL A 1 43 ? 7.542   -6.884  -0.850  1.00 19.70 ? 897  VAL A O   1 
ATOM   346 C  CB  . VAL A 1 43 ? 4.871   -6.015  -1.006  1.00 16.59 ? 897  VAL A CB  1 
ATOM   347 C  CG1 . VAL A 1 43 ? 3.423   -6.176  -1.441  1.00 16.40 ? 897  VAL A CG1 1 
ATOM   348 C  CG2 . VAL A 1 43 ? 5.081   -4.660  -0.311  1.00 18.50 ? 897  VAL A CG2 1 
ATOM   349 N  N   . GLY A 1 44 ? 7.272   -7.761  1.200   1.00 20.58 ? 898  GLY A N   1 
ATOM   350 C  CA  . GLY A 1 44 ? 8.681   -8.087  1.349   1.00 22.94 ? 898  GLY A CA  1 
ATOM   351 C  C   . GLY A 1 44 ? 9.622   -6.916  1.493   1.00 23.49 ? 898  GLY A C   1 
ATOM   352 O  O   . GLY A 1 44 ? 10.824  -7.069  1.254   1.00 24.11 ? 898  GLY A O   1 
ATOM   353 N  N   . ILE A 1 45 ? 9.128   -5.753  1.903   1.00 21.13 ? 899  ILE A N   1 
ATOM   354 C  CA  . ILE A 1 45 ? 9.932   -4.541  1.996   1.00 22.59 ? 899  ILE A CA  1 
ATOM   355 C  C   . ILE A 1 45 ? 10.291  -4.282  3.455   1.00 25.25 ? 899  ILE A C   1 
ATOM   356 O  O   . ILE A 1 45 ? 9.413   -4.263  4.324   1.00 22.79 ? 899  ILE A O   1 
ATOM   357 C  CB  . ILE A 1 45 ? 9.183   -3.342  1.390   1.00 22.81 ? 899  ILE A CB  1 
ATOM   358 C  CG1 . ILE A 1 45 ? 9.042   -3.519  -0.122  1.00 24.50 ? 899  ILE A CG1 1 
ATOM   359 C  CG2 . ILE A 1 45 ? 9.895   -2.055  1.691   1.00 24.11 ? 899  ILE A CG2 1 
ATOM   360 C  CD1 . ILE A 1 45 ? 8.223   -2.424  -0.781  1.00 23.64 ? 899  ILE A CD1 1 
ATOM   361 N  N   . MET A 1 46 ? 11.581  -4.067  3.721   1.00 32.76 ? 900  MET A N   1 
ATOM   362 C  CA  . MET A 1 46 ? 12.071  -3.711  5.048   1.00 33.79 ? 900  MET A CA  1 
ATOM   363 C  C   . MET A 1 46 ? 12.514  -2.265  5.172   1.00 35.45 ? 900  MET A C   1 
ATOM   364 O  O   . MET A 1 46 ? 12.323  -1.656  6.227   1.00 36.13 ? 900  MET A O   1 
ATOM   365 C  CB  . MET A 1 46 ? 13.239  -4.618  5.441   1.00 39.87 ? 900  MET A CB  1 
ATOM   366 C  CG  . MET A 1 46 ? 12.783  -6.012  5.782   1.00 36.44 ? 900  MET A CG  1 
ATOM   367 S  SD  . MET A 1 46 ? 11.633  -5.912  7.160   1.00 57.57 ? 900  MET A SD  1 
ATOM   368 C  CE  . MET A 1 46 ? 10.435  -7.142  6.676   1.00 33.04 ? 900  MET A CE  1 
ATOM   369 N  N   . THR A 1 47 ? 13.115  -1.709  4.134   1.00 34.24 ? 901  THR A N   1 
ATOM   370 C  CA  . THR A 1 47 ? 13.515  -0.317  4.101   1.00 35.71 ? 901  THR A CA  1 
ATOM   371 C  C   . THR A 1 47 ? 12.853  0.323   2.896   1.00 33.80 ? 901  THR A C   1 
ATOM   372 O  O   . THR A 1 47 ? 12.430  -0.367  1.966   1.00 36.11 ? 901  THR A O   1 
ATOM   373 C  CB  . THR A 1 47 ? 15.031  -0.180  4.002   1.00 38.77 ? 901  THR A CB  1 
ATOM   374 O  OG1 . THR A 1 47 ? 15.446  -0.581  2.692   1.00 40.86 ? 901  THR A OG1 1 
ATOM   375 C  CG2 . THR A 1 47 ? 15.706  -1.087  5.014   1.00 35.73 ? 901  THR A CG2 1 
ATOM   376 N  N   . ALA A 1 48 ? 12.762  1.644   2.916   1.00 32.16 ? 902  ALA A N   1 
ATOM   377 C  CA  . ALA A 1 48 ? 12.145  2.333   1.797   1.00 34.77 ? 902  ALA A CA  1 
ATOM   378 C  C   . ALA A 1 48 ? 12.870  1.965   0.506   1.00 36.75 ? 902  ALA A C   1 
ATOM   379 O  O   . ALA A 1 48 ? 14.104  1.860   0.494   1.00 37.59 ? 902  ALA A O   1 
ATOM   380 C  CB  . ALA A 1 48 ? 12.179  3.849   2.006   1.00 35.61 ? 902  ALA A CB  1 
ATOM   381 N  N   . PRO A 1 49 ? 12.148  1.735   -0.583  1.00 35.73 ? 903  PRO A N   1 
ATOM   382 C  CA  . PRO A 1 49 ? 12.806  1.551   -1.870  1.00 33.39 ? 903  PRO A CA  1 
ATOM   383 C  C   . PRO A 1 49 ? 13.541  2.819   -2.251  1.00 36.21 ? 903  PRO A C   1 
ATOM   384 O  O   . PRO A 1 49 ? 13.307  3.875   -1.647  1.00 31.87 ? 903  PRO A O   1 
ATOM   385 C  CB  . PRO A 1 49 ? 11.640  1.277   -2.833  1.00 34.05 ? 903  PRO A CB  1 
ATOM   386 C  CG  . PRO A 1 49 ? 10.517  0.850   -1.968  1.00 33.27 ? 903  PRO A CG  1 
ATOM   387 C  CD  . PRO A 1 49 ? 10.685  1.613   -0.688  1.00 32.36 ? 903  PRO A CD  1 
ATOM   388 N  N   . PRO A 1 50 ? 14.446  2.758   -3.224  1.00 34.51 ? 904  PRO A N   1 
ATOM   389 C  CA  . PRO A 1 50 ? 14.934  3.996   -3.837  1.00 39.26 ? 904  PRO A CA  1 
ATOM   390 C  C   . PRO A 1 50 ? 13.747  4.865   -4.232  1.00 37.81 ? 904  PRO A C   1 
ATOM   391 O  O   . PRO A 1 50 ? 12.805  4.402   -4.875  1.00 38.81 ? 904  PRO A O   1 
ATOM   392 C  CB  . PRO A 1 50 ? 15.722  3.500   -5.055  1.00 33.40 ? 904  PRO A CB  1 
ATOM   393 C  CG  . PRO A 1 50 ? 16.153  2.112   -4.667  1.00 32.61 ? 904  PRO A CG  1 
ATOM   394 C  CD  . PRO A 1 50 ? 15.030  1.553   -3.839  1.00 37.51 ? 904  PRO A CD  1 
ATOM   395 N  N   . GLU A 1 51 ? 13.771  6.127   -3.803  1.00 43.32 ? 905  GLU A N   1 
ATOM   396 C  CA  . GLU A 1 51 ? 12.551  6.930   -3.855  1.00 40.62 ? 905  GLU A CA  1 
ATOM   397 C  C   . GLU A 1 51 ? 12.083  7.170   -5.285  1.00 36.14 ? 905  GLU A C   1 
ATOM   398 O  O   . GLU A 1 51 ? 10.890  7.397   -5.513  1.00 39.39 ? 905  GLU A O   1 
ATOM   399 C  CB  . GLU A 1 51 ? 12.768  8.258   -3.132  1.00 46.86 ? 905  GLU A CB  1 
ATOM   400 C  CG  . GLU A 1 51 ? 11.565  8.768   -2.357  1.00 48.00 ? 905  GLU A CG  1 
ATOM   401 C  CD  . GLU A 1 51 ? 11.966  9.633   -1.169  1.00 53.32 ? 905  GLU A CD  1 
ATOM   402 O  OE1 . GLU A 1 51 ? 13.102  9.474   -0.668  1.00 52.55 ? 905  GLU A OE1 1 
ATOM   403 O  OE2 . GLU A 1 51 ? 11.150  10.473  -0.735  1.00 51.95 ? 905  GLU A OE2 1 
ATOM   404 N  N   . GLU A 1 52 ? 12.989  7.118   -6.257  1.00 32.36 ? 906  GLU A N   1 
ATOM   405 C  CA  . GLU A 1 52 ? 12.597  7.280   -7.651  1.00 32.25 ? 906  GLU A CA  1 
ATOM   406 C  C   . GLU A 1 52 ? 12.146  5.982   -8.307  1.00 24.89 ? 906  GLU A C   1 
ATOM   407 O  O   . GLU A 1 52 ? 11.613  6.028   -9.419  1.00 25.06 ? 906  GLU A O   1 
ATOM   408 C  CB  . GLU A 1 52 ? 13.752  7.867   -8.465  1.00 27.09 ? 906  GLU A CB  1 
ATOM   409 C  CG  . GLU A 1 52 ? 14.247  9.211   -7.959  1.00 42.21 ? 906  GLU A CG  1 
ATOM   410 C  CD  . GLU A 1 52 ? 15.263  9.837   -8.900  1.00 52.82 ? 906  GLU A CD  1 
ATOM   411 O  OE1 . GLU A 1 52 ? 14.889  10.142  -10.056 1.00 54.20 ? 906  GLU A OE1 1 
ATOM   412 O  OE2 . GLU A 1 52 ? 16.437  10.005  -8.490  1.00 53.57 ? 906  GLU A OE2 1 
ATOM   413 N  N   . MET A 1 53 ? 12.357  4.841   -7.661  1.00 24.71 ? 907  MET A N   1 
ATOM   414 C  CA  . MET A 1 53 ? 12.030  3.553   -8.261  1.00 20.93 ? 907  MET A CA  1 
ATOM   415 C  C   . MET A 1 53 ? 10.523  3.391   -8.412  1.00 24.23 ? 907  MET A C   1 
ATOM   416 O  O   . MET A 1 53 ? 9.773   3.640   -7.467  1.00 22.65 ? 907  MET A O   1 
ATOM   417 C  CB  . MET A 1 53 ? 12.584  2.431   -7.390  1.00 22.67 ? 907  MET A CB  1 
ATOM   418 C  CG  . MET A 1 53 ? 12.470  1.041   -7.987  1.00 21.67 ? 907  MET A CG  1 
ATOM   419 S  SD  . MET A 1 53 ? 12.782  -0.255  -6.757  1.00 27.85 ? 907  MET A SD  1 
ATOM   420 C  CE  . MET A 1 53 ? 11.108  -0.637  -6.246  1.00 21.20 ? 907  MET A CE  1 
ATOM   421 N  N   . GLN A 1 54 ? 10.074  2.953   -9.590  1.00 21.53 ? 908  GLN A N   1 
ATOM   422 C  CA  . GLN A 1 54 ? 8.674   2.564   -9.733  1.00 23.25 ? 908  GLN A CA  1 
ATOM   423 C  C   . GLN A 1 54 ? 8.405   1.312   -8.910  1.00 21.74 ? 908  GLN A C   1 
ATOM   424 O  O   . GLN A 1 54 ? 9.256   0.421   -8.816  1.00 19.88 ? 908  GLN A O   1 
ATOM   425 C  CB  . GLN A 1 54 ? 8.317   2.289   -11.201 1.00 20.63 ? 908  GLN A CB  1 
ATOM   426 C  CG  . GLN A 1 54 ? 8.318   3.521   -12.083 1.00 22.53 ? 908  GLN A CG  1 
ATOM   427 C  CD  . GLN A 1 54 ? 7.816   3.252   -13.494 1.00 21.78 ? 908  GLN A CD  1 
ATOM   428 O  OE1 . GLN A 1 54 ? 7.768   2.110   -13.950 1.00 23.96 ? 908  GLN A OE1 1 
ATOM   429 N  NE2 . GLN A 1 54 ? 7.437   4.317   -14.196 1.00 30.39 ? 908  GLN A NE2 1 
ATOM   430 N  N   . TRP A 1 55 ? 7.217   1.244   -8.300  1.00 19.70 ? 909  TRP A N   1 
ATOM   431 C  CA  . TRP A 1 55 ? 6.797   0.027   -7.620  1.00 17.70 ? 909  TRP A CA  1 
ATOM   432 C  C   . TRP A 1 55 ? 5.421   -0.400  -8.116  1.00 17.90 ? 909  TRP A C   1 
ATOM   433 O  O   . TRP A 1 55 ? 4.514   0.426   -8.267  1.00 16.47 ? 909  TRP A O   1 
ATOM   434 C  CB  . TRP A 1 55 ? 6.774   0.205   -6.099  1.00 19.13 ? 909  TRP A CB  1 
ATOM   435 C  CG  . TRP A 1 55 ? 6.472   -1.085  -5.369  1.00 16.50 ? 909  TRP A CG  1 
ATOM   436 C  CD1 . TRP A 1 55 ? 7.373   -2.045  -5.012  1.00 16.16 ? 909  TRP A CD1 1 
ATOM   437 C  CD2 . TRP A 1 55 ? 5.188   -1.552  -4.913  1.00 14.11 ? 909  TRP A CD2 1 
ATOM   438 N  NE1 . TRP A 1 55 ? 6.745   -3.070  -4.362  1.00 14.85 ? 909  TRP A NE1 1 
ATOM   439 C  CE2 . TRP A 1 55 ? 5.399   -2.802  -4.298  1.00 16.08 ? 909  TRP A CE2 1 
ATOM   440 C  CE3 . TRP A 1 55 ? 3.885   -1.043  -4.981  1.00 15.55 ? 909  TRP A CE3 1 
ATOM   441 C  CZ2 . TRP A 1 55 ? 4.366   -3.544  -3.745  1.00 14.85 ? 909  TRP A CZ2 1 
ATOM   442 C  CZ3 . TRP A 1 55 ? 2.854   -1.775  -4.412  1.00 15.07 ? 909  TRP A CZ3 1 
ATOM   443 C  CH2 . TRP A 1 55 ? 3.098   -3.024  -3.813  1.00 16.16 ? 909  TRP A CH2 1 
ATOM   444 N  N   . PHE A 1 56 ? 5.269   -1.700  -8.365  1.00 15.54 ? 910  PHE A N   1 
ATOM   445 C  CA  . PHE A 1 56 ? 3.991   -2.269  -8.777  1.00 15.01 ? 910  PHE A CA  1 
ATOM   446 C  C   . PHE A 1 56 ? 3.645   -3.449  -7.881  1.00 15.58 ? 910  PHE A C   1 
ATOM   447 O  O   . PHE A 1 56 ? 4.522   -4.180  -7.421  1.00 14.36 ? 910  PHE A O   1 
ATOM   448 C  CB  . PHE A 1 56 ? 4.033   -2.713  -10.247 1.00 15.82 ? 910  PHE A CB  1 
ATOM   449 C  CG  . PHE A 1 56 ? 4.372   -1.597  -11.196 1.00 15.81 ? 910  PHE A CG  1 
ATOM   450 C  CD1 . PHE A 1 56 ? 3.383   -0.770  -11.698 1.00 18.77 ? 910  PHE A CD1 1 
ATOM   451 C  CD2 . PHE A 1 56 ? 5.683   -1.361  -11.561 1.00 20.53 ? 910  PHE A CD2 1 
ATOM   452 C  CE1 . PHE A 1 56 ? 3.697   0.273   -12.555 1.00 18.42 ? 910  PHE A CE1 1 
ATOM   453 C  CE2 . PHE A 1 56 ? 5.998   -0.331  -12.419 1.00 20.68 ? 910  PHE A CE2 1 
ATOM   454 C  CZ  . PHE A 1 56 ? 5.006   0.480   -12.922 1.00 20.78 ? 910  PHE A CZ  1 
ATOM   455 N  N   . CYS A 1 57 ? 2.349   -3.615  -7.623  1.00 15.54 ? 911  CYS A N   1 
ATOM   456 C  CA  . CYS A 1 57 ? 1.866   -4.669  -6.750  1.00 13.80 ? 911  CYS A CA  1 
ATOM   457 C  C   . CYS A 1 57 ? 1.957   -6.014  -7.465  1.00 13.83 ? 911  CYS A C   1 
ATOM   458 O  O   . CYS A 1 57 ? 2.204   -6.068  -8.672  1.00 14.49 ? 911  CYS A O   1 
ATOM   459 C  CB  . CYS A 1 57 ? 0.423   -4.375  -6.333  1.00 13.47 ? 911  CYS A CB  1 
ATOM   460 S  SG  . CYS A 1 57 ? -0.791  -4.670  -7.635  1.00 16.28 ? 911  CYS A SG  1 
ATOM   461 N  N   . PRO A 1 58 ? 1.781   -7.122  -6.741  1.00 14.58 ? 912  PRO A N   1 
ATOM   462 C  CA  . PRO A 1 58 ? 1.964   -8.429  -7.393  1.00 14.49 ? 912  PRO A CA  1 
ATOM   463 C  C   . PRO A 1 58 ? 0.992   -8.684  -8.523  1.00 18.18 ? 912  PRO A C   1 
ATOM   464 O  O   . PRO A 1 58 ? 1.335   -9.426  -9.454  1.00 17.11 ? 912  PRO A O   1 
ATOM   465 C  CB  . PRO A 1 58 ? 1.770   -9.419  -6.236  1.00 17.67 ? 912  PRO A CB  1 
ATOM   466 C  CG  . PRO A 1 58 ? 2.224   -8.621  -5.020  1.00 19.54 ? 912  PRO A CG  1 
ATOM   467 C  CD  . PRO A 1 58 ? 1.623   -7.275  -5.279  1.00 14.88 ? 912  PRO A CD  1 
ATOM   468 N  N   . LYS A 1 59 ? -0.219  -8.116  -8.467  1.00 17.35 ? 913  LYS A N   1 
ATOM   469 C  CA  . LYS A 1 59 ? -1.165  -8.312  -9.561  1.00 18.24 ? 913  LYS A CA  1 
ATOM   470 C  C   . LYS A 1 59 ? -0.722  -7.562  -10.808 1.00 19.03 ? 913  LYS A C   1 
ATOM   471 O  O   . LYS A 1 59 ? -0.815  -8.085  -11.923 1.00 19.16 ? 913  LYS A O   1 
ATOM   472 C  CB  . LYS A 1 59 ? -2.565  -7.859  -9.150  1.00 21.12 ? 913  LYS A CB  1 
ATOM   473 C  CG  . LYS A 1 59 ? -3.040  -8.380  -7.804  1.00 23.91 ? 913  LYS A CG  1 
ATOM   474 C  CD  . LYS A 1 59 ? -4.469  -7.893  -7.518  1.00 26.88 ? 913  LYS A CD  1 
ATOM   475 C  CE  . LYS A 1 59 ? -4.806  -7.901  -6.029  1.00 30.53 ? 913  LYS A CE  1 
ATOM   476 N  NZ  . LYS A 1 59 ? -4.937  -9.270  -5.457  1.00 33.81 ? 913  LYS A NZ  1 
ATOM   477 N  N   . CYS A 1 60 ? -0.263  -6.324  -10.643 1.00 15.15 ? 914  CYS A N   1 
ATOM   478 C  CA  . CYS A 1 60 ? 0.207   -5.535  -11.772 1.00 15.56 ? 914  CYS A CA  1 
ATOM   479 C  C   . CYS A 1 60 ? 1.567   -5.980  -12.278 1.00 18.20 ? 914  CYS A C   1 
ATOM   480 O  O   . CYS A 1 60 ? 1.901   -5.697  -13.436 1.00 19.67 ? 914  CYS A O   1 
ATOM   481 C  CB  . CYS A 1 60 ? 0.250   -4.055  -11.387 1.00 19.36 ? 914  CYS A CB  1 
ATOM   482 S  SG  . CYS A 1 60 ? -1.412  -3.379  -11.141 1.00 20.22 ? 914  CYS A SG  1 
ATOM   483 N  N   . ALA A 1 61 ? 2.351   -6.675  -11.450 1.00 15.79 ? 915  ALA A N   1 
ATOM   484 C  CA  . ALA A 1 61 ? 3.641   -7.191  -11.895 1.00 17.20 ? 915  ALA A CA  1 
ATOM   485 C  C   . ALA A 1 61 ? 3.523   -8.494  -12.685 1.00 18.57 ? 915  ALA A C   1 
ATOM   486 O  O   . ALA A 1 61 ? 4.522   -8.952  -13.240 1.00 17.88 ? 915  ALA A O   1 
ATOM   487 C  CB  . ALA A 1 61 ? 4.561   -7.407  -10.696 1.00 16.78 ? 915  ALA A CB  1 
ATOM   488 N  N   . ASN A 1 62 ? 2.343   -9.105  -12.732 1.00 17.43 ? 916  ASN A N   1 
ATOM   489 C  CA  . ASN A 1 62 ? 2.147   -10.307 -13.534 1.00 17.47 ? 916  ASN A CA  1 
ATOM   490 C  C   . ASN A 1 62 ? 2.444   -10.029 -15.001 1.00 19.66 ? 916  ASN A C   1 
ATOM   491 O  O   . ASN A 1 62 ? 2.213   -8.928  -15.507 1.00 20.10 ? 916  ASN A O   1 
ATOM   492 C  CB  . ASN A 1 62 ? 0.704   -10.811 -13.411 1.00 17.96 ? 916  ASN A CB  1 
ATOM   493 C  CG  . ASN A 1 62 ? 0.420   -11.524 -12.094 1.00 18.15 ? 916  ASN A CG  1 
ATOM   494 O  OD1 . ASN A 1 62 ? 1.254   -12.252 -11.556 1.00 17.12 ? 916  ASN A OD1 1 
ATOM   495 N  ND2 . ASN A 1 62 ? -0.787  -11.332 -11.583 1.00 15.23 ? 916  ASN A ND2 1 
ATOM   496 N  N   . LYS A 1 63 ? 2.924   -11.056 -15.695 1.00 19.41 ? 917  LYS A N   1 
ATOM   497 C  CA  . LYS A 1 63 ? 3.135   -10.987 -17.135 1.00 19.30 ? 917  LYS A CA  1 
ATOM   498 C  C   . LYS A 1 63 ? 2.491   -12.170 -17.848 1.00 20.17 ? 917  LYS A C   1 
ATOM   499 O  O   . LYS A 1 63 ? 2.231   -12.125 -19.062 1.00 24.31 ? 917  LYS A O   1 
ATOM   500 C  CB  . LYS A 1 63 ? 4.630   -10.953 -17.449 1.00 18.76 ? 917  LYS A CB  1 
ATOM   501 C  CG  . LYS A 1 63 ? 5.337   -9.726  -16.907 1.00 18.31 ? 917  LYS A CG  1 
ATOM   502 C  CD  . LYS A 1 63 ? 6.763   -9.698  -17.381 1.00 18.91 ? 917  LYS A CD  1 
ATOM   503 C  CE  . LYS A 1 63 ? 7.556   -8.544  -16.759 1.00 20.10 ? 917  LYS A CE  1 
ATOM   504 N  NZ  . LYS A 1 63 ? 8.972   -8.525  -17.287 1.00 22.17 ? 917  LYS A NZ  1 
ATOM   505 O  OXT . LYS A 1 63 ? 2.230   -13.209 -17.229 1.00 22.54 ? 917  LYS A OXT 1 
ATOM   506 N  N   . ALA B 2 1  ? 9.414   5.154   -5.344  1.00 25.28 ? 1    ALA P N   1 
ATOM   507 C  CA  . ALA B 2 1  ? 8.114   4.617   -4.961  1.00 20.41 ? 1    ALA P CA  1 
ATOM   508 C  C   . ALA B 2 1  ? 7.360   5.615   -4.105  1.00 22.29 ? 1    ALA P C   1 
ATOM   509 O  O   . ALA B 2 1  ? 7.956   6.511   -3.509  1.00 24.75 ? 1    ALA P O   1 
ATOM   510 C  CB  . ALA B 2 1  ? 8.279   3.303   -4.219  1.00 24.18 ? 1    ALA P CB  1 
ATOM   511 N  N   . ARG B 2 2  ? 6.045   5.445   -4.051  1.00 17.94 ? 2    ARG P N   1 
ATOM   512 C  CA  . ARG B 2 2  ? 5.167   6.271   -3.231  1.00 21.27 ? 2    ARG P CA  1 
ATOM   513 C  C   . ARG B 2 2  ? 4.886   5.533   -1.929  1.00 19.24 ? 2    ARG P C   1 
ATOM   514 O  O   . ARG B 2 2  ? 4.251   4.470   -1.932  1.00 17.25 ? 2    ARG P O   1 
ATOM   515 C  CB  . ARG B 2 2  ? 3.880   6.586   -3.980  1.00 22.97 ? 2    ARG P CB  1 
ATOM   516 C  CG  . ARG B 2 2  ? 4.122   7.461   -5.191  1.00 26.29 ? 2    ARG P CG  1 
ATOM   517 C  CD  . ARG B 2 2  ? 2.860   7.643   -6.009  1.00 28.75 ? 2    ARG P CD  1 
ATOM   518 N  NE  . ARG B 2 2  ? 2.314   6.356   -6.416  1.00 26.17 ? 2    ARG P NE  1 
ATOM   519 C  CZ  . ARG B 2 2  ? 1.090   5.936   -6.124  1.00 25.62 ? 2    ARG P CZ  1 
ATOM   520 N  NH1 . ARG B 2 2  ? 0.254   6.709   -5.436  1.00 28.87 ? 2    ARG P NH1 1 
ATOM   521 N  NH2 . ARG B 2 2  ? 0.694   4.741   -6.535  1.00 26.04 ? 2    ARG P NH2 1 
ATOM   522 N  N   . THR B 2 3  ? 5.364   6.095   -0.825  1.00 19.28 ? 3    THR P N   1 
ATOM   523 C  CA  . THR B 2 3  ? 5.202   5.481   0.483   1.00 14.99 ? 3    THR P CA  1 
ATOM   524 C  C   . THR B 2 3  ? 4.570   6.463   1.457   1.00 18.25 ? 3    THR P C   1 
ATOM   525 O  O   . THR B 2 3  ? 4.668   7.692   1.296   1.00 19.20 ? 3    THR P O   1 
ATOM   526 C  CB  . THR B 2 3  ? 6.545   4.965   1.053   1.00 17.19 ? 3    THR P CB  1 
ATOM   527 O  OG1 . THR B 2 3  ? 7.451   6.060   1.279   1.00 21.67 ? 3    THR P OG1 1 
ATOM   528 C  CG2 . THR B 2 3  ? 7.190   4.004   0.069   1.00 16.42 ? 3    THR P CG2 1 
HETATM 529 O  OH  . ALY B 2 4  ? -3.583  7.812   -1.315  1.00 33.85 ? 4    ALY P OH  1 
HETATM 530 C  CH  . ALY B 2 4  ? -2.432  8.227   -1.051  1.00 29.29 ? 4    ALY P CH  1 
HETATM 531 C  CH3 . ALY B 2 4  ? -1.649  8.986   -2.091  1.00 26.89 ? 4    ALY P CH3 1 
HETATM 532 N  NZ  . ALY B 2 4  ? -1.846  7.991   0.190   1.00 21.47 ? 4    ALY P NZ  1 
HETATM 533 C  CE  . ALY B 2 4  ? -0.535  8.399   0.620   1.00 18.77 ? 4    ALY P CE  1 
HETATM 534 C  CD  . ALY B 2 4  ? -0.112  7.674   1.904   1.00 18.17 ? 4    ALY P CD  1 
HETATM 535 C  CG  . ALY B 2 4  ? 1.401   7.640   2.041   1.00 17.94 ? 4    ALY P CG  1 
HETATM 536 C  CB  . ALY B 2 4  ? 1.755   6.908   3.321   1.00 18.85 ? 4    ALY P CB  1 
HETATM 537 C  CA  . ALY B 2 4  ? 3.269   6.710   3.486   1.00 15.18 ? 4    ALY P CA  1 
HETATM 538 N  N   . ALY B 2 4  ? 3.913   5.908   2.466   1.00 14.60 ? 4    ALY P N   1 
HETATM 539 C  C   . ALY B 2 4  ? 3.522   6.054   4.834   1.00 16.71 ? 4    ALY P C   1 
HETATM 540 O  O   . ALY B 2 4  ? 3.770   4.861   4.968   1.00 16.08 ? 4    ALY P O   1 
ATOM   541 N  N   . GLN B 2 5  ? 3.484   6.895   5.872   1.00 17.13 ? 5    GLN P N   1 
ATOM   542 C  CA  . GLN B 2 5  ? 3.587   6.459   7.262   1.00 15.80 ? 5    GLN P CA  1 
ATOM   543 C  C   . GLN B 2 5  ? 4.931   5.826   7.602   1.00 17.40 ? 5    GLN P C   1 
ATOM   544 O  O   . GLN B 2 5  ? 5.019   4.886   8.395   1.00 18.61 ? 5    GLN P O   1 
ATOM   545 C  CB  . GLN B 2 5  ? 2.431   5.510   7.591   1.00 16.96 ? 5    GLN P CB  1 
ATOM   546 C  CG  . GLN B 2 5  ? 1.121   6.258   7.497   1.00 16.24 ? 5    GLN P CG  1 
ATOM   547 C  CD  . GLN B 2 5  ? -0.127  5.436   7.782   1.00 17.27 ? 5    GLN P CD  1 
ATOM   548 O  OE1 . GLN B 2 5  ? -0.109  4.197   7.818   1.00 19.20 ? 5    GLN P OE1 1 
ATOM   549 N  NE2 . GLN B 2 5  ? -1.222  6.134   7.967   1.00 14.33 ? 5    GLN P NE2 1 
ATOM   550 N  N   . THR B 2 6  ? 5.987   6.370   7.013   1.00 20.86 ? 6    THR P N   1 
ATOM   551 C  CA  . THR B 2 6  ? 7.324   5.875   7.285   1.00 23.25 ? 6    THR P CA  1 
ATOM   552 C  C   . THR B 2 6  ? 7.870   6.490   8.572   1.00 28.79 ? 6    THR P C   1 
ATOM   553 O  O   . THR B 2 6  ? 7.421   7.545   9.026   1.00 30.57 ? 6    THR P O   1 
ATOM   554 C  CB  . THR B 2 6  ? 8.247   6.183   6.112   1.00 22.92 ? 6    THR P CB  1 
ATOM   555 O  OG1 . THR B 2 6  ? 8.229   7.582   5.856   1.00 25.77 ? 6    THR P OG1 1 
ATOM   556 C  CG2 . THR B 2 6  ? 7.753   5.473   4.867   1.00 21.62 ? 6    THR P CG2 1 
ATOM   557 N  N   . ALA B 2 7  ? 8.843   5.807   9.167   1.00 31.82 ? 7    ALA P N   1 
ATOM   558 C  CA  . ALA B 2 7  ? 9.504   6.295   10.375  1.00 36.46 ? 7    ALA P CA  1 
ATOM   559 C  C   . ALA B 2 7  ? 10.225  7.614   10.119  1.00 39.34 ? 7    ALA P C   1 
ATOM   560 O  O   . ALA B 2 7  ? 10.369  8.440   11.023  1.00 42.79 ? 7    ALA P O   1 
ATOM   561 C  CB  . ALA B 2 7  ? 10.483  5.257   10.898  1.00 40.50 ? 7    ALA P CB  1 
HETATM 562 ZN ZN  . ZN  C 3 .  ? -1.315  -2.776  -8.847  1.00 18.06 ? 1001 ZN  A ZN  1 
HETATM 563 ZN ZN  . ZN  D 3 .  ? -0.788  -6.248  4.745   1.00 17.72 ? 1002 ZN  A ZN  1 
HETATM 564 MG MG  . MG  E 4 .  ? -3.308  5.704   8.602   1.00 19.30 ? 1003 MG  A MG  1 
HETATM 565 O  O   . HOH F 5 .  ? -3.281  -5.114  -5.702  1.00 19.94 ? 1101 HOH A O   1 
HETATM 566 O  O   . HOH F 5 .  ? -7.519  -9.606  -1.317  1.00 34.20 ? 1102 HOH A O   1 
HETATM 567 O  O   . HOH F 5 .  ? -5.153  4.265   4.923   1.00 18.41 ? 1103 HOH A O   1 
HETATM 568 O  O   . HOH F 5 .  ? -4.447  -3.894  10.325  1.00 27.54 ? 1104 HOH A O   1 
HETATM 569 O  O   . HOH F 5 .  ? 2.397   -13.956 -20.959 1.00 27.56 ? 1105 HOH A O   1 
HETATM 570 O  O   . HOH F 5 .  ? -8.559  -2.107  -6.055  1.00 32.91 ? 1106 HOH A O   1 
HETATM 571 O  O   . HOH F 5 .  ? -15.722 -0.583  0.603   1.00 27.92 ? 1107 HOH A O   1 
HETATM 572 O  O   . HOH F 5 .  ? -6.769  -5.041  -6.991  1.00 33.74 ? 1108 HOH A O   1 
HETATM 573 O  O   . HOH F 5 .  ? 1.433   -4.144  10.809  1.00 36.16 ? 1109 HOH A O   1 
HETATM 574 O  O   . HOH F 5 .  ? -2.812  0.664   14.843  1.00 36.36 ? 1110 HOH A O   1 
HETATM 575 O  O   . HOH F 5 .  ? 4.816   -6.557  -6.202  1.00 14.98 ? 1111 HOH A O   1 
HETATM 576 O  O   . HOH F 5 .  ? 13.622  -4.564  2.035   1.00 39.21 ? 1112 HOH A O   1 
HETATM 577 O  O   . HOH F 5 .  ? 3.690   -1.869  7.439   1.00 19.64 ? 1113 HOH A O   1 
HETATM 578 O  O   . HOH F 5 .  ? 6.549   -10.924 4.656   1.00 36.73 ? 1114 HOH A O   1 
HETATM 579 O  O   . HOH F 5 .  ? -6.299  4.021   -3.903  1.00 33.62 ? 1115 HOH A O   1 
HETATM 580 O  O   . HOH F 5 .  ? 5.099   3.402   -5.630  1.00 20.91 ? 1116 HOH A O   1 
HETATM 581 O  O   . HOH F 5 .  ? -5.518  -0.666  -0.846  1.00 17.17 ? 1117 HOH A O   1 
HETATM 582 O  O   . HOH F 5 .  ? 8.180   -5.363  -3.056  1.00 18.55 ? 1118 HOH A O   1 
HETATM 583 O  O   . HOH F 5 .  ? 3.320   -6.534  -16.316 1.00 29.75 ? 1119 HOH A O   1 
HETATM 584 O  O   . HOH F 5 .  ? 13.321  -2.015  -0.061  1.00 34.30 ? 1120 HOH A O   1 
HETATM 585 O  O   . HOH F 5 .  ? 10.252  -10.783 -16.300 1.00 22.08 ? 1121 HOH A O   1 
HETATM 586 O  O   . HOH F 5 .  ? -12.143 8.470   13.051  1.00 18.30 ? 1122 HOH A O   1 
HETATM 587 O  O   . HOH F 5 .  ? 0.065   -7.195  -15.102 1.00 31.74 ? 1123 HOH A O   1 
HETATM 588 O  O   . HOH F 5 .  ? 8.777   -4.281  7.062   1.00 26.82 ? 1124 HOH A O   1 
HETATM 589 O  O   . HOH F 5 .  ? -19.095 6.790   6.476   1.00 27.21 ? 1125 HOH A O   1 
HETATM 590 O  O   . HOH F 5 .  ? -22.519 8.746   12.972  1.00 40.29 ? 1126 HOH A O   1 
HETATM 591 O  O   . HOH F 5 .  ? 2.212   -10.028 -1.435  1.00 36.49 ? 1127 HOH A O   1 
HETATM 592 O  O   . HOH F 5 .  ? -10.405 6.357   10.821  1.00 22.41 ? 1128 HOH A O   1 
HETATM 593 O  O   . HOH F 5 .  ? -2.957  -11.240 -4.903  1.00 37.88 ? 1129 HOH A O   1 
HETATM 594 O  O   . HOH F 5 .  ? -13.562 13.580  6.147   1.00 27.27 ? 1130 HOH A O   1 
HETATM 595 O  O   . HOH F 5 .  ? 1.128   -10.676 1.418   1.00 35.22 ? 1131 HOH A O   1 
HETATM 596 O  O   . HOH F 5 .  ? -6.518  -0.383  11.803  1.00 27.69 ? 1132 HOH A O   1 
HETATM 597 O  O   . HOH F 5 .  ? 1.194   6.400   11.638  1.00 32.30 ? 1133 HOH A O   1 
HETATM 598 O  O   . HOH F 5 .  ? -6.337  6.198   6.315   1.00 21.00 ? 1134 HOH A O   1 
HETATM 599 O  O   . HOH F 5 .  ? -0.512  0.473   7.889   1.00 21.24 ? 1135 HOH A O   1 
HETATM 600 O  O   . HOH F 5 .  ? 6.666   1.247   -16.486 1.00 30.62 ? 1136 HOH A O   1 
HETATM 601 O  O   . HOH F 5 .  ? -2.819  -9.992  -13.169 1.00 30.19 ? 1137 HOH A O   1 
HETATM 602 O  O   . HOH F 5 .  ? 7.199   6.036   -8.208  1.00 33.23 ? 1138 HOH A O   1 
HETATM 603 O  O   . HOH F 5 .  ? -17.319 2.105   4.342   1.00 17.42 ? 1139 HOH A O   1 
HETATM 604 O  O   . HOH F 5 .  ? 2.433   -9.466  -20.388 1.00 41.95 ? 1140 HOH A O   1 
HETATM 605 O  O   . HOH F 5 .  ? -1.541  -9.324  -4.150  1.00 31.65 ? 1141 HOH A O   1 
HETATM 606 O  O   . HOH F 5 .  ? -2.566  -5.351  10.751  1.00 36.04 ? 1142 HOH A O   1 
HETATM 607 O  O   . HOH F 5 .  ? -20.783 6.160   17.250  1.00 34.66 ? 1143 HOH A O   1 
HETATM 608 O  O   . HOH F 5 .  ? 17.210  12.759  -7.382  1.00 42.90 ? 1144 HOH A O   1 
HETATM 609 O  O   . HOH F 5 .  ? -15.335 -2.687  -1.033  1.00 29.52 ? 1145 HOH A O   1 
HETATM 610 O  O   . HOH F 5 .  ? -7.610  -0.526  -8.076  1.00 35.99 ? 1146 HOH A O   1 
HETATM 611 O  O   . HOH F 5 .  ? 0.877   -11.297 3.572   1.00 35.84 ? 1147 HOH A O   1 
HETATM 612 O  O   . HOH F 5 .  ? 3.280   -9.124  6.503   1.00 26.96 ? 1148 HOH A O   1 
HETATM 613 O  O   . HOH F 5 .  ? 5.678   -9.246  -2.637  1.00 26.56 ? 1149 HOH A O   1 
HETATM 614 O  O   . HOH F 5 .  ? -5.390  -4.474  -8.927  1.00 33.12 ? 1150 HOH A O   1 
HETATM 615 O  O   . HOH F 5 .  ? 2.970   -7.387  -18.852 1.00 37.37 ? 1151 HOH A O   1 
HETATM 616 O  O   . HOH F 5 .  ? -3.829  -5.011  -11.280 1.00 35.12 ? 1152 HOH A O   1 
HETATM 617 O  O   . HOH F 5 .  ? 5.597   -2.664  9.444   1.00 28.06 ? 1153 HOH A O   1 
HETATM 618 O  O   . HOH F 5 .  ? 1.223   -6.127  9.075   1.00 29.29 ? 1154 HOH A O   1 
HETATM 619 O  O   . HOH F 5 .  ? 3.883   -11.711 5.560   1.00 31.40 ? 1155 HOH A O   1 
HETATM 620 O  O   . HOH F 5 .  ? -1.218  -7.378  8.891   1.00 31.53 ? 1156 HOH A O   1 
HETATM 621 O  O   . HOH F 5 .  ? -6.043  -2.614  12.336  1.00 33.12 ? 1157 HOH A O   1 
HETATM 622 O  O   . HOH F 5 .  ? -0.038  -10.425 -2.256  1.00 33.91 ? 1158 HOH A O   1 
HETATM 623 O  O   . HOH F 5 .  ? 7.867   -1.969  7.962   1.00 30.34 ? 1159 HOH A O   1 
HETATM 624 O  O   . HOH F 5 .  ? 5.844   -1.462  11.538  1.00 34.63 ? 1160 HOH A O   1 
HETATM 625 O  O   . HOH F 5 .  ? -9.492  -4.216  -7.692  1.00 40.55 ? 1161 HOH A O   1 
HETATM 626 O  O   . HOH F 5 .  ? 3.044   -8.361  9.096   0.50 28.92 ? 1162 HOH A O   1 
HETATM 627 O  O   . HOH G 5 .  ? 4.527   4.326   10.941  1.00 30.23 ? 101  HOH P O   1 
HETATM 628 O  O   . HOH G 5 .  ? 9.219   6.858   -0.906  1.00 34.27 ? 102  HOH P O   1 
HETATM 629 O  O   . HOH G 5 .  ? 3.549   9.609   -0.930  1.00 35.03 ? 103  HOH P O   1 
HETATM 630 O  O   . HOH G 5 .  ? 6.859   8.954   -0.934  1.00 30.50 ? 104  HOH P O   1 
HETATM 631 O  O   . HOH G 5 .  ? 8.489   11.764  10.214  1.00 40.74 ? 105  HOH P O   1 
HETATM 632 O  O   . HOH G 5 .  ? 1.162   9.964   -1.585  1.00 36.59 ? 106  HOH P O   1 
# 
